data_8EEQ
#
_entry.id   8EEQ
#
_entity_poly.entity_id   1
_entity_poly.type   'polypeptide(L)'
_entity_poly.pdbx_seq_one_letter_code
;MGDPEEYEDQLEETLEQKEYEDHDSVSIPMEEAEGDTIQEEEAEARVNQLTDTDYHTTSQHPETHKVCVQLRELVMDEKN
QEIQWMETARWVGLEENLGKDGIWGRPHLPYLNFWSLLELQKAFAKGTVLLDLPGKSLAEVANQLLDRFTFEGQIQPDDQ
DNLLRVLLLKHSHASDMEALGGVKPVVVTHSGDPSEPLLPQHPSLETELFCEQGEGSTRGHAPEILGKSPQDWEATLVLV
GCARFLKRPVLGFVRLKEPMEPEPKPEGSEEPAVPVRFLIVLLGPEGPNINYTQLGRAAATLMSERVFWNDAYLAQSKET
LVQSLEGFLDCSLVLPPLDAPSEKALLSLVPVQKELLRRRYLPSPAKPDPSIFKDLDVKKGPGDTPEDPLQRTGKLFGGL
VRDIRRRYPRYLSDITDALSPQVLSAIIFIYFAALTPAITFGGLLGDKTENMIGVSELLLSTALQGIIFSLLGAQPLLVL
GFSGPLLVFEEAFYSFCQTNNLEYIVGRVWIGFWLILLVVLVVAFEGSFLVRFISRYTQEIFSFLISLIFIYETFYKLVT
IFQDHPLQKNYDHDVLTTPKPQAALPNTALLSLVLMAGTFFLAMMLRKFKNSSYFPGKLRRIIGDFGVPISILIMVMVDA
LIQDTYTQKLSVPEGLSVSNPTERDWLIHPLGIRVEFPIWMMFASALPALLVFILIFLESQITTLIISKPERKMVKGSGF
HLDLLLIIGMGGVGAIFGMPWLSATTVRTVTHANALTVMSKDSTPGAVSQIQGVKEQRISGLLVAVLVGVSILMGPVLRH
IPLAVLFGIFLYMGVTSLSGIQLFDRVLLLLKPRKYYPEVPYARRVKTWRMHLFTITQIVCLVVLWVVRSIKQISLALPF
ILILTVPLRRFLLPFIFRDMELKLLDADDVKLNLDEQNGQDEYDEVAMPV
;
_entity_poly.pdbx_strand_id   A,C,B,D
#
# COMPACT_ATOMS: atom_id res chain seq x y z
N SER A 420 -24.40 -0.60 -32.95
CA SER A 420 -22.96 -0.49 -33.01
C SER A 420 -22.30 -1.45 -32.02
N PRO A 421 -21.04 -1.82 -32.26
CA PRO A 421 -20.38 -2.77 -31.36
C PRO A 421 -20.37 -2.31 -29.91
N GLN A 422 -20.24 -1.01 -29.67
CA GLN A 422 -20.33 -0.51 -28.30
C GLN A 422 -21.67 -0.86 -27.68
N VAL A 423 -22.75 -0.62 -28.42
CA VAL A 423 -24.08 -0.99 -27.95
C VAL A 423 -24.18 -2.51 -27.80
N LEU A 424 -23.60 -3.24 -28.75
CA LEU A 424 -23.62 -4.70 -28.67
C LEU A 424 -23.02 -5.22 -27.36
N SER A 425 -21.89 -4.65 -26.95
CA SER A 425 -21.25 -5.08 -25.71
C SER A 425 -22.03 -4.57 -24.49
N ALA A 426 -22.49 -3.32 -24.54
CA ALA A 426 -23.16 -2.73 -23.38
C ALA A 426 -24.46 -3.45 -23.08
N ILE A 427 -25.21 -3.83 -24.11
CA ILE A 427 -26.51 -4.47 -23.88
C ILE A 427 -26.32 -5.80 -23.18
N ILE A 428 -25.36 -6.60 -23.65
CA ILE A 428 -25.09 -7.89 -23.02
C ILE A 428 -24.55 -7.71 -21.61
N PHE A 429 -23.66 -6.72 -21.41
CA PHE A 429 -23.10 -6.49 -20.08
C PHE A 429 -24.21 -6.13 -19.09
N ILE A 430 -25.10 -5.22 -19.48
CA ILE A 430 -26.17 -4.81 -18.58
C ILE A 430 -27.16 -5.95 -18.38
N TYR A 431 -27.41 -6.76 -19.42
CA TYR A 431 -28.28 -7.91 -19.25
C TYR A 431 -27.71 -8.87 -18.21
N PHE A 432 -26.42 -9.17 -18.29
CA PHE A 432 -25.80 -10.01 -17.28
C PHE A 432 -25.89 -9.39 -15.89
N ALA A 433 -25.59 -8.09 -15.79
CA ALA A 433 -25.61 -7.44 -14.49
C ALA A 433 -27.00 -7.49 -13.87
N ALA A 434 -28.05 -7.36 -14.70
CA ALA A 434 -29.41 -7.38 -14.19
C ALA A 434 -29.89 -8.80 -13.88
N LEU A 435 -29.47 -9.78 -14.69
CA LEU A 435 -29.96 -11.14 -14.49
C LEU A 435 -29.29 -11.80 -13.29
N THR A 436 -28.02 -11.51 -13.05
CA THR A 436 -27.30 -12.19 -11.98
C THR A 436 -27.98 -12.03 -10.62
N PRO A 437 -28.32 -10.83 -10.16
CA PRO A 437 -28.99 -10.72 -8.86
C PRO A 437 -30.41 -11.27 -8.87
N ALA A 438 -31.08 -11.25 -10.02
CA ALA A 438 -32.45 -11.72 -10.08
C ALA A 438 -32.53 -13.20 -9.76
N ILE A 439 -31.57 -13.98 -10.22
CA ILE A 439 -31.58 -15.42 -9.97
C ILE A 439 -31.49 -15.68 -8.47
N THR A 440 -30.57 -15.00 -7.80
CA THR A 440 -30.41 -15.21 -6.36
C THR A 440 -31.63 -14.74 -5.61
N PHE A 441 -32.20 -13.60 -6.02
CA PHE A 441 -33.40 -13.11 -5.34
C PHE A 441 -34.56 -14.10 -5.48
N GLY A 442 -34.75 -14.64 -6.69
CA GLY A 442 -35.80 -15.61 -6.89
C GLY A 442 -35.58 -16.89 -6.11
N GLY A 443 -34.31 -17.34 -6.05
CA GLY A 443 -34.01 -18.51 -5.25
C GLY A 443 -34.32 -18.27 -3.78
N LEU A 444 -33.96 -17.10 -3.27
CA LEU A 444 -34.28 -16.78 -1.88
C LEU A 444 -35.78 -16.74 -1.66
N LEU A 445 -36.53 -16.15 -2.60
CA LEU A 445 -37.98 -16.09 -2.44
C LEU A 445 -38.59 -17.49 -2.43
N GLY A 446 -38.13 -18.36 -3.32
CA GLY A 446 -38.57 -19.74 -3.29
C GLY A 446 -38.20 -20.44 -1.99
N ASP A 447 -37.04 -20.11 -1.43
CA ASP A 447 -36.64 -20.69 -0.15
C ASP A 447 -37.55 -20.25 1.00
N LYS A 448 -37.75 -18.95 1.16
CA LYS A 448 -38.57 -18.46 2.26
C LYS A 448 -40.01 -18.90 2.10
N THR A 449 -40.59 -18.67 0.92
CA THR A 449 -41.91 -19.20 0.63
C THR A 449 -41.85 -20.70 0.46
N GLU A 450 -42.98 -21.36 0.68
CA GLU A 450 -43.03 -22.78 0.36
C GLU A 450 -42.75 -23.01 -1.12
N ASN A 451 -43.68 -22.58 -2.00
CA ASN A 451 -43.33 -22.35 -3.39
C ASN A 451 -44.10 -21.18 -3.99
N MET A 452 -44.73 -20.34 -3.16
CA MET A 452 -45.66 -19.34 -3.67
C MET A 452 -44.99 -18.44 -4.69
N ILE A 453 -43.81 -17.91 -4.36
CA ILE A 453 -43.09 -16.99 -5.24
C ILE A 453 -41.69 -17.54 -5.47
N GLY A 454 -41.27 -17.58 -6.73
CA GLY A 454 -39.94 -17.98 -7.11
C GLY A 454 -39.23 -16.87 -7.86
N VAL A 455 -38.59 -17.24 -8.96
CA VAL A 455 -37.82 -16.37 -9.86
C VAL A 455 -38.67 -15.87 -11.01
N SER A 456 -39.37 -16.79 -11.70
CA SER A 456 -40.12 -16.54 -12.91
C SER A 456 -41.13 -15.42 -12.74
N GLU A 457 -41.89 -15.44 -11.64
CA GLU A 457 -42.88 -14.40 -11.41
C GLU A 457 -42.22 -13.03 -11.29
N LEU A 458 -41.21 -12.92 -10.43
CA LEU A 458 -40.50 -11.66 -10.31
C LEU A 458 -39.79 -11.31 -11.61
N LEU A 459 -39.32 -12.31 -12.36
CA LEU A 459 -38.64 -12.16 -13.63
C LEU A 459 -39.54 -11.47 -14.64
N LEU A 460 -40.78 -11.92 -14.76
CA LEU A 460 -41.83 -11.32 -15.56
C LEU A 460 -42.18 -9.92 -15.06
N SER A 461 -42.26 -9.76 -13.75
CA SER A 461 -42.56 -8.45 -13.18
C SER A 461 -41.53 -7.43 -13.63
N THR A 462 -40.25 -7.76 -13.50
CA THR A 462 -39.20 -6.84 -13.92
C THR A 462 -39.13 -6.73 -15.44
N ALA A 463 -39.47 -7.80 -16.17
CA ALA A 463 -39.51 -7.87 -17.62
C ALA A 463 -40.45 -6.80 -18.17
N LEU A 464 -41.68 -6.74 -17.66
CA LEU A 464 -42.69 -5.74 -17.99
C LEU A 464 -42.32 -4.38 -17.41
N GLN A 465 -41.71 -4.36 -16.22
CA GLN A 465 -41.32 -3.09 -15.61
C GLN A 465 -40.33 -2.33 -16.48
N GLY A 466 -39.35 -3.03 -17.04
CA GLY A 466 -38.31 -2.35 -17.79
C GLY A 466 -38.86 -1.60 -18.98
N ILE A 467 -39.71 -2.26 -19.77
CA ILE A 467 -40.35 -1.72 -20.97
C ILE A 467 -41.34 -0.62 -20.62
N ILE A 468 -42.16 -0.82 -19.56
CA ILE A 468 -43.11 0.22 -19.23
C ILE A 468 -42.38 1.48 -18.74
N PHE A 469 -41.27 1.32 -18.03
CA PHE A 469 -40.52 2.49 -17.58
C PHE A 469 -39.74 3.16 -18.70
N SER A 470 -39.16 2.37 -19.61
CA SER A 470 -38.35 2.96 -20.67
C SER A 470 -39.17 3.89 -21.55
N LEU A 471 -40.40 3.50 -21.88
CA LEU A 471 -41.35 4.25 -22.70
C LEU A 471 -41.72 5.57 -22.03
N LEU A 472 -41.94 5.53 -20.72
CA LEU A 472 -42.28 6.72 -19.94
C LEU A 472 -41.29 6.82 -18.78
N GLY A 473 -40.31 7.71 -18.91
CA GLY A 473 -39.33 7.92 -17.87
C GLY A 473 -38.49 9.15 -18.12
N ALA A 474 -38.31 9.97 -17.09
CA ALA A 474 -37.45 11.14 -17.22
C ALA A 474 -36.00 10.73 -17.48
N GLN A 475 -35.57 9.61 -16.91
CA GLN A 475 -34.23 9.06 -17.11
C GLN A 475 -34.37 7.61 -17.55
N PRO A 476 -34.63 7.37 -18.84
CA PRO A 476 -34.75 5.98 -19.31
C PRO A 476 -33.51 5.11 -19.14
N LEU A 477 -32.33 5.70 -18.99
CA LEU A 477 -31.11 4.93 -18.80
C LEU A 477 -31.10 4.18 -17.47
N LEU A 478 -31.91 4.58 -16.51
CA LEU A 478 -31.89 3.95 -15.20
C LEU A 478 -32.42 2.52 -15.29
N VAL A 479 -32.07 1.73 -14.28
CA VAL A 479 -32.48 0.34 -14.18
C VAL A 479 -33.34 0.12 -12.94
N LEU A 480 -34.40 -0.66 -13.09
CA LEU A 480 -35.31 -0.99 -11.99
C LEU A 480 -35.11 -2.45 -11.66
N GLY A 481 -34.17 -2.73 -10.76
CA GLY A 481 -33.89 -4.05 -10.28
C GLY A 481 -34.63 -4.37 -9.00
N PHE A 482 -34.02 -5.21 -8.18
CA PHE A 482 -34.57 -5.58 -6.89
C PHE A 482 -33.49 -5.45 -5.82
N SER A 483 -33.90 -5.03 -4.63
CA SER A 483 -33.00 -4.79 -3.53
C SER A 483 -33.37 -5.69 -2.35
N GLY A 484 -32.36 -6.04 -1.55
CA GLY A 484 -32.55 -6.94 -0.43
C GLY A 484 -33.57 -6.49 0.59
N PRO A 485 -33.59 -5.21 0.97
CA PRO A 485 -34.58 -4.77 1.97
C PRO A 485 -36.01 -5.07 1.56
N LEU A 486 -36.32 -5.03 0.27
CA LEU A 486 -37.63 -5.47 -0.18
C LEU A 486 -37.88 -6.90 0.24
N LEU A 487 -36.88 -7.77 0.03
CA LEU A 487 -37.01 -9.16 0.43
C LEU A 487 -37.15 -9.30 1.93
N VAL A 488 -36.43 -8.46 2.68
CA VAL A 488 -36.51 -8.50 4.14
C VAL A 488 -37.92 -8.19 4.59
N PHE A 489 -38.51 -7.12 4.05
CA PHE A 489 -39.88 -6.76 4.41
C PHE A 489 -40.85 -7.86 3.99
N GLU A 490 -40.65 -8.43 2.80
CA GLU A 490 -41.55 -9.48 2.34
C GLU A 490 -41.48 -10.71 3.24
N GLU A 491 -40.28 -11.09 3.67
CA GLU A 491 -40.16 -12.26 4.55
C GLU A 491 -40.68 -11.95 5.94
N ALA A 492 -40.55 -10.71 6.40
CA ALA A 492 -41.18 -10.33 7.66
C ALA A 492 -42.69 -10.44 7.57
N PHE A 493 -43.27 -10.00 6.44
CA PHE A 493 -44.70 -10.15 6.25
C PHE A 493 -45.10 -11.62 6.17
N TYR A 494 -44.26 -12.43 5.52
CA TYR A 494 -44.53 -13.87 5.47
C TYR A 494 -44.52 -14.47 6.87
N SER A 495 -43.56 -14.07 7.69
CA SER A 495 -43.54 -14.54 9.08
C SER A 495 -44.78 -14.12 9.84
N PHE A 496 -45.20 -12.86 9.68
CA PHE A 496 -46.39 -12.39 10.38
C PHE A 496 -47.63 -13.17 9.93
N CYS A 497 -47.75 -13.39 8.62
CA CYS A 497 -48.86 -14.19 8.11
C CYS A 497 -48.77 -15.64 8.57
N GLN A 498 -47.58 -16.12 8.89
CA GLN A 498 -47.44 -17.43 9.51
C GLN A 498 -47.84 -17.42 10.98
N THR A 499 -47.72 -16.26 11.63
CA THR A 499 -48.15 -16.16 13.03
C THR A 499 -49.64 -16.45 13.18
N ASN A 500 -50.46 -15.94 12.28
CA ASN A 500 -51.90 -16.14 12.30
C ASN A 500 -52.41 -16.63 10.95
N ASN A 501 -53.54 -17.34 10.96
CA ASN A 501 -54.06 -17.90 9.74
C ASN A 501 -54.49 -16.78 8.79
N LEU A 502 -53.69 -16.53 7.75
CA LEU A 502 -53.95 -15.45 6.82
C LEU A 502 -53.51 -15.88 5.42
N GLU A 503 -54.07 -15.20 4.42
CA GLU A 503 -53.64 -15.35 3.04
C GLU A 503 -52.61 -14.28 2.69
N TYR A 504 -51.38 -14.72 2.41
CA TYR A 504 -50.22 -13.88 2.11
C TYR A 504 -50.45 -13.06 0.85
N ILE A 505 -50.83 -13.73 -0.24
CA ILE A 505 -50.92 -13.16 -1.59
C ILE A 505 -52.03 -12.13 -1.67
N VAL A 506 -53.23 -12.48 -1.19
CA VAL A 506 -54.42 -11.63 -1.16
C VAL A 506 -54.17 -10.42 -0.27
N GLY A 507 -53.55 -10.63 0.89
CA GLY A 507 -53.13 -9.57 1.79
C GLY A 507 -52.19 -8.60 1.10
N ARG A 508 -51.23 -9.11 0.32
CA ARG A 508 -50.28 -8.36 -0.47
C ARG A 508 -50.97 -7.54 -1.55
N VAL A 509 -51.98 -8.13 -2.20
CA VAL A 509 -52.82 -7.50 -3.22
C VAL A 509 -53.58 -6.32 -2.64
N TRP A 510 -54.16 -6.50 -1.45
CA TRP A 510 -54.81 -5.45 -0.67
C TRP A 510 -53.83 -4.36 -0.28
N ILE A 511 -52.62 -4.75 0.10
CA ILE A 511 -51.56 -3.77 0.34
C ILE A 511 -51.29 -2.95 -0.91
N GLY A 512 -51.27 -3.61 -2.07
CA GLY A 512 -51.11 -2.97 -3.36
C GLY A 512 -52.21 -1.96 -3.65
N PHE A 513 -53.46 -2.33 -3.37
CA PHE A 513 -54.63 -1.46 -3.43
C PHE A 513 -54.44 -0.23 -2.55
N TRP A 514 -53.96 -0.44 -1.33
CA TRP A 514 -53.66 0.68 -0.45
C TRP A 514 -52.60 1.58 -1.07
N LEU A 515 -51.55 0.98 -1.65
CA LEU A 515 -50.53 1.75 -2.34
C LEU A 515 -51.14 2.64 -3.41
N ILE A 516 -51.97 2.07 -4.27
CA ILE A 516 -52.56 2.70 -5.44
C ILE A 516 -53.48 3.85 -5.01
N LEU A 517 -54.27 3.63 -3.96
CA LEU A 517 -55.09 4.72 -3.45
C LEU A 517 -54.24 5.78 -2.74
N LEU A 518 -53.06 5.39 -2.26
CA LEU A 518 -52.16 6.36 -1.64
C LEU A 518 -51.51 7.27 -2.67
N VAL A 519 -51.22 6.73 -3.85
CA VAL A 519 -50.46 7.37 -4.91
C VAL A 519 -51.07 8.72 -5.28
N VAL A 520 -52.39 8.77 -5.44
CA VAL A 520 -53.18 9.94 -5.82
C VAL A 520 -53.01 11.05 -4.80
N LEU A 521 -52.80 10.70 -3.52
CA LEU A 521 -52.61 11.72 -2.50
C LEU A 521 -51.40 12.59 -2.78
N VAL A 522 -50.33 11.99 -3.32
CA VAL A 522 -49.07 12.62 -3.71
C VAL A 522 -49.12 13.17 -5.13
N VAL A 523 -49.89 12.56 -6.02
CA VAL A 523 -50.14 13.03 -7.38
C VAL A 523 -50.85 14.38 -7.34
N ALA A 524 -51.85 14.52 -6.47
CA ALA A 524 -52.53 15.80 -6.33
C ALA A 524 -51.57 16.88 -5.87
N PHE A 525 -50.71 16.55 -4.91
CA PHE A 525 -49.69 17.48 -4.42
C PHE A 525 -48.46 16.69 -4.05
N GLU A 526 -47.32 17.11 -4.58
CA GLU A 526 -46.06 16.43 -4.30
C GLU A 526 -45.83 16.19 -2.82
N GLY A 527 -45.11 15.12 -2.52
CA GLY A 527 -44.76 14.78 -1.15
C GLY A 527 -43.30 14.39 -1.04
N SER A 528 -42.46 14.97 -1.91
CA SER A 528 -41.04 14.66 -1.96
C SER A 528 -40.22 15.54 -1.03
N PHE A 529 -40.85 16.33 -0.17
CA PHE A 529 -40.23 17.29 0.73
C PHE A 529 -39.15 16.63 1.58
N LEU A 530 -39.38 15.40 2.02
CA LEU A 530 -38.51 14.57 2.85
C LEU A 530 -37.17 14.31 2.18
N VAL A 531 -37.09 14.47 0.85
CA VAL A 531 -35.87 14.39 0.06
C VAL A 531 -34.87 15.45 0.52
N ARG A 532 -35.37 16.58 1.03
CA ARG A 532 -34.72 17.73 1.64
C ARG A 532 -34.34 17.47 3.10
N PHE A 533 -34.81 16.38 3.69
CA PHE A 533 -34.64 15.89 5.06
C PHE A 533 -34.11 14.47 5.10
N ILE A 534 -33.19 14.13 4.19
CA ILE A 534 -32.46 12.88 4.25
C ILE A 534 -31.02 13.18 4.64
N SER A 535 -30.41 12.26 5.39
CA SER A 535 -29.07 12.47 5.92
C SER A 535 -28.21 11.24 5.66
N ARG A 536 -26.91 11.48 5.52
CA ARG A 536 -25.97 10.38 5.32
C ARG A 536 -25.95 9.45 6.53
N TYR A 537 -25.97 10.02 7.73
CA TYR A 537 -25.87 9.21 8.93
C TYR A 537 -26.94 8.14 9.00
N THR A 538 -28.11 8.41 8.41
CA THR A 538 -29.22 7.46 8.48
C THR A 538 -29.06 6.36 7.44
N GLN A 539 -28.91 6.75 6.17
CA GLN A 539 -28.82 5.78 5.09
C GLN A 539 -27.57 4.90 5.20
N GLU A 540 -26.44 5.46 5.65
CA GLU A 540 -25.25 4.64 5.82
C GLU A 540 -25.47 3.51 6.82
N ILE A 541 -25.98 3.84 8.01
CA ILE A 541 -26.22 2.80 9.01
C ILE A 541 -27.33 1.86 8.55
N PHE A 542 -28.31 2.36 7.81
CA PHE A 542 -29.33 1.48 7.24
C PHE A 542 -28.70 0.44 6.33
N SER A 543 -27.81 0.87 5.45
CA SER A 543 -27.14 -0.05 4.55
C SER A 543 -26.28 -1.05 5.32
N PHE A 544 -25.60 -0.57 6.37
CA PHE A 544 -24.79 -1.47 7.19
C PHE A 544 -25.67 -2.54 7.83
N LEU A 545 -26.82 -2.13 8.35
CA LEU A 545 -27.74 -3.08 8.97
C LEU A 545 -28.25 -4.09 7.94
N ILE A 546 -28.54 -3.61 6.72
CA ILE A 546 -29.00 -4.52 5.68
C ILE A 546 -27.93 -5.57 5.37
N SER A 547 -26.67 -5.13 5.29
CA SER A 547 -25.58 -6.07 5.05
C SER A 547 -25.46 -7.07 6.20
N LEU A 548 -25.59 -6.59 7.43
CA LEU A 548 -25.51 -7.48 8.58
C LEU A 548 -26.60 -8.54 8.51
N ILE A 549 -27.81 -8.13 8.12
CA ILE A 549 -28.92 -9.08 8.03
C ILE A 549 -28.65 -10.09 6.92
N PHE A 550 -28.08 -9.63 5.81
CA PHE A 550 -27.67 -10.56 4.76
C PHE A 550 -26.77 -11.65 5.32
N ILE A 551 -25.72 -11.22 6.03
CA ILE A 551 -24.76 -12.18 6.56
C ILE A 551 -25.43 -13.11 7.57
N TYR A 552 -26.30 -12.56 8.42
CA TYR A 552 -26.95 -13.38 9.42
C TYR A 552 -27.83 -14.44 8.77
N GLU A 553 -28.56 -14.07 7.72
CA GLU A 553 -29.38 -15.06 7.02
C GLU A 553 -28.51 -16.14 6.40
N THR A 554 -27.41 -15.73 5.77
CA THR A 554 -26.51 -16.71 5.16
C THR A 554 -25.99 -17.68 6.21
N PHE A 555 -25.66 -17.18 7.40
CA PHE A 555 -25.15 -18.05 8.44
C PHE A 555 -26.26 -18.95 8.99
N TYR A 556 -27.45 -18.41 9.17
CA TYR A 556 -28.57 -19.21 9.65
C TYR A 556 -28.85 -20.37 8.72
N LYS A 557 -28.58 -20.19 7.42
CA LYS A 557 -28.76 -21.30 6.48
C LYS A 557 -27.89 -22.49 6.86
N LEU A 558 -26.67 -22.25 7.33
CA LEU A 558 -25.80 -23.36 7.73
C LEU A 558 -26.42 -24.12 8.90
N VAL A 559 -26.99 -23.40 9.86
CA VAL A 559 -27.68 -24.07 10.96
C VAL A 559 -28.83 -24.90 10.42
N THR A 560 -29.58 -24.35 9.47
CA THR A 560 -30.69 -25.09 8.88
C THR A 560 -30.20 -26.40 8.28
N ILE A 561 -29.12 -26.35 7.51
CA ILE A 561 -28.63 -27.55 6.84
C ILE A 561 -28.11 -28.55 7.87
N PHE A 562 -27.39 -28.07 8.89
CA PHE A 562 -26.87 -28.97 9.90
C PHE A 562 -28.00 -29.69 10.61
N GLN A 563 -29.06 -28.98 10.98
CA GLN A 563 -30.19 -29.63 11.64
C GLN A 563 -30.90 -30.59 10.70
N ASP A 564 -31.07 -30.19 9.44
CA ASP A 564 -31.72 -31.07 8.47
C ASP A 564 -30.88 -32.30 8.17
N HIS A 565 -29.56 -32.16 8.19
CA HIS A 565 -28.63 -33.23 7.87
C HIS A 565 -27.63 -33.38 9.01
N PRO A 566 -28.05 -33.98 10.13
CA PRO A 566 -27.12 -34.20 11.23
C PRO A 566 -25.97 -35.12 10.81
N LEU A 567 -24.81 -34.89 11.42
CA LEU A 567 -23.60 -35.62 11.04
C LEU A 567 -23.68 -37.04 11.58
N GLN A 568 -23.75 -38.01 10.67
CA GLN A 568 -23.85 -39.42 11.03
C GLN A 568 -22.87 -40.22 10.19
N LYS A 569 -22.97 -41.55 10.27
CA LYS A 569 -22.12 -42.44 9.51
C LYS A 569 -22.89 -43.52 8.77
N ASN A 570 -24.17 -43.71 9.09
CA ASN A 570 -24.97 -44.81 8.54
C ASN A 570 -26.03 -44.32 7.58
N TYR A 571 -26.87 -43.37 8.00
CA TYR A 571 -27.92 -42.84 7.14
C TYR A 571 -28.78 -43.97 6.59
N ASP A 572 -29.53 -43.72 5.51
CA ASP A 572 -30.43 -44.69 4.93
C ASP A 572 -30.17 -44.82 3.44
N HIS A 573 -30.70 -45.89 2.85
CA HIS A 573 -30.53 -46.19 1.44
C HIS A 573 -31.76 -45.82 0.62
N ASP A 574 -31.53 -45.30 -0.58
CA ASP A 574 -32.48 -44.99 -1.65
C ASP A 574 -33.68 -44.21 -1.11
N VAL A 575 -33.37 -43.06 -0.51
CA VAL A 575 -34.40 -42.15 0.01
C VAL A 575 -34.89 -41.28 -1.13
N LEU A 576 -36.20 -41.21 -1.30
CA LEU A 576 -36.78 -40.37 -2.34
C LEU A 576 -36.51 -38.90 -2.03
N THR A 577 -35.99 -38.18 -3.02
CA THR A 577 -35.63 -36.78 -2.84
C THR A 577 -36.08 -35.89 -3.99
N THR A 578 -36.88 -36.40 -4.93
CA THR A 578 -37.27 -35.61 -6.08
C THR A 578 -38.03 -34.34 -5.69
N PRO A 579 -39.12 -34.40 -4.92
CA PRO A 579 -39.78 -33.17 -4.48
C PRO A 579 -39.06 -32.51 -3.32
N LYS A 580 -38.57 -33.32 -2.39
CA LYS A 580 -37.88 -32.83 -1.20
C LYS A 580 -37.21 -34.01 -0.49
N PRO A 581 -35.99 -33.87 -0.01
CA PRO A 581 -35.34 -34.99 0.68
C PRO A 581 -36.15 -35.45 1.89
N GLN A 582 -36.57 -36.72 1.85
CA GLN A 582 -37.34 -37.28 2.96
C GLN A 582 -36.47 -37.57 4.18
N ALA A 583 -35.17 -37.75 3.99
CA ALA A 583 -34.27 -38.04 5.11
C ALA A 583 -32.90 -37.46 4.80
N ALA A 584 -32.17 -37.16 5.86
CA ALA A 584 -30.79 -36.69 5.71
C ALA A 584 -29.96 -37.72 4.95
N LEU A 585 -29.14 -37.25 4.03
CA LEU A 585 -28.30 -38.12 3.23
C LEU A 585 -26.85 -37.66 3.31
N PRO A 586 -25.90 -38.55 3.08
CA PRO A 586 -24.49 -38.15 3.11
C PRO A 586 -24.15 -37.24 1.95
N ASN A 587 -23.00 -36.57 2.07
CA ASN A 587 -22.37 -35.82 0.99
C ASN A 587 -23.03 -34.47 0.69
N THR A 588 -23.86 -33.98 1.59
CA THR A 588 -24.64 -32.77 1.31
C THR A 588 -24.49 -31.69 2.37
N ALA A 589 -24.41 -32.06 3.66
CA ALA A 589 -24.31 -31.06 4.71
C ALA A 589 -22.97 -30.34 4.69
N LEU A 590 -22.01 -30.85 3.91
CA LEU A 590 -20.67 -30.28 3.84
C LEU A 590 -20.25 -29.94 2.43
N LEU A 591 -20.65 -30.73 1.43
CA LEU A 591 -20.32 -30.42 0.06
C LEU A 591 -20.94 -29.09 -0.39
N SER A 592 -22.18 -28.83 0.02
CA SER A 592 -22.80 -27.55 -0.31
C SER A 592 -22.01 -26.40 0.32
N LEU A 593 -21.51 -26.61 1.53
CA LEU A 593 -20.64 -25.63 2.14
C LEU A 593 -19.42 -25.38 1.28
N VAL A 594 -18.82 -26.45 0.75
CA VAL A 594 -17.67 -26.30 -0.14
C VAL A 594 -18.05 -25.48 -1.36
N LEU A 595 -19.22 -25.78 -1.94
CA LEU A 595 -19.64 -25.07 -3.15
C LEU A 595 -19.78 -23.58 -2.88
N MET A 596 -20.51 -23.22 -1.84
CA MET A 596 -20.72 -21.80 -1.54
C MET A 596 -19.41 -21.12 -1.16
N ALA A 597 -18.55 -21.79 -0.40
CA ALA A 597 -17.27 -21.20 -0.04
C ALA A 597 -16.42 -20.96 -1.27
N GLY A 598 -16.41 -21.91 -2.21
CA GLY A 598 -15.67 -21.71 -3.44
C GLY A 598 -16.23 -20.56 -4.26
N THR A 599 -17.56 -20.45 -4.32
CA THR A 599 -18.16 -19.32 -5.01
C THR A 599 -17.68 -18.01 -4.43
N PHE A 600 -17.79 -17.86 -3.11
CA PHE A 600 -17.38 -16.61 -2.47
C PHE A 600 -15.89 -16.36 -2.68
N PHE A 601 -15.07 -17.41 -2.54
CA PHE A 601 -13.63 -17.26 -2.68
C PHE A 601 -13.26 -16.79 -4.07
N LEU A 602 -13.84 -17.42 -5.10
CA LEU A 602 -13.52 -17.04 -6.46
C LEU A 602 -14.04 -15.65 -6.78
N ALA A 603 -15.20 -15.29 -6.24
CA ALA A 603 -15.69 -13.92 -6.45
C ALA A 603 -14.73 -12.91 -5.87
N MET A 604 -14.23 -13.17 -4.65
CA MET A 604 -13.25 -12.27 -4.05
C MET A 604 -11.96 -12.22 -4.88
N MET A 605 -11.51 -13.37 -5.35
CA MET A 605 -10.28 -13.41 -6.15
C MET A 605 -10.45 -12.58 -7.42
N LEU A 606 -11.58 -12.74 -8.09
CA LEU A 606 -11.80 -12.01 -9.34
C LEU A 606 -11.98 -10.51 -9.09
N ARG A 607 -12.60 -10.16 -7.97
CA ARG A 607 -12.68 -8.74 -7.60
C ARG A 607 -11.31 -8.12 -7.39
N LYS A 608 -10.46 -8.79 -6.60
CA LYS A 608 -9.11 -8.29 -6.39
C LYS A 608 -8.33 -8.23 -7.70
N PHE A 609 -8.50 -9.25 -8.55
CA PHE A 609 -7.84 -9.26 -9.84
C PHE A 609 -8.29 -8.07 -10.69
N LYS A 610 -9.58 -7.79 -10.70
CA LYS A 610 -10.09 -6.63 -11.43
C LYS A 610 -9.44 -5.35 -10.91
N ASN A 611 -9.34 -5.22 -9.59
CA ASN A 611 -8.67 -4.06 -8.97
C ASN A 611 -7.15 -4.18 -8.92
N SER A 612 -6.57 -5.09 -9.70
CA SER A 612 -5.14 -5.36 -9.69
C SER A 612 -4.50 -4.86 -10.98
N SER A 613 -3.19 -5.11 -11.08
CA SER A 613 -2.40 -4.64 -12.21
C SER A 613 -2.19 -5.67 -13.32
N TYR A 614 -2.81 -6.85 -13.20
CA TYR A 614 -2.63 -7.90 -14.18
C TYR A 614 -3.26 -7.51 -15.52
N PHE A 615 -2.54 -7.79 -16.60
CA PHE A 615 -3.04 -7.57 -17.95
C PHE A 615 -3.26 -6.09 -18.23
N PRO A 616 -3.16 -5.65 -19.49
CA PRO A 616 -3.23 -4.20 -19.79
C PRO A 616 -4.66 -3.68 -19.74
N GLY A 617 -4.99 -2.96 -18.68
CA GLY A 617 -6.18 -2.13 -18.65
C GLY A 617 -7.45 -2.83 -19.09
N LYS A 618 -7.94 -2.43 -20.27
CA LYS A 618 -9.18 -2.99 -20.79
C LYS A 618 -9.19 -4.52 -20.74
N LEU A 619 -8.08 -5.16 -21.12
CA LEU A 619 -8.04 -6.62 -21.10
C LEU A 619 -8.38 -7.20 -19.74
N ARG A 620 -8.09 -6.46 -18.67
CA ARG A 620 -8.39 -6.91 -17.32
C ARG A 620 -9.79 -6.51 -16.89
N ARG A 621 -10.12 -5.22 -17.04
CA ARG A 621 -11.38 -4.72 -16.50
C ARG A 621 -12.58 -5.31 -17.26
N ILE A 622 -12.40 -5.69 -18.52
CA ILE A 622 -13.51 -6.28 -19.27
C ILE A 622 -14.02 -7.54 -18.59
N ILE A 623 -13.11 -8.41 -18.17
CA ILE A 623 -13.50 -9.62 -17.45
C ILE A 623 -13.78 -9.35 -15.97
N GLY A 624 -13.12 -8.35 -15.38
CA GLY A 624 -13.44 -7.98 -14.02
C GLY A 624 -14.89 -7.56 -13.86
N ASP A 625 -15.41 -6.82 -14.84
CA ASP A 625 -16.80 -6.39 -14.79
C ASP A 625 -17.77 -7.57 -14.86
N PHE A 626 -17.32 -8.72 -15.36
CA PHE A 626 -18.16 -9.90 -15.50
C PHE A 626 -17.77 -11.00 -14.52
N GLY A 627 -16.88 -10.68 -13.57
CA GLY A 627 -16.49 -11.64 -12.55
C GLY A 627 -17.68 -12.43 -12.01
N VAL A 628 -18.65 -11.73 -11.43
CA VAL A 628 -19.81 -12.43 -10.85
C VAL A 628 -20.56 -13.22 -11.92
N PRO A 629 -20.88 -12.66 -13.09
CA PRO A 629 -21.49 -13.48 -14.15
C PRO A 629 -20.68 -14.71 -14.50
N ILE A 630 -19.35 -14.62 -14.44
CA ILE A 630 -18.52 -15.75 -14.85
C ILE A 630 -18.17 -16.64 -13.66
N SER A 631 -17.97 -16.07 -12.48
CA SER A 631 -17.64 -16.88 -11.31
C SER A 631 -18.91 -17.46 -10.68
N ILE A 632 -19.78 -17.99 -11.53
CA ILE A 632 -20.92 -18.80 -11.11
C ILE A 632 -21.06 -20.07 -11.92
N LEU A 633 -20.44 -20.15 -13.09
CA LEU A 633 -20.62 -21.28 -13.98
C LEU A 633 -19.64 -22.40 -13.66
N ILE A 634 -18.50 -22.08 -13.05
CA ILE A 634 -17.52 -23.11 -12.73
C ILE A 634 -18.12 -24.11 -11.75
N MET A 635 -18.80 -23.59 -10.72
CA MET A 635 -19.42 -24.47 -9.73
C MET A 635 -20.56 -25.26 -10.36
N VAL A 636 -21.29 -24.67 -11.29
CA VAL A 636 -22.33 -25.40 -11.99
C VAL A 636 -21.74 -26.55 -12.79
N MET A 637 -20.61 -26.30 -13.46
CA MET A 637 -19.94 -27.37 -14.19
C MET A 637 -19.47 -28.45 -13.24
N VAL A 638 -18.93 -28.07 -12.09
CA VAL A 638 -18.49 -29.06 -11.11
C VAL A 638 -19.67 -29.91 -10.66
N ASP A 639 -20.81 -29.28 -10.38
CA ASP A 639 -22.00 -30.01 -9.98
C ASP A 639 -22.43 -30.96 -11.08
N ALA A 640 -22.38 -30.51 -12.35
CA ALA A 640 -22.72 -31.38 -13.46
C ALA A 640 -21.80 -32.59 -13.50
N LEU A 641 -20.50 -32.37 -13.29
CA LEU A 641 -19.55 -33.49 -13.26
C LEU A 641 -19.84 -34.43 -12.10
N ILE A 642 -20.37 -33.90 -11.01
CA ILE A 642 -20.73 -34.72 -9.85
C ILE A 642 -22.25 -34.76 -9.80
N GLN A 643 -22.83 -35.74 -10.48
CA GLN A 643 -24.28 -35.86 -10.58
C GLN A 643 -24.86 -36.93 -9.68
N ASP A 644 -24.02 -37.80 -9.11
CA ASP A 644 -24.33 -38.89 -8.20
C ASP A 644 -25.01 -38.40 -6.93
N THR A 645 -24.55 -37.29 -6.35
CA THR A 645 -25.10 -36.76 -5.11
C THR A 645 -26.11 -35.68 -5.43
N TYR A 646 -27.29 -35.79 -4.81
CA TYR A 646 -28.30 -34.76 -4.96
C TYR A 646 -27.87 -33.47 -4.25
N THR A 647 -28.23 -32.34 -4.84
CA THR A 647 -28.06 -31.04 -4.22
C THR A 647 -29.36 -30.26 -4.41
N GLN A 648 -29.65 -29.38 -3.45
CA GLN A 648 -30.85 -28.57 -3.55
C GLN A 648 -30.71 -27.57 -4.69
N LYS A 649 -31.61 -27.67 -5.67
CA LYS A 649 -31.55 -26.85 -6.86
C LYS A 649 -32.86 -26.11 -7.09
N LEU A 650 -32.99 -25.48 -8.25
CA LEU A 650 -34.19 -24.72 -8.57
C LEU A 650 -35.31 -25.65 -9.01
N SER A 651 -36.50 -25.41 -8.45
CA SER A 651 -37.72 -26.12 -8.84
C SER A 651 -38.49 -25.19 -9.78
N VAL A 652 -38.08 -25.18 -11.04
CA VAL A 652 -38.61 -24.27 -12.04
C VAL A 652 -39.73 -24.98 -12.81
N PRO A 653 -40.96 -24.45 -12.83
CA PRO A 653 -41.98 -25.04 -13.70
C PRO A 653 -41.78 -24.83 -15.20
N GLU A 654 -42.72 -25.29 -16.01
CA GLU A 654 -42.62 -25.09 -17.45
C GLU A 654 -42.84 -23.62 -17.79
N GLY A 655 -42.50 -23.27 -19.03
CA GLY A 655 -42.63 -21.89 -19.46
C GLY A 655 -44.07 -21.42 -19.39
N LEU A 656 -44.24 -20.15 -19.02
CA LEU A 656 -45.58 -19.55 -18.88
C LEU A 656 -46.45 -20.39 -17.96
N SER A 657 -45.88 -20.86 -16.86
CA SER A 657 -46.62 -21.61 -15.84
C SER A 657 -46.20 -21.12 -14.46
N VAL A 658 -47.18 -20.96 -13.58
CA VAL A 658 -46.93 -20.43 -12.24
C VAL A 658 -46.25 -21.49 -11.39
N SER A 659 -45.41 -21.04 -10.46
CA SER A 659 -44.81 -21.94 -9.49
C SER A 659 -45.89 -22.47 -8.55
N ASN A 660 -46.04 -23.79 -8.51
CA ASN A 660 -47.12 -24.46 -7.78
C ASN A 660 -48.50 -23.95 -8.20
N PRO A 661 -48.95 -24.25 -9.41
CA PRO A 661 -50.25 -23.73 -9.85
C PRO A 661 -51.40 -24.16 -8.95
N THR A 662 -51.25 -25.25 -8.22
CA THR A 662 -52.28 -25.67 -7.27
C THR A 662 -52.42 -24.70 -6.11
N GLU A 663 -51.47 -23.77 -5.95
CA GLU A 663 -51.51 -22.79 -4.87
C GLU A 663 -51.77 -21.38 -5.36
N ARG A 664 -51.38 -21.05 -6.59
CA ARG A 664 -51.66 -19.73 -7.15
C ARG A 664 -51.68 -19.83 -8.67
N ASP A 665 -52.53 -19.00 -9.27
CA ASP A 665 -52.61 -18.87 -10.72
C ASP A 665 -52.41 -17.41 -11.10
N TRP A 666 -52.32 -17.15 -12.40
CA TRP A 666 -52.15 -15.78 -12.87
C TRP A 666 -53.34 -14.92 -12.43
N LEU A 667 -54.55 -15.45 -12.58
CA LEU A 667 -55.74 -14.78 -12.09
C LEU A 667 -55.95 -15.04 -10.61
N ILE A 668 -55.99 -13.97 -9.81
CA ILE A 668 -56.11 -14.05 -8.37
C ILE A 668 -57.43 -13.43 -7.92
N HIS A 669 -58.21 -14.18 -7.16
CA HIS A 669 -59.47 -13.80 -6.56
C HIS A 669 -59.20 -12.99 -5.29
N PRO A 670 -59.61 -11.72 -5.22
CA PRO A 670 -59.36 -10.95 -3.99
C PRO A 670 -60.07 -11.51 -2.78
N LEU A 671 -61.11 -12.31 -2.99
CA LEU A 671 -61.81 -12.98 -1.88
C LEU A 671 -61.12 -14.26 -1.46
N GLY A 672 -60.04 -14.65 -2.13
CA GLY A 672 -59.32 -15.86 -1.81
C GLY A 672 -59.59 -16.97 -2.81
N ILE A 673 -58.61 -17.83 -2.99
CA ILE A 673 -58.67 -18.95 -3.91
C ILE A 673 -58.99 -20.25 -3.19
N ARG A 674 -58.34 -20.47 -2.05
CA ARG A 674 -58.59 -21.64 -1.21
C ARG A 674 -59.21 -21.31 0.14
N VAL A 675 -58.89 -20.14 0.70
CA VAL A 675 -59.49 -19.67 1.93
C VAL A 675 -60.03 -18.25 1.75
N GLU A 676 -61.21 -17.99 2.31
CA GLU A 676 -61.88 -16.71 2.33
C GLU A 676 -61.08 -15.72 3.16
N PHE A 677 -60.58 -14.68 2.51
CA PHE A 677 -59.77 -13.70 3.22
C PHE A 677 -60.59 -13.00 4.29
N PRO A 678 -60.04 -12.79 5.48
CA PRO A 678 -60.80 -12.06 6.51
C PRO A 678 -61.21 -10.66 6.10
N ILE A 679 -62.46 -10.30 6.41
CA ILE A 679 -63.08 -9.03 6.08
C ILE A 679 -62.44 -7.90 6.88
N TRP A 680 -62.16 -8.14 8.17
CA TRP A 680 -61.56 -7.28 9.19
C TRP A 680 -60.09 -7.00 8.91
N MET A 681 -59.47 -7.70 7.97
CA MET A 681 -58.12 -7.59 7.42
C MET A 681 -58.09 -6.98 6.03
N MET A 682 -59.25 -6.77 5.40
CA MET A 682 -59.41 -6.13 4.11
C MET A 682 -58.98 -4.66 4.17
N PHE A 683 -59.50 -3.92 5.15
CA PHE A 683 -59.36 -2.51 5.47
C PHE A 683 -58.27 -2.23 6.50
N ALA A 684 -57.64 -3.27 7.05
CA ALA A 684 -56.57 -3.29 8.03
C ALA A 684 -55.20 -3.51 7.40
N SER A 685 -55.12 -3.58 6.08
CA SER A 685 -53.87 -3.81 5.37
C SER A 685 -53.15 -2.52 5.01
N ALA A 686 -53.66 -1.37 5.46
CA ALA A 686 -53.06 -0.09 5.08
C ALA A 686 -51.67 0.07 5.67
N LEU A 687 -51.49 -0.31 6.94
CA LEU A 687 -50.27 -0.10 7.73
C LEU A 687 -49.02 -0.62 7.04
N PRO A 688 -48.97 -1.86 6.55
CA PRO A 688 -47.75 -2.31 5.84
C PRO A 688 -47.45 -1.52 4.57
N ALA A 689 -48.48 -1.06 3.86
CA ALA A 689 -48.28 -0.39 2.58
C ALA A 689 -47.45 0.88 2.73
N LEU A 690 -47.74 1.68 3.76
CA LEU A 690 -47.00 2.92 3.94
C LEU A 690 -45.54 2.65 4.25
N LEU A 691 -45.25 1.57 4.98
CA LEU A 691 -43.90 1.11 5.31
C LEU A 691 -43.11 0.81 4.05
N VAL A 692 -43.69 -0.01 3.16
CA VAL A 692 -43.11 -0.39 1.88
C VAL A 692 -42.87 0.84 1.02
N PHE A 693 -43.86 1.75 0.99
CA PHE A 693 -43.80 3.02 0.29
C PHE A 693 -42.62 3.86 0.77
N ILE A 694 -42.48 3.97 2.09
CA ILE A 694 -41.37 4.74 2.65
C ILE A 694 -40.04 4.12 2.25
N LEU A 695 -39.95 2.79 2.29
CA LEU A 695 -38.76 2.03 1.96
C LEU A 695 -38.31 2.32 0.53
N ILE A 696 -39.20 2.17 -0.44
CA ILE A 696 -38.97 2.42 -1.86
C ILE A 696 -38.65 3.89 -2.08
N PHE A 697 -39.34 4.78 -1.38
CA PHE A 697 -39.08 6.21 -1.51
C PHE A 697 -37.65 6.53 -1.10
N LEU A 698 -37.21 6.01 0.04
CA LEU A 698 -35.86 6.31 0.51
C LEU A 698 -34.82 5.65 -0.38
N GLU A 699 -35.16 4.49 -0.96
CA GLU A 699 -34.31 3.75 -1.89
C GLU A 699 -34.08 4.55 -3.17
N SER A 700 -35.10 5.24 -3.66
CA SER A 700 -35.00 5.92 -4.95
C SER A 700 -33.91 6.99 -4.94
N GLN A 701 -33.95 7.89 -3.95
CA GLN A 701 -33.07 9.05 -3.98
C GLN A 701 -31.60 8.64 -3.97
N ILE A 702 -31.29 7.48 -3.39
CA ILE A 702 -29.91 7.02 -3.37
C ILE A 702 -29.41 6.80 -4.79
N THR A 703 -30.24 6.18 -5.63
CA THR A 703 -29.88 5.97 -7.02
C THR A 703 -29.99 7.26 -7.84
N THR A 704 -30.65 8.29 -7.31
CA THR A 704 -30.72 9.57 -8.02
C THR A 704 -29.46 10.41 -7.85
N LEU A 705 -28.48 9.95 -7.06
CA LEU A 705 -27.32 10.75 -6.72
C LEU A 705 -26.26 10.80 -7.81
N ILE A 706 -26.33 9.91 -8.81
CA ILE A 706 -25.26 9.82 -9.80
C ILE A 706 -25.09 11.13 -10.54
N ILE A 707 -26.18 11.87 -10.72
CA ILE A 707 -26.11 13.15 -11.44
C ILE A 707 -25.92 14.29 -10.44
N PHE A 720 -39.49 16.39 -10.26
CA PHE A 720 -39.14 14.97 -10.42
C PHE A 720 -40.02 13.96 -9.71
N HIS A 721 -41.22 14.41 -9.32
CA HIS A 721 -42.18 13.50 -8.69
C HIS A 721 -42.85 12.62 -9.72
N LEU A 722 -42.77 12.96 -11.01
CA LEU A 722 -43.37 12.14 -12.05
C LEU A 722 -42.81 10.72 -12.06
N ASP A 723 -41.48 10.58 -12.14
CA ASP A 723 -40.88 9.25 -12.16
C ASP A 723 -41.10 8.50 -10.85
N LEU A 724 -40.97 9.20 -9.72
CA LEU A 724 -41.17 8.54 -8.43
C LEU A 724 -42.58 7.97 -8.34
N LEU A 725 -43.58 8.77 -8.70
CA LEU A 725 -44.97 8.32 -8.63
C LEU A 725 -45.22 7.20 -9.63
N LEU A 726 -44.61 7.28 -10.82
CA LEU A 726 -44.70 6.17 -11.76
C LEU A 726 -44.16 4.87 -11.17
N ILE A 727 -43.01 4.95 -10.49
CA ILE A 727 -42.45 3.76 -9.86
C ILE A 727 -43.37 3.21 -8.77
N ILE A 728 -43.93 4.10 -7.95
CA ILE A 728 -44.82 3.64 -6.89
C ILE A 728 -46.05 2.95 -7.49
N GLY A 729 -46.63 3.57 -8.53
CA GLY A 729 -47.79 2.96 -9.17
C GLY A 729 -47.47 1.62 -9.78
N MET A 730 -46.32 1.51 -10.45
CA MET A 730 -45.91 0.23 -11.01
C MET A 730 -45.71 -0.84 -9.93
N GLY A 731 -45.10 -0.46 -8.81
CA GLY A 731 -44.96 -1.40 -7.72
C GLY A 731 -46.29 -1.86 -7.18
N GLY A 732 -47.25 -0.93 -7.05
CA GLY A 732 -48.58 -1.31 -6.62
C GLY A 732 -49.25 -2.26 -7.59
N VAL A 733 -49.09 -2.00 -8.89
CA VAL A 733 -49.70 -2.85 -9.90
C VAL A 733 -49.07 -4.24 -9.88
N GLY A 734 -47.77 -4.32 -9.62
CA GLY A 734 -47.07 -5.59 -9.71
C GLY A 734 -47.66 -6.67 -8.83
N ALA A 735 -48.35 -6.29 -7.76
CA ALA A 735 -48.95 -7.25 -6.85
C ALA A 735 -50.29 -7.79 -7.34
N ILE A 736 -50.80 -7.28 -8.46
CA ILE A 736 -52.13 -7.68 -8.91
C ILE A 736 -52.17 -9.17 -9.23
N PHE A 737 -51.22 -9.64 -10.04
CA PHE A 737 -51.17 -11.04 -10.43
C PHE A 737 -50.30 -11.91 -9.55
N GLY A 738 -49.72 -11.35 -8.49
CA GLY A 738 -48.91 -12.12 -7.58
C GLY A 738 -47.43 -12.12 -7.91
N MET A 739 -46.88 -10.94 -8.16
CA MET A 739 -45.44 -10.78 -8.32
C MET A 739 -44.86 -9.76 -7.35
N PRO A 740 -43.62 -9.95 -6.91
CA PRO A 740 -43.01 -8.97 -6.00
C PRO A 740 -42.69 -7.67 -6.73
N TRP A 741 -42.58 -6.60 -5.94
CA TRP A 741 -42.23 -5.30 -6.47
C TRP A 741 -40.72 -5.18 -6.66
N LEU A 742 -40.32 -4.27 -7.53
CA LEU A 742 -38.93 -4.05 -7.88
C LEU A 742 -38.43 -2.76 -7.24
N SER A 743 -37.19 -2.40 -7.55
CA SER A 743 -36.57 -1.20 -7.00
C SER A 743 -35.54 -0.68 -7.99
N ALA A 744 -35.14 0.57 -7.78
CA ALA A 744 -34.14 1.19 -8.64
C ALA A 744 -32.77 0.53 -8.52
N THR A 745 -31.99 0.63 -9.59
CA THR A 745 -30.65 0.07 -9.62
C THR A 745 -29.77 0.97 -10.50
N THR A 746 -28.55 0.52 -10.75
CA THR A 746 -27.55 1.35 -11.40
C THR A 746 -27.87 1.53 -12.88
N VAL A 747 -26.97 2.21 -13.59
CA VAL A 747 -27.12 2.46 -15.01
C VAL A 747 -27.22 1.15 -15.77
N LYS A 775 -33.69 9.08 -27.94
CA LYS A 775 -32.31 8.60 -27.91
C LYS A 775 -32.28 7.10 -27.60
N GLU A 776 -31.12 6.48 -27.78
CA GLU A 776 -30.95 5.05 -27.52
C GLU A 776 -31.11 4.65 -26.06
N GLN A 777 -31.40 5.59 -25.17
CA GLN A 777 -31.69 5.24 -23.78
C GLN A 777 -32.92 4.35 -23.71
N ARG A 778 -34.00 4.78 -24.38
CA ARG A 778 -35.23 3.99 -24.40
C ARG A 778 -34.98 2.63 -25.03
N ILE A 779 -34.20 2.58 -26.10
CA ILE A 779 -33.86 1.30 -26.73
C ILE A 779 -33.08 0.40 -25.78
N SER A 780 -32.17 0.98 -24.98
CA SER A 780 -31.43 0.18 -24.03
C SER A 780 -32.36 -0.49 -23.02
N GLY A 781 -33.25 0.30 -22.41
CA GLY A 781 -34.20 -0.27 -21.48
C GLY A 781 -35.08 -1.32 -22.15
N LEU A 782 -35.56 -1.02 -23.36
CA LEU A 782 -36.32 -1.99 -24.14
C LEU A 782 -35.58 -3.32 -24.27
N LEU A 783 -34.31 -3.26 -24.67
CA LEU A 783 -33.55 -4.48 -24.92
C LEU A 783 -33.33 -5.29 -23.65
N VAL A 784 -32.93 -4.63 -22.55
CA VAL A 784 -32.70 -5.40 -21.34
C VAL A 784 -34.01 -6.00 -20.83
N ALA A 785 -35.10 -5.24 -20.92
CA ALA A 785 -36.39 -5.77 -20.46
C ALA A 785 -36.82 -6.98 -21.28
N VAL A 786 -36.69 -6.90 -22.61
CA VAL A 786 -37.07 -8.03 -23.45
C VAL A 786 -36.17 -9.23 -23.22
N LEU A 787 -34.87 -9.01 -23.02
CA LEU A 787 -33.98 -10.12 -22.70
C LEU A 787 -34.35 -10.78 -21.37
N VAL A 788 -34.72 -9.95 -20.39
CA VAL A 788 -35.18 -10.50 -19.12
C VAL A 788 -36.41 -11.37 -19.32
N GLY A 789 -37.36 -10.88 -20.11
CA GLY A 789 -38.54 -11.68 -20.41
C GLY A 789 -38.19 -12.98 -21.10
N VAL A 790 -37.25 -12.94 -22.04
CA VAL A 790 -36.81 -14.15 -22.73
C VAL A 790 -36.13 -15.13 -21.80
N SER A 791 -35.44 -14.63 -20.77
CA SER A 791 -34.66 -15.50 -19.90
C SER A 791 -35.52 -16.54 -19.19
N ILE A 792 -36.84 -16.32 -19.12
CA ILE A 792 -37.73 -17.26 -18.46
C ILE A 792 -37.69 -18.65 -19.06
N LEU A 793 -37.21 -18.78 -20.30
CA LEU A 793 -37.30 -20.02 -21.06
C LEU A 793 -36.25 -21.06 -20.71
N MET A 794 -35.25 -20.71 -19.89
CA MET A 794 -34.14 -21.62 -19.59
C MET A 794 -34.39 -22.46 -18.35
N GLY A 795 -35.65 -22.76 -18.04
CA GLY A 795 -35.98 -23.48 -16.84
C GLY A 795 -35.31 -24.84 -16.73
N PRO A 796 -35.37 -25.63 -17.79
CA PRO A 796 -34.77 -26.98 -17.71
C PRO A 796 -33.30 -26.96 -17.33
N VAL A 797 -32.49 -26.16 -18.02
CA VAL A 797 -31.08 -26.08 -17.68
C VAL A 797 -30.85 -25.41 -16.32
N LEU A 798 -31.65 -24.39 -16.00
CA LEU A 798 -31.47 -23.68 -14.73
C LEU A 798 -31.79 -24.57 -13.54
N ARG A 799 -32.66 -25.56 -13.70
CA ARG A 799 -32.98 -26.44 -12.58
C ARG A 799 -31.79 -27.27 -12.13
N HIS A 800 -30.73 -27.33 -12.93
CA HIS A 800 -29.50 -27.98 -12.52
C HIS A 800 -28.68 -27.14 -11.55
N ILE A 801 -29.04 -25.88 -11.34
CA ILE A 801 -28.26 -24.95 -10.54
C ILE A 801 -28.55 -25.18 -9.06
N PRO A 802 -27.54 -25.44 -8.23
CA PRO A 802 -27.79 -25.60 -6.80
C PRO A 802 -27.96 -24.27 -6.08
N LEU A 803 -28.51 -24.36 -4.88
CA LEU A 803 -28.83 -23.17 -4.10
C LEU A 803 -27.63 -22.61 -3.35
N ALA A 804 -26.66 -23.47 -3.00
CA ALA A 804 -25.48 -23.01 -2.28
C ALA A 804 -24.75 -21.94 -3.07
N VAL A 805 -24.73 -22.07 -4.40
CA VAL A 805 -24.08 -21.07 -5.23
C VAL A 805 -24.79 -19.72 -5.06
N LEU A 806 -26.12 -19.72 -5.08
CA LEU A 806 -26.85 -18.48 -4.90
C LEU A 806 -26.57 -17.88 -3.54
N PHE A 807 -26.52 -18.70 -2.50
CA PHE A 807 -26.25 -18.16 -1.17
C PHE A 807 -24.84 -17.57 -1.09
N GLY A 808 -23.86 -18.25 -1.69
CA GLY A 808 -22.51 -17.71 -1.70
C GLY A 808 -22.42 -16.39 -2.44
N ILE A 809 -23.10 -16.30 -3.58
CA ILE A 809 -23.08 -15.04 -4.34
C ILE A 809 -23.77 -13.94 -3.55
N PHE A 810 -24.87 -14.28 -2.87
CA PHE A 810 -25.56 -13.29 -2.05
C PHE A 810 -24.67 -12.80 -0.92
N LEU A 811 -23.95 -13.71 -0.27
CA LEU A 811 -23.03 -13.32 0.79
C LEU A 811 -21.93 -12.42 0.24
N TYR A 812 -21.38 -12.77 -0.92
CA TYR A 812 -20.34 -11.95 -1.52
C TYR A 812 -20.88 -10.56 -1.84
N MET A 813 -22.10 -10.48 -2.38
CA MET A 813 -22.69 -9.18 -2.69
C MET A 813 -22.86 -8.36 -1.41
N GLY A 814 -23.33 -9.00 -0.34
CA GLY A 814 -23.49 -8.27 0.91
C GLY A 814 -22.17 -7.76 1.44
N VAL A 815 -21.13 -8.58 1.39
CA VAL A 815 -19.82 -8.16 1.87
C VAL A 815 -19.29 -6.99 1.05
N THR A 816 -19.42 -7.09 -0.27
CA THR A 816 -18.94 -6.02 -1.13
C THR A 816 -19.69 -4.73 -0.89
N SER A 817 -21.01 -4.82 -0.70
CA SER A 817 -21.79 -3.64 -0.37
C SER A 817 -21.34 -3.04 0.95
N LEU A 818 -21.01 -3.90 1.92
CA LEU A 818 -20.48 -3.42 3.19
C LEU A 818 -19.16 -2.69 3.00
N SER A 819 -18.31 -3.20 2.11
CA SER A 819 -16.99 -2.61 1.91
C SER A 819 -17.08 -1.16 1.45
N GLY A 820 -18.18 -0.77 0.80
CA GLY A 820 -18.32 0.59 0.33
C GLY A 820 -18.75 1.60 1.36
N ILE A 821 -18.98 1.17 2.60
CA ILE A 821 -19.41 2.06 3.67
C ILE A 821 -18.21 2.58 4.46
N GLN A 822 -18.11 3.91 4.57
CA GLN A 822 -17.14 4.69 5.33
C GLN A 822 -17.41 4.62 6.83
N LEU A 823 -18.67 4.53 7.23
CA LEU A 823 -19.09 4.30 8.61
C LEU A 823 -18.42 3.05 9.15
N PHE A 824 -18.41 1.97 8.37
CA PHE A 824 -17.71 0.76 8.79
C PHE A 824 -16.22 1.00 8.95
N ASP A 825 -15.63 1.80 8.06
CA ASP A 825 -14.22 2.17 8.07
C ASP A 825 -13.85 2.82 9.41
N ARG A 826 -14.61 3.83 9.85
CA ARG A 826 -14.44 4.50 11.13
C ARG A 826 -14.78 3.58 12.30
N VAL A 827 -15.75 2.69 12.13
CA VAL A 827 -16.14 1.67 13.10
C VAL A 827 -14.94 0.79 13.45
N LEU A 828 -14.25 0.28 12.43
CA LEU A 828 -13.09 -0.60 12.55
C LEU A 828 -11.85 0.17 12.97
N LEU A 829 -11.75 1.45 12.59
CA LEU A 829 -10.72 2.38 13.03
C LEU A 829 -10.83 2.63 14.53
N LEU A 830 -12.04 2.56 15.08
CA LEU A 830 -12.19 2.71 16.52
C LEU A 830 -11.30 1.72 17.26
N LEU A 831 -11.30 0.46 16.84
CA LEU A 831 -10.40 -0.53 17.43
C LEU A 831 -8.94 -0.26 17.06
N LYS A 832 -8.70 0.32 15.90
CA LYS A 832 -7.34 0.58 15.48
C LYS A 832 -6.68 1.56 16.45
N PRO A 833 -5.40 1.37 16.79
CA PRO A 833 -4.74 2.29 17.73
C PRO A 833 -4.72 3.70 17.18
N ARG A 834 -4.76 4.67 18.10
CA ARG A 834 -4.74 6.09 17.74
C ARG A 834 -3.35 6.61 17.39
N LYS A 835 -2.63 5.89 16.54
CA LYS A 835 -1.32 6.31 16.07
C LYS A 835 -1.04 6.02 14.60
N TYR A 836 -2.00 5.45 13.86
CA TYR A 836 -1.79 5.10 12.46
C TYR A 836 -3.01 5.43 11.61
N TYR A 837 -3.92 6.26 12.10
CA TYR A 837 -5.14 6.53 11.36
C TYR A 837 -4.81 7.24 10.06
N PRO A 838 -5.33 6.75 8.92
CA PRO A 838 -5.08 7.44 7.66
C PRO A 838 -5.67 8.84 7.67
N GLU A 839 -5.00 9.76 6.97
CA GLU A 839 -5.44 11.14 6.92
C GLU A 839 -6.72 11.24 6.11
N VAL A 840 -7.83 11.44 6.81
CA VAL A 840 -9.13 11.71 6.20
C VAL A 840 -9.59 13.08 6.67
N PRO A 841 -10.12 13.95 5.80
CA PRO A 841 -10.46 15.31 6.22
C PRO A 841 -11.76 15.39 7.03
N TYR A 842 -11.98 14.39 7.89
CA TYR A 842 -13.01 14.48 8.91
C TYR A 842 -12.55 14.00 10.29
N ALA A 843 -11.36 13.40 10.41
CA ALA A 843 -10.86 12.90 11.67
C ALA A 843 -9.68 13.69 12.22
N ARG A 844 -8.79 14.17 11.36
CA ARG A 844 -7.64 14.95 11.82
C ARG A 844 -8.03 16.25 12.51
N ARG A 845 -9.23 16.77 12.23
CA ARG A 845 -9.72 18.01 12.80
C ARG A 845 -10.73 17.77 13.91
N VAL A 846 -10.95 16.52 14.30
CA VAL A 846 -11.91 16.16 15.33
C VAL A 846 -11.26 15.27 16.38
N LYS A 847 -11.61 15.49 17.64
CA LYS A 847 -11.13 14.62 18.70
C LYS A 847 -11.64 13.20 18.47
N THR A 848 -10.75 12.22 18.67
CA THR A 848 -11.08 10.84 18.35
C THR A 848 -12.25 10.34 19.20
N TRP A 849 -12.23 10.64 20.49
CA TRP A 849 -13.28 10.13 21.37
C TRP A 849 -14.65 10.66 20.98
N ARG A 850 -14.72 11.91 20.48
CA ARG A 850 -16.00 12.44 20.01
C ARG A 850 -16.55 11.60 18.86
N MET A 851 -15.70 11.28 17.88
CA MET A 851 -16.14 10.41 16.80
C MET A 851 -16.52 9.03 17.31
N HIS A 852 -15.84 8.55 18.35
CA HIS A 852 -16.21 7.29 18.97
C HIS A 852 -17.63 7.39 19.55
N LEU A 853 -17.97 8.53 20.14
CA LEU A 853 -19.32 8.72 20.66
C LEU A 853 -20.35 8.63 19.55
N PHE A 854 -20.07 9.29 18.42
CA PHE A 854 -20.97 9.19 17.27
C PHE A 854 -21.12 7.74 16.80
N THR A 855 -19.99 7.03 16.70
CA THR A 855 -20.03 5.63 16.30
C THR A 855 -20.85 4.78 17.25
N ILE A 856 -20.71 5.02 18.55
CA ILE A 856 -21.45 4.24 19.54
C ILE A 856 -22.93 4.54 19.45
N THR A 857 -23.29 5.80 19.18
CA THR A 857 -24.71 6.10 18.98
C THR A 857 -25.27 5.31 17.80
N GLN A 858 -24.56 5.36 16.67
CA GLN A 858 -24.98 4.55 15.53
C GLN A 858 -25.06 3.07 15.88
N ILE A 859 -24.10 2.58 16.67
CA ILE A 859 -24.03 1.16 16.99
C ILE A 859 -25.22 0.75 17.85
N VAL A 860 -25.57 1.56 18.84
CA VAL A 860 -26.69 1.22 19.70
C VAL A 860 -27.99 1.26 18.92
N CYS A 861 -28.13 2.24 18.01
CA CYS A 861 -29.31 2.23 17.14
C CYS A 861 -29.36 0.94 16.34
N LEU A 862 -28.23 0.52 15.77
CA LEU A 862 -28.20 -0.70 14.98
C LEU A 862 -28.53 -1.92 15.82
N VAL A 863 -28.03 -1.96 17.06
CA VAL A 863 -28.29 -3.10 17.93
C VAL A 863 -29.76 -3.18 18.27
N VAL A 864 -30.39 -2.03 18.53
CA VAL A 864 -31.82 -2.02 18.81
C VAL A 864 -32.59 -2.52 17.60
N LEU A 865 -32.19 -2.07 16.41
CA LEU A 865 -32.86 -2.55 15.19
C LEU A 865 -32.69 -4.05 15.05
N TRP A 866 -31.50 -4.56 15.33
CA TRP A 866 -31.25 -6.00 15.23
C TRP A 866 -32.11 -6.77 16.22
N VAL A 867 -32.25 -6.26 17.44
CA VAL A 867 -33.07 -6.91 18.44
C VAL A 867 -34.52 -6.95 17.99
N VAL A 868 -35.02 -5.82 17.47
CA VAL A 868 -36.40 -5.80 16.97
C VAL A 868 -36.55 -6.83 15.85
N ARG A 869 -35.53 -6.95 15.00
CA ARG A 869 -35.59 -7.93 13.93
C ARG A 869 -35.64 -9.34 14.50
N SER A 870 -34.91 -9.60 15.58
CA SER A 870 -34.87 -10.93 16.17
C SER A 870 -36.24 -11.35 16.68
N ILE A 871 -36.95 -10.43 17.34
CA ILE A 871 -38.23 -10.78 17.96
C ILE A 871 -39.29 -10.91 16.88
N LYS A 872 -39.92 -12.08 16.83
CA LYS A 872 -40.94 -12.36 15.83
C LYS A 872 -42.26 -11.67 16.15
N GLN A 873 -42.64 -11.65 17.44
CA GLN A 873 -43.92 -11.04 17.80
C GLN A 873 -43.96 -9.58 17.41
N ILE A 874 -42.89 -8.83 17.70
CA ILE A 874 -42.78 -7.43 17.33
C ILE A 874 -41.93 -7.38 16.07
N SER A 875 -42.59 -7.23 14.92
CA SER A 875 -41.91 -7.18 13.64
C SER A 875 -42.67 -6.22 12.74
N LEU A 876 -42.09 -5.96 11.56
CA LEU A 876 -42.67 -5.05 10.57
C LEU A 876 -42.64 -3.60 11.03
N ALA A 877 -42.10 -3.34 12.22
CA ALA A 877 -41.97 -1.99 12.74
C ALA A 877 -40.57 -1.41 12.53
N LEU A 878 -39.67 -2.16 11.91
CA LEU A 878 -38.32 -1.67 11.67
C LEU A 878 -38.30 -0.37 10.90
N PRO A 879 -39.07 -0.20 9.81
CA PRO A 879 -39.03 1.09 9.10
C PRO A 879 -39.37 2.28 9.98
N PHE A 880 -40.37 2.15 10.85
CA PHE A 880 -40.87 3.20 11.74
C PHE A 880 -39.78 3.62 12.74
N ILE A 881 -39.21 2.64 13.43
CA ILE A 881 -38.14 2.92 14.38
C ILE A 881 -36.94 3.51 13.67
N LEU A 882 -36.67 3.07 12.43
CA LEU A 882 -35.54 3.61 11.70
C LEU A 882 -35.77 5.07 11.31
N ILE A 883 -36.98 5.39 10.82
CA ILE A 883 -37.39 6.71 10.36
C ILE A 883 -37.35 7.71 11.51
N LEU A 884 -37.83 7.30 12.68
CA LEU A 884 -37.78 8.25 13.80
C LEU A 884 -36.36 8.60 14.20
N THR A 885 -35.36 7.95 13.61
CA THR A 885 -33.97 8.34 13.85
C THR A 885 -33.61 9.65 13.16
N VAL A 886 -34.22 9.92 12.00
CA VAL A 886 -33.88 11.15 11.27
C VAL A 886 -34.19 12.39 12.09
N PRO A 887 -35.37 12.52 12.72
CA PRO A 887 -35.58 13.65 13.63
C PRO A 887 -34.56 13.69 14.75
N LEU A 888 -34.13 12.54 15.26
CA LEU A 888 -33.09 12.53 16.28
C LEU A 888 -31.81 13.18 15.76
N ARG A 889 -31.43 12.87 14.52
CA ARG A 889 -30.30 13.54 13.92
C ARG A 889 -30.57 15.03 13.75
N ARG A 890 -31.83 15.39 13.48
CA ARG A 890 -32.15 16.77 13.19
C ARG A 890 -32.35 17.59 14.45
N PHE A 891 -32.64 16.94 15.58
CA PHE A 891 -32.89 17.65 16.83
C PHE A 891 -31.92 17.28 17.94
N LEU A 892 -31.70 15.98 18.18
CA LEU A 892 -30.88 15.59 19.33
C LEU A 892 -29.40 15.86 19.08
N LEU A 893 -28.89 15.49 17.89
CA LEU A 893 -27.49 15.60 17.51
C LEU A 893 -27.00 17.04 17.56
N PRO A 894 -27.70 18.02 16.97
CA PRO A 894 -27.25 19.41 17.13
C PRO A 894 -27.22 19.86 18.58
N PHE A 895 -28.08 19.30 19.43
CA PHE A 895 -28.09 19.67 20.84
C PHE A 895 -26.83 19.21 21.56
N ILE A 896 -26.17 18.16 21.07
CA ILE A 896 -25.01 17.61 21.73
C ILE A 896 -23.70 18.08 21.11
N PHE A 897 -23.62 18.17 19.79
CA PHE A 897 -22.45 18.42 18.96
C PHE A 897 -22.58 19.76 18.25
N ARG A 898 -21.43 20.37 17.98
CA ARG A 898 -21.40 21.64 17.26
C ARG A 898 -21.74 21.47 15.78
N ASP A 899 -22.18 22.57 15.17
CA ASP A 899 -22.48 22.53 13.74
C ASP A 899 -21.24 22.21 12.93
N MET A 900 -20.11 22.82 13.27
CA MET A 900 -18.88 22.54 12.55
C MET A 900 -18.46 21.08 12.72
N GLU A 901 -18.59 20.54 13.94
CA GLU A 901 -18.31 19.12 14.14
C GLU A 901 -19.20 18.25 13.26
N LEU A 902 -20.50 18.53 13.28
CA LEU A 902 -21.45 17.68 12.55
C LEU A 902 -21.29 17.84 11.04
N LYS A 903 -20.70 18.95 10.59
CA LYS A 903 -20.45 19.17 9.17
C LYS A 903 -19.34 18.28 8.59
N LEU A 904 -18.76 17.39 9.39
CA LEU A 904 -17.68 16.53 8.93
C LEU A 904 -18.02 15.05 8.90
N LEU A 905 -19.00 14.62 9.70
CA LEU A 905 -19.31 13.19 9.82
C LEU A 905 -20.37 12.75 8.82
N ASP A 906 -21.54 13.38 8.86
CA ASP A 906 -22.65 13.05 7.96
C ASP A 906 -22.71 14.01 6.78
N ALA A 907 -21.57 14.54 6.36
CA ALA A 907 -21.52 15.48 5.24
C ALA A 907 -21.73 14.79 3.89
N ASP A 908 -23.00 14.56 3.57
CA ASP A 908 -23.34 13.86 2.33
C ASP A 908 -22.92 14.69 1.12
N ASP A 909 -22.35 14.01 0.13
CA ASP A 909 -21.92 14.67 -1.11
C ASP A 909 -22.95 14.45 -2.21
N SER B 420 14.59 -17.90 34.33
CA SER B 420 13.88 -16.64 34.28
C SER B 420 12.65 -16.74 33.38
N PRO B 421 11.66 -15.86 33.59
CA PRO B 421 10.45 -15.94 32.77
C PRO B 421 10.72 -15.85 31.28
N GLN B 422 11.72 -15.07 30.87
CA GLN B 422 12.09 -15.01 29.46
C GLN B 422 12.51 -16.39 28.97
N VAL B 423 13.35 -17.07 29.74
CA VAL B 423 13.76 -18.43 29.39
C VAL B 423 12.56 -19.36 29.44
N LEU B 424 11.68 -19.17 30.43
CA LEU B 424 10.48 -20.00 30.51
C LEU B 424 9.62 -19.93 29.25
N SER B 425 9.45 -18.72 28.70
CA SER B 425 8.66 -18.58 27.49
C SER B 425 9.43 -19.08 26.27
N ALA B 426 10.73 -18.77 26.19
CA ALA B 426 11.51 -19.14 25.02
C ALA B 426 11.62 -20.66 24.88
N ILE B 427 11.79 -21.37 25.99
CA ILE B 427 11.96 -22.82 25.93
C ILE B 427 10.70 -23.46 25.38
N ILE B 428 9.54 -23.06 25.88
CA ILE B 428 8.28 -23.61 25.38
C ILE B 428 8.04 -23.22 23.93
N PHE B 429 8.34 -21.97 23.56
CA PHE B 429 8.15 -21.53 22.19
C PHE B 429 9.00 -22.36 21.23
N ILE B 430 10.28 -22.56 21.56
CA ILE B 430 11.15 -23.33 20.68
C ILE B 430 10.75 -24.79 20.68
N TYR B 431 10.28 -25.32 21.81
CA TYR B 431 9.80 -26.70 21.84
C TYR B 431 8.62 -26.88 20.89
N PHE B 432 7.66 -25.95 20.92
CA PHE B 432 6.55 -26.01 19.98
C PHE B 432 7.02 -25.92 18.55
N ALA B 433 7.92 -24.97 18.27
CA ALA B 433 8.40 -24.78 16.90
C ALA B 433 9.10 -26.03 16.38
N ALA B 434 9.83 -26.73 17.25
CA ALA B 434 10.53 -27.92 16.83
C ALA B 434 9.60 -29.13 16.72
N LEU B 435 8.61 -29.23 17.60
CA LEU B 435 7.74 -30.40 17.60
C LEU B 435 6.75 -30.35 16.46
N THR B 436 6.27 -29.16 16.10
CA THR B 436 5.23 -29.07 15.08
C THR B 436 5.66 -29.69 13.75
N PRO B 437 6.81 -29.37 13.17
CA PRO B 437 7.20 -30.02 11.92
C PRO B 437 7.53 -31.49 12.07
N ALA B 438 7.99 -31.90 13.25
CA ALA B 438 8.36 -33.30 13.45
C ALA B 438 7.16 -34.22 13.30
N ILE B 439 6.01 -33.78 13.80
CA ILE B 439 4.80 -34.62 13.72
C ILE B 439 4.44 -34.86 12.26
N THR B 440 4.45 -33.79 11.46
CA THR B 440 4.09 -33.93 10.06
C THR B 440 5.11 -34.79 9.33
N PHE B 441 6.40 -34.59 9.62
CA PHE B 441 7.43 -35.39 8.97
C PHE B 441 7.26 -36.87 9.30
N GLY B 442 7.00 -37.18 10.57
CA GLY B 442 6.80 -38.57 10.95
C GLY B 442 5.56 -39.17 10.31
N GLY B 443 4.48 -38.38 10.23
CA GLY B 443 3.30 -38.86 9.54
C GLY B 443 3.56 -39.16 8.09
N LEU B 444 4.31 -38.28 7.41
CA LEU B 444 4.66 -38.52 6.03
C LEU B 444 5.51 -39.77 5.88
N LEU B 445 6.48 -39.96 6.79
CA LEU B 445 7.32 -41.14 6.73
C LEU B 445 6.50 -42.42 6.91
N GLY B 446 5.58 -42.41 7.86
CA GLY B 446 4.68 -43.54 8.02
C GLY B 446 3.81 -43.76 6.81
N ASP B 447 3.41 -42.68 6.14
CA ASP B 447 2.62 -42.82 4.91
C ASP B 447 3.41 -43.47 3.78
N LYS B 448 4.59 -42.93 3.48
CA LYS B 448 5.38 -43.47 2.38
C LYS B 448 5.83 -44.90 2.68
N THR B 449 6.41 -45.11 3.85
CA THR B 449 6.74 -46.45 4.28
C THR B 449 5.46 -47.20 4.63
N GLU B 450 5.53 -48.53 4.55
CA GLU B 450 4.41 -49.32 5.04
C GLU B 450 4.16 -49.04 6.52
N ASN B 451 5.08 -49.46 7.39
CA ASN B 451 5.17 -48.89 8.73
C ASN B 451 6.61 -48.83 9.22
N MET B 452 7.60 -48.99 8.34
CA MET B 452 8.98 -49.15 8.79
C MET B 452 9.42 -47.99 9.65
N ILE B 453 9.17 -46.76 9.19
CA ILE B 453 9.59 -45.56 9.90
C ILE B 453 8.37 -44.67 10.11
N GLY B 454 8.19 -44.20 11.35
CA GLY B 454 7.15 -43.27 11.70
C GLY B 454 7.72 -41.99 12.26
N VAL B 455 7.13 -41.53 13.35
CA VAL B 455 7.47 -40.32 14.09
C VAL B 455 8.44 -40.62 15.23
N SER B 456 8.12 -41.61 16.06
CA SER B 456 8.82 -41.97 17.29
C SER B 456 10.30 -42.21 17.04
N GLU B 457 10.63 -42.98 16.00
CA GLU B 457 12.03 -43.26 15.71
C GLU B 457 12.79 -41.97 15.39
N LEU B 458 12.26 -41.17 14.46
CA LEU B 458 12.90 -39.91 14.15
C LEU B 458 12.88 -38.98 15.35
N LEU B 459 11.84 -39.06 16.18
CA LEU B 459 11.66 -38.26 17.38
C LEU B 459 12.80 -38.51 18.36
N LEU B 460 13.13 -39.78 18.62
CA LEU B 460 14.27 -40.23 19.41
C LEU B 460 15.58 -39.80 18.76
N SER B 461 15.68 -39.94 17.44
CA SER B 461 16.90 -39.53 16.74
C SER B 461 17.20 -38.07 17.01
N THR B 462 16.20 -37.20 16.83
CA THR B 462 16.41 -35.78 17.09
C THR B 462 16.56 -35.49 18.58
N ALA B 463 15.90 -36.28 19.44
CA ALA B 463 15.98 -36.18 20.89
C ALA B 463 17.41 -36.31 21.38
N LEU B 464 18.11 -37.35 20.93
CA LEU B 464 19.52 -37.61 21.20
C LEU B 464 20.41 -36.62 20.45
N GLN B 465 20.00 -36.24 19.23
CA GLN B 465 20.80 -35.29 18.45
C GLN B 465 20.94 -33.96 19.17
N GLY B 466 19.85 -33.46 19.73
CA GLY B 466 19.89 -32.15 20.34
C GLY B 466 20.89 -32.05 21.47
N ILE B 467 20.87 -33.02 22.37
CA ILE B 467 21.74 -33.12 23.55
C ILE B 467 23.18 -33.39 23.12
N ILE B 468 23.41 -34.29 22.15
CA ILE B 468 24.78 -34.55 21.75
C ILE B 468 25.39 -33.32 21.09
N PHE B 469 24.60 -32.56 20.33
CA PHE B 469 25.11 -31.35 19.70
C PHE B 469 25.30 -30.21 20.68
N SER B 470 24.39 -30.05 21.64
CA SER B 470 24.49 -28.93 22.57
C SER B 470 25.78 -29.01 23.38
N LEU B 471 26.16 -30.21 23.83
CA LEU B 471 27.35 -30.48 24.61
C LEU B 471 28.61 -30.15 23.82
N LEU B 472 28.63 -30.49 22.54
CA LEU B 472 29.75 -30.22 21.64
C LEU B 472 29.21 -29.48 20.43
N GLY B 473 29.41 -28.17 20.39
CA GLY B 473 28.96 -27.36 19.27
C GLY B 473 29.53 -25.95 19.33
N ALA B 474 30.05 -25.48 18.19
CA ALA B 474 30.55 -24.12 18.14
C ALA B 474 29.43 -23.11 18.37
N GLN B 475 28.22 -23.43 17.89
CA GLN B 475 27.04 -22.59 18.08
C GLN B 475 25.94 -23.45 18.70
N PRO B 476 25.97 -23.65 20.02
CA PRO B 476 24.91 -24.46 20.66
C PRO B 476 23.50 -23.93 20.52
N LEU B 477 23.32 -22.63 20.23
CA LEU B 477 21.98 -22.07 20.06
C LEU B 477 21.26 -22.62 18.83
N LEU B 478 21.99 -23.19 17.87
CA LEU B 478 21.36 -23.67 16.65
C LEU B 478 20.49 -24.88 16.93
N VAL B 479 19.57 -25.14 16.01
CA VAL B 479 18.64 -26.25 16.10
C VAL B 479 18.87 -27.22 14.95
N LEU B 480 18.81 -28.51 15.25
CA LEU B 480 18.97 -29.57 14.26
C LEU B 480 17.62 -30.25 14.08
N GLY B 481 16.82 -29.72 13.17
CA GLY B 481 15.53 -30.27 12.84
C GLY B 481 15.60 -31.20 11.64
N PHE B 482 14.51 -31.26 10.89
CA PHE B 482 14.43 -32.06 9.69
C PHE B 482 13.87 -31.21 8.56
N SER B 483 14.37 -31.46 7.35
CA SER B 483 13.99 -30.71 6.17
C SER B 483 13.39 -31.65 5.14
N GLY B 484 12.48 -31.10 4.32
CA GLY B 484 11.76 -31.88 3.34
C GLY B 484 12.64 -32.58 2.33
N PRO B 485 13.68 -31.95 1.79
CA PRO B 485 14.53 -32.65 0.82
C PRO B 485 15.11 -33.95 1.34
N LEU B 486 15.40 -34.04 2.64
CA LEU B 486 15.79 -35.32 3.22
C LEU B 486 14.71 -36.36 2.98
N LEU B 487 13.45 -35.97 3.23
CA LEU B 487 12.34 -36.88 3.01
C LEU B 487 12.20 -37.24 1.54
N VAL B 488 12.46 -36.28 0.65
CA VAL B 488 12.37 -36.54 -0.78
C VAL B 488 13.39 -37.59 -1.18
N PHE B 489 14.63 -37.43 -0.72
CA PHE B 489 15.67 -38.40 -1.05
C PHE B 489 15.33 -39.76 -0.45
N GLU B 490 14.81 -39.77 0.78
CA GLU B 490 14.47 -41.05 1.42
C GLU B 490 13.36 -41.76 0.68
N GLU B 491 12.35 -41.02 0.21
CA GLU B 491 11.26 -41.66 -0.53
C GLU B 491 11.72 -42.09 -1.91
N ALA B 492 12.65 -41.35 -2.53
CA ALA B 492 13.23 -41.81 -3.78
C ALA B 492 13.98 -43.12 -3.58
N PHE B 493 14.73 -43.23 -2.48
CA PHE B 493 15.42 -44.48 -2.18
C PHE B 493 14.43 -45.59 -1.91
N TYR B 494 13.34 -45.28 -1.22
CA TYR B 494 12.29 -46.27 -0.99
C TYR B 494 11.70 -46.76 -2.30
N SER B 495 11.44 -45.84 -3.23
CA SER B 495 10.96 -46.24 -4.54
C SER B 495 11.95 -47.12 -5.28
N PHE B 496 13.23 -46.76 -5.24
CA PHE B 496 14.23 -47.57 -5.92
C PHE B 496 14.31 -48.97 -5.31
N CYS B 497 14.28 -49.05 -3.98
CA CYS B 497 14.26 -50.35 -3.30
C CYS B 497 12.99 -51.12 -3.60
N GLN B 498 11.90 -50.43 -3.93
CA GLN B 498 10.70 -51.10 -4.40
C GLN B 498 10.84 -51.59 -5.83
N THR B 499 11.69 -50.93 -6.63
CA THR B 499 11.92 -51.40 -7.99
C THR B 499 12.49 -52.81 -8.02
N ASN B 500 13.45 -53.11 -7.14
CA ASN B 500 14.06 -54.42 -7.05
C ASN B 500 14.04 -54.95 -5.63
N ASN B 501 14.07 -56.27 -5.49
CA ASN B 501 13.98 -56.88 -4.17
C ASN B 501 15.20 -56.51 -3.34
N LEU B 502 15.02 -55.60 -2.39
CA LEU B 502 16.12 -55.10 -1.58
C LEU B 502 15.62 -54.81 -0.16
N GLU B 503 16.56 -54.79 0.77
CA GLU B 503 16.29 -54.36 2.14
C GLU B 503 16.62 -52.88 2.31
N TYR B 504 15.59 -52.06 2.56
CA TYR B 504 15.67 -50.61 2.69
C TYR B 504 16.56 -50.22 3.86
N ILE B 505 16.28 -50.76 5.04
CA ILE B 505 16.88 -50.37 6.31
C ILE B 505 18.36 -50.72 6.34
N VAL B 506 18.71 -51.96 5.98
CA VAL B 506 20.07 -52.48 5.91
C VAL B 506 20.88 -51.72 4.87
N GLY B 507 20.29 -51.46 3.71
CA GLY B 507 20.87 -50.62 2.67
C GLY B 507 21.20 -49.24 3.19
N ARG B 508 20.29 -48.65 3.95
CA ARG B 508 20.44 -47.34 4.59
C ARG B 508 21.57 -47.35 5.61
N VAL B 509 21.68 -48.43 6.38
CA VAL B 509 22.73 -48.67 7.38
C VAL B 509 24.10 -48.72 6.71
N TRP B 510 24.19 -49.43 5.59
CA TRP B 510 25.38 -49.50 4.72
C TRP B 510 25.72 -48.12 4.15
N ILE B 511 24.69 -47.37 3.75
CA ILE B 511 24.91 -45.99 3.33
C ILE B 511 25.50 -45.17 4.47
N GLY B 512 25.03 -45.39 5.69
CA GLY B 512 25.56 -44.75 6.89
C GLY B 512 27.02 -45.07 7.12
N PHE B 513 27.39 -46.35 6.95
CA PHE B 513 28.76 -46.84 6.99
C PHE B 513 29.62 -46.11 5.96
N TRP B 514 29.10 -45.97 4.74
CA TRP B 514 29.81 -45.21 3.72
C TRP B 514 30.00 -43.76 4.17
N LEU B 515 28.96 -43.16 4.75
CA LEU B 515 29.08 -41.80 5.28
C LEU B 515 30.22 -41.69 6.27
N ILE B 516 30.26 -42.61 7.25
CA ILE B 516 31.20 -42.61 8.36
C ILE B 516 32.62 -42.80 7.86
N LEU B 517 32.82 -43.70 6.89
CA LEU B 517 34.15 -43.83 6.31
C LEU B 517 34.51 -42.64 5.43
N LEU B 518 33.50 -41.92 4.92
CA LEU B 518 33.77 -40.72 4.14
C LEU B 518 34.22 -39.57 5.01
N VAL B 519 33.69 -39.48 6.23
CA VAL B 519 33.86 -38.38 7.17
C VAL B 519 35.35 -38.10 7.42
N VAL B 520 36.13 -39.15 7.64
CA VAL B 520 37.56 -39.13 7.93
C VAL B 520 38.32 -38.50 6.77
N LEU B 521 37.83 -38.66 5.54
CA LEU B 521 38.50 -38.07 4.40
C LEU B 521 38.56 -36.55 4.50
N VAL B 522 37.52 -35.93 5.04
CA VAL B 522 37.37 -34.49 5.27
C VAL B 522 37.94 -34.07 6.62
N VAL B 523 37.92 -34.94 7.62
CA VAL B 523 38.54 -34.74 8.93
C VAL B 523 40.05 -34.58 8.78
N ALA B 524 40.66 -35.45 7.96
CA ALA B 524 42.09 -35.33 7.70
C ALA B 524 42.42 -33.99 7.06
N PHE B 525 41.61 -33.56 6.10
CA PHE B 525 41.79 -32.28 5.45
C PHE B 525 40.42 -31.72 5.10
N GLU B 526 40.16 -30.48 5.51
CA GLU B 526 38.89 -29.84 5.24
C GLU B 526 38.46 -29.96 3.78
N GLY B 527 37.16 -29.98 3.56
CA GLY B 527 36.59 -30.03 2.23
C GLY B 527 35.45 -29.05 2.07
N SER B 528 35.53 -27.94 2.82
CA SER B 528 34.48 -26.93 2.82
C SER B 528 34.69 -25.86 1.75
N PHE B 529 35.65 -26.06 0.84
CA PHE B 529 36.04 -25.12 -0.20
C PHE B 529 34.84 -24.68 -1.03
N LEU B 530 33.91 -25.60 -1.31
CA LEU B 530 32.69 -25.42 -2.09
C LEU B 530 31.77 -24.38 -1.48
N VAL B 531 31.94 -24.07 -0.19
CA VAL B 531 31.25 -23.01 0.54
C VAL B 531 31.54 -21.66 -0.11
N ARG B 532 32.72 -21.52 -0.71
CA ARG B 532 33.27 -20.42 -1.50
C ARG B 532 32.76 -20.42 -2.93
N PHE B 533 32.07 -21.46 -3.36
CA PHE B 533 31.49 -21.74 -4.67
C PHE B 533 30.01 -22.09 -4.57
N ILE B 534 29.29 -21.41 -3.69
CA ILE B 534 27.83 -21.50 -3.64
C ILE B 534 27.26 -20.17 -4.16
N SER B 535 26.12 -20.26 -4.83
CA SER B 535 25.51 -19.10 -5.45
C SER B 535 24.03 -19.03 -5.11
N ARG B 536 23.51 -17.80 -5.07
CA ARG B 536 22.09 -17.60 -4.80
C ARG B 536 21.23 -18.23 -5.89
N TYR B 537 21.64 -18.08 -7.15
CA TYR B 537 20.83 -18.57 -8.26
C TYR B 537 20.54 -20.06 -8.13
N THR B 538 21.44 -20.81 -7.51
CA THR B 538 21.27 -22.25 -7.40
C THR B 538 20.34 -22.61 -6.24
N GLN B 539 20.66 -22.13 -5.04
CA GLN B 539 19.87 -22.45 -3.86
C GLN B 539 18.45 -21.91 -3.95
N GLU B 540 18.25 -20.73 -4.53
CA GLU B 540 16.89 -20.21 -4.67
C GLU B 540 16.02 -21.12 -5.51
N ILE B 541 16.50 -21.50 -6.70
CA ILE B 541 15.72 -22.38 -7.55
C ILE B 541 15.57 -23.76 -6.91
N PHE B 542 16.59 -24.22 -6.19
CA PHE B 542 16.45 -25.48 -5.47
C PHE B 542 15.30 -25.42 -4.47
N SER B 543 15.22 -24.34 -3.70
CA SER B 543 14.14 -24.19 -2.74
C SER B 543 12.79 -24.12 -3.45
N PHE B 544 12.74 -23.40 -4.57
CA PHE B 544 11.49 -23.33 -5.33
C PHE B 544 11.05 -24.71 -5.78
N LEU B 545 11.99 -25.50 -6.29
CA LEU B 545 11.68 -26.86 -6.72
C LEU B 545 11.19 -27.70 -5.55
N ILE B 546 11.83 -27.55 -4.40
CA ILE B 546 11.39 -28.31 -3.22
C ILE B 546 9.96 -27.96 -2.86
N SER B 547 9.63 -26.66 -2.91
CA SER B 547 8.25 -26.25 -2.63
C SER B 547 7.29 -26.83 -3.65
N LEU B 548 7.68 -26.81 -4.92
CA LEU B 548 6.82 -27.37 -5.96
C LEU B 548 6.55 -28.85 -5.71
N ILE B 549 7.59 -29.58 -5.29
CA ILE B 549 7.42 -31.00 -5.02
C ILE B 549 6.50 -31.21 -3.82
N PHE B 550 6.64 -30.36 -2.81
CA PHE B 550 5.71 -30.40 -1.68
C PHE B 550 4.27 -30.31 -2.17
N ILE B 551 4.00 -29.29 -2.99
CA ILE B 551 2.64 -29.09 -3.46
C ILE B 551 2.18 -30.26 -4.30
N TYR B 552 3.05 -30.78 -5.16
CA TYR B 552 2.68 -31.89 -6.02
C TYR B 552 2.32 -33.12 -5.20
N GLU B 553 3.10 -33.41 -4.16
CA GLU B 553 2.78 -34.54 -3.30
C GLU B 553 1.44 -34.34 -2.60
N THR B 554 1.21 -33.13 -2.09
CA THR B 554 -0.05 -32.84 -1.43
C THR B 554 -1.22 -33.07 -2.38
N PHE B 555 -1.06 -32.66 -3.64
CA PHE B 555 -2.14 -32.84 -4.60
C PHE B 555 -2.30 -34.31 -4.98
N TYR B 556 -1.19 -35.03 -5.15
CA TYR B 556 -1.28 -36.44 -5.46
C TYR B 556 -2.02 -37.21 -4.38
N LYS B 557 -1.94 -36.73 -3.14
CA LYS B 557 -2.69 -37.38 -2.08
C LYS B 557 -4.19 -37.35 -2.36
N LEU B 558 -4.70 -36.26 -2.92
CA LEU B 558 -6.12 -36.20 -3.24
C LEU B 558 -6.49 -37.26 -4.27
N VAL B 559 -5.64 -37.45 -5.27
CA VAL B 559 -5.88 -38.51 -6.24
C VAL B 559 -5.89 -39.86 -5.54
N THR B 560 -4.96 -40.07 -4.62
CA THR B 560 -4.92 -41.33 -3.88
C THR B 560 -6.24 -41.58 -3.16
N ILE B 561 -6.74 -40.55 -2.47
CA ILE B 561 -7.97 -40.72 -1.69
C ILE B 561 -9.15 -40.96 -2.62
N PHE B 562 -9.22 -40.21 -3.73
CA PHE B 562 -10.32 -40.40 -4.67
C PHE B 562 -10.34 -41.83 -5.22
N GLN B 563 -9.18 -42.35 -5.61
CA GLN B 563 -9.14 -43.71 -6.11
C GLN B 563 -9.48 -44.72 -5.02
N ASP B 564 -8.97 -44.49 -3.81
CA ASP B 564 -9.27 -45.41 -2.71
C ASP B 564 -10.74 -45.35 -2.32
N HIS B 565 -11.36 -44.17 -2.44
CA HIS B 565 -12.75 -43.95 -2.05
C HIS B 565 -13.49 -43.34 -3.22
N PRO B 566 -13.84 -44.14 -4.23
CA PRO B 566 -14.61 -43.62 -5.35
C PRO B 566 -15.98 -43.12 -4.90
N LEU B 567 -16.47 -42.11 -5.60
CA LEU B 567 -17.72 -41.46 -5.22
C LEU B 567 -18.90 -42.36 -5.58
N GLN B 568 -19.60 -42.85 -4.56
CA GLN B 568 -20.73 -43.74 -4.74
C GLN B 568 -21.89 -43.27 -3.86
N LYS B 569 -22.94 -44.09 -3.80
CA LYS B 569 -24.10 -43.79 -2.98
C LYS B 569 -24.52 -44.93 -2.08
N ASN B 570 -23.99 -46.14 -2.29
CA ASN B 570 -24.43 -47.33 -1.57
C ASN B 570 -23.36 -47.85 -0.61
N TYR B 571 -22.14 -48.06 -1.10
CA TYR B 571 -21.06 -48.54 -0.23
C TYR B 571 -21.48 -49.81 0.49
N ASP B 572 -20.78 -50.17 1.57
CA ASP B 572 -21.05 -51.38 2.32
C ASP B 572 -21.21 -51.07 3.80
N HIS B 573 -21.76 -52.02 4.53
CA HIS B 573 -22.01 -51.88 5.96
C HIS B 573 -20.97 -52.62 6.81
N ASP B 574 -20.59 -51.99 7.93
CA ASP B 574 -19.73 -52.49 9.00
C ASP B 574 -18.46 -53.11 8.43
N VAL B 575 -17.71 -52.31 7.69
CA VAL B 575 -16.43 -52.72 7.14
C VAL B 575 -15.36 -52.52 8.20
N LEU B 576 -14.56 -53.56 8.44
CA LEU B 576 -13.47 -53.45 9.40
C LEU B 576 -12.43 -52.46 8.91
N THR B 577 -12.06 -51.51 9.78
CA THR B 577 -11.11 -50.46 9.41
C THR B 577 -10.05 -50.23 10.47
N THR B 578 -9.96 -51.07 11.50
CA THR B 578 -9.01 -50.82 12.58
C THR B 578 -7.57 -50.80 12.09
N PRO B 579 -7.07 -51.83 11.40
CA PRO B 579 -5.70 -51.75 10.86
C PRO B 579 -5.63 -50.92 9.59
N LYS B 580 -6.64 -51.07 8.74
CA LYS B 580 -6.69 -50.37 7.46
C LYS B 580 -8.08 -50.54 6.86
N PRO B 581 -8.68 -49.49 6.28
CA PRO B 581 -10.02 -49.66 5.69
C PRO B 581 -10.02 -50.71 4.60
N GLN B 582 -10.83 -51.76 4.80
CA GLN B 582 -10.95 -52.83 3.82
C GLN B 582 -11.74 -52.41 2.59
N ALA B 583 -12.61 -51.41 2.71
CA ALA B 583 -13.41 -50.95 1.59
C ALA B 583 -13.69 -49.46 1.75
N ALA B 584 -13.91 -48.80 0.61
CA ALA B 584 -14.26 -47.39 0.63
C ALA B 584 -15.53 -47.19 1.46
N LEU B 585 -15.54 -46.13 2.26
CA LEU B 585 -16.68 -45.82 3.10
C LEU B 585 -17.10 -44.38 2.89
N PRO B 586 -18.36 -44.06 3.16
CA PRO B 586 -18.82 -42.67 2.99
C PRO B 586 -18.18 -41.76 4.03
N ASN B 587 -18.27 -40.46 3.77
CA ASN B 587 -17.93 -39.39 4.71
C ASN B 587 -16.43 -39.16 4.88
N THR B 588 -15.60 -39.69 3.98
CA THR B 588 -14.16 -39.64 4.15
C THR B 588 -13.41 -39.05 2.96
N ALA B 589 -13.85 -39.33 1.74
CA ALA B 589 -13.14 -38.82 0.58
C ALA B 589 -13.30 -37.32 0.43
N LEU B 590 -14.19 -36.70 1.20
CA LEU B 590 -14.46 -35.28 1.12
C LEU B 590 -14.32 -34.58 2.46
N LEU B 591 -14.69 -35.24 3.56
CA LEU B 591 -14.53 -34.63 4.87
C LEU B 591 -13.06 -34.37 5.20
N SER B 592 -12.18 -35.29 4.84
CA SER B 592 -10.76 -35.07 5.04
C SER B 592 -10.27 -33.87 4.24
N LEU B 593 -10.82 -33.70 3.03
CA LEU B 593 -10.52 -32.51 2.25
C LEU B 593 -10.93 -31.26 3.01
N VAL B 594 -12.12 -31.29 3.63
CA VAL B 594 -12.57 -30.15 4.42
C VAL B 594 -11.60 -29.89 5.56
N LEU B 595 -11.17 -30.94 6.24
CA LEU B 595 -10.26 -30.77 7.37
C LEU B 595 -8.98 -30.10 6.95
N MET B 596 -8.33 -30.63 5.90
CA MET B 596 -7.06 -30.06 5.47
C MET B 596 -7.24 -28.65 4.93
N ALA B 597 -8.33 -28.39 4.20
CA ALA B 597 -8.58 -27.06 3.70
C ALA B 597 -8.77 -26.07 4.84
N GLY B 598 -9.51 -26.47 5.88
CA GLY B 598 -9.67 -25.60 7.04
C GLY B 598 -8.35 -25.35 7.74
N THR B 599 -7.52 -26.39 7.87
CA THR B 599 -6.20 -26.20 8.46
C THR B 599 -5.41 -25.13 7.70
N PHE B 600 -5.33 -25.30 6.38
CA PHE B 600 -4.56 -24.34 5.57
C PHE B 600 -5.16 -22.95 5.66
N PHE B 601 -6.49 -22.87 5.60
CA PHE B 601 -7.16 -21.57 5.63
C PHE B 601 -6.89 -20.85 6.94
N LEU B 602 -7.03 -21.55 8.06
CA LEU B 602 -6.80 -20.92 9.35
C LEU B 602 -5.33 -20.56 9.54
N ALA B 603 -4.43 -21.38 9.03
CA ALA B 603 -3.02 -21.03 9.10
C ALA B 603 -2.75 -19.73 8.35
N MET B 604 -3.32 -19.60 7.14
CA MET B 604 -3.16 -18.37 6.38
C MET B 604 -3.76 -17.18 7.12
N MET B 605 -4.95 -17.38 7.70
CA MET B 605 -5.61 -16.29 8.41
C MET B 605 -4.75 -15.82 9.59
N LEU B 606 -4.19 -16.78 10.34
CA LEU B 606 -3.39 -16.41 11.51
C LEU B 606 -2.09 -15.77 11.09
N ARG B 607 -1.50 -16.22 9.98
CA ARG B 607 -0.31 -15.57 9.45
C ARG B 607 -0.58 -14.11 9.09
N LYS B 608 -1.64 -13.86 8.33
CA LYS B 608 -2.00 -12.49 7.99
C LYS B 608 -2.30 -11.66 9.23
N PHE B 609 -2.99 -12.27 10.20
CA PHE B 609 -3.29 -11.57 11.45
C PHE B 609 -2.00 -11.19 12.18
N LYS B 610 -1.04 -12.12 12.22
CA LYS B 610 0.24 -11.81 12.84
C LYS B 610 0.91 -10.64 12.14
N ASN B 611 0.87 -10.62 10.81
CA ASN B 611 1.43 -9.52 10.03
C ASN B 611 0.48 -8.33 9.90
N SER B 612 -0.54 -8.25 10.74
CA SER B 612 -1.56 -7.22 10.67
C SER B 612 -1.44 -6.27 11.85
N SER B 613 -2.35 -5.30 11.91
CA SER B 613 -2.34 -4.26 12.92
C SER B 613 -3.23 -4.53 14.13
N TYR B 614 -3.86 -5.69 14.19
CA TYR B 614 -4.78 -6.00 15.27
C TYR B 614 -4.01 -6.16 16.58
N PHE B 615 -4.58 -5.60 17.66
CA PHE B 615 -4.03 -5.73 19.00
C PHE B 615 -2.66 -5.07 19.11
N PRO B 616 -2.27 -4.59 20.31
CA PRO B 616 -1.01 -3.84 20.44
C PRO B 616 0.20 -4.74 20.41
N GLY B 617 0.92 -4.74 19.28
CA GLY B 617 2.26 -5.28 19.24
C GLY B 617 2.42 -6.66 19.83
N LYS B 618 3.10 -6.72 20.99
CA LYS B 618 3.36 -8.00 21.65
C LYS B 618 2.09 -8.84 21.78
N LEU B 619 0.98 -8.23 22.16
CA LEU B 619 -0.27 -8.99 22.31
C LEU B 619 -0.63 -9.75 21.04
N ARG B 620 -0.26 -9.23 19.88
CA ARG B 620 -0.55 -9.87 18.61
C ARG B 620 0.54 -10.87 18.23
N ARG B 621 1.79 -10.42 18.24
CA ARG B 621 2.87 -11.26 17.74
C ARG B 621 3.10 -12.48 18.61
N ILE B 622 2.77 -12.40 19.91
CA ILE B 622 2.94 -13.55 20.78
C ILE B 622 2.13 -14.75 20.28
N ILE B 623 0.88 -14.51 19.91
CA ILE B 623 0.05 -15.58 19.37
C ILE B 623 0.34 -15.84 17.90
N GLY B 624 0.76 -14.81 17.16
CA GLY B 624 1.15 -15.03 15.77
C GLY B 624 2.30 -16.01 15.66
N ASP B 625 3.26 -15.94 16.57
CA ASP B 625 4.39 -16.87 16.55
C ASP B 625 3.96 -18.30 16.81
N PHE B 626 2.79 -18.51 17.42
CA PHE B 626 2.28 -19.83 17.74
C PHE B 626 1.10 -20.21 16.88
N GLY B 627 0.80 -19.40 15.85
CA GLY B 627 -0.27 -19.73 14.92
C GLY B 627 -0.31 -21.21 14.56
N VAL B 628 0.77 -21.72 13.96
CA VAL B 628 0.80 -23.12 13.55
C VAL B 628 0.63 -24.05 14.74
N PRO B 629 1.35 -23.87 15.84
CA PRO B 629 1.08 -24.71 17.03
C PRO B 629 -0.37 -24.66 17.47
N ILE B 630 -1.03 -23.52 17.32
CA ILE B 630 -2.41 -23.40 17.81
C ILE B 630 -3.42 -23.73 16.72
N SER B 631 -3.13 -23.40 15.46
CA SER B 631 -4.07 -23.70 14.38
C SER B 631 -3.87 -25.14 13.90
N ILE B 632 -3.79 -26.05 14.87
CA ILE B 632 -3.85 -27.49 14.60
C ILE B 632 -4.77 -28.21 15.57
N LEU B 633 -5.09 -27.60 16.71
CA LEU B 633 -5.88 -28.27 17.73
C LEU B 633 -7.38 -28.11 17.48
N ILE B 634 -7.78 -27.06 16.77
CA ILE B 634 -9.20 -26.85 16.51
C ILE B 634 -9.76 -28.00 15.69
N MET B 635 -9.02 -28.39 14.66
CA MET B 635 -9.46 -29.50 13.81
C MET B 635 -9.45 -30.81 14.59
N VAL B 636 -8.49 -30.98 15.50
CA VAL B 636 -8.47 -32.17 16.34
C VAL B 636 -9.71 -32.21 17.23
N MET B 637 -10.08 -31.07 17.81
CA MET B 637 -11.29 -31.00 18.61
C MET B 637 -12.51 -31.32 17.77
N VAL B 638 -12.57 -30.79 16.55
CA VAL B 638 -13.70 -31.09 15.66
C VAL B 638 -13.78 -32.58 15.39
N ASP B 639 -12.63 -33.21 15.11
CA ASP B 639 -12.61 -34.64 14.88
C ASP B 639 -13.08 -35.40 16.10
N ALA B 640 -12.67 -34.95 17.29
CA ALA B 640 -13.12 -35.59 18.52
C ALA B 640 -14.63 -35.48 18.65
N LEU B 641 -15.19 -34.31 18.35
CA LEU B 641 -16.63 -34.14 18.39
C LEU B 641 -17.33 -35.02 17.37
N ILE B 642 -16.68 -35.30 16.25
CA ILE B 642 -17.23 -36.19 15.22
C ILE B 642 -16.42 -37.47 15.26
N GLN B 643 -16.86 -38.42 16.09
CA GLN B 643 -16.15 -39.66 16.29
C GLN B 643 -16.78 -40.83 15.56
N ASP B 644 -18.00 -40.67 15.04
CA ASP B 644 -18.79 -41.63 14.29
C ASP B 644 -18.09 -42.08 13.01
N THR B 645 -17.46 -41.16 12.29
CA THR B 645 -16.80 -41.46 11.03
C THR B 645 -15.31 -41.68 11.27
N TYR B 646 -14.79 -42.78 10.74
CA TYR B 646 -13.37 -43.05 10.83
C TYR B 646 -12.59 -42.07 9.95
N THR B 647 -11.42 -41.68 10.42
CA THR B 647 -10.46 -40.90 9.65
C THR B 647 -9.09 -41.52 9.82
N GLN B 648 -8.26 -41.39 8.79
CA GLN B 648 -6.91 -41.93 8.86
C GLN B 648 -6.09 -41.14 9.87
N LYS B 649 -5.61 -41.84 10.89
CA LYS B 649 -4.87 -41.19 11.97
C LYS B 649 -3.53 -41.86 12.20
N LEU B 650 -2.86 -41.48 13.28
CA LEU B 650 -1.54 -42.01 13.59
C LEU B 650 -1.66 -43.42 14.19
N SER B 651 -0.84 -44.33 13.69
CA SER B 651 -0.72 -45.68 14.23
C SER B 651 0.53 -45.71 15.10
N VAL B 652 0.40 -45.22 16.33
CA VAL B 652 1.52 -45.04 17.24
C VAL B 652 1.60 -46.27 18.15
N PRO B 653 2.72 -46.99 18.19
CA PRO B 653 2.86 -48.06 19.18
C PRO B 653 3.01 -47.61 20.62
N GLU B 654 3.22 -48.55 21.54
CA GLU B 654 3.41 -48.20 22.93
C GLU B 654 4.77 -47.53 23.12
N GLY B 655 4.95 -46.92 24.29
CA GLY B 655 6.19 -46.22 24.56
C GLY B 655 7.39 -47.17 24.52
N LEU B 656 8.51 -46.66 24.00
CA LEU B 656 9.73 -47.45 23.88
C LEU B 656 9.47 -48.75 23.11
N SER B 657 8.69 -48.65 22.04
CA SER B 657 8.41 -49.78 21.17
C SER B 657 8.50 -49.33 19.72
N VAL B 658 9.11 -50.16 18.89
CA VAL B 658 9.33 -49.82 17.49
C VAL B 658 8.03 -49.93 16.72
N SER B 659 7.87 -49.09 15.70
CA SER B 659 6.73 -49.20 14.80
C SER B 659 6.83 -50.49 14.00
N ASN B 660 5.81 -51.35 14.13
CA ASN B 660 5.81 -52.69 13.55
C ASN B 660 7.02 -53.50 13.98
N PRO B 661 7.12 -53.90 15.24
CA PRO B 661 8.29 -54.65 15.70
C PRO B 661 8.52 -55.94 14.93
N THR B 662 7.47 -56.50 14.33
CA THR B 662 7.64 -57.69 13.50
C THR B 662 8.45 -57.41 12.23
N GLU B 663 8.68 -56.14 11.91
CA GLU B 663 9.45 -55.75 10.73
C GLU B 663 10.78 -55.13 11.06
N ARG B 664 10.92 -54.50 12.23
CA ARG B 664 12.21 -53.94 12.64
C ARG B 664 12.24 -53.85 14.15
N ASP B 665 13.43 -54.01 14.71
CA ASP B 665 13.68 -53.85 16.13
C ASP B 665 14.80 -52.84 16.32
N TRP B 666 15.05 -52.48 17.58
CA TRP B 666 16.13 -51.53 17.87
C TRP B 666 17.47 -52.09 17.41
N LEU B 667 17.72 -53.37 17.69
CA LEU B 667 18.91 -54.05 17.20
C LEU B 667 18.71 -54.53 15.76
N ILE B 668 19.57 -54.07 14.87
CA ILE B 668 19.47 -54.39 13.44
C ILE B 668 20.69 -55.19 13.01
N HIS B 669 20.45 -56.34 12.40
CA HIS B 669 21.44 -57.25 11.82
C HIS B 669 21.87 -56.73 10.46
N PRO B 670 23.15 -56.37 10.27
CA PRO B 670 23.57 -55.89 8.95
C PRO B 670 23.41 -56.93 7.85
N LEU B 671 23.35 -58.21 8.21
CA LEU B 671 23.11 -59.27 7.23
C LEU B 671 21.64 -59.44 6.92
N GLY B 672 20.76 -58.69 7.57
CA GLY B 672 19.33 -58.79 7.35
C GLY B 672 18.64 -59.51 8.49
N ILE B 673 17.38 -59.14 8.71
CA ILE B 673 16.55 -59.70 9.76
C ILE B 673 15.60 -60.76 9.21
N ARG B 674 14.98 -60.47 8.06
CA ARG B 674 14.09 -61.42 7.40
C ARG B 674 14.63 -61.90 6.05
N VAL B 675 15.39 -61.07 5.35
CA VAL B 675 16.03 -61.45 4.09
C VAL B 675 17.51 -61.10 4.15
N GLU B 676 18.35 -62.00 3.63
CA GLU B 676 19.79 -61.86 3.50
C GLU B 676 20.11 -60.74 2.51
N PHE B 677 20.74 -59.69 3.00
CA PHE B 677 21.05 -58.55 2.14
C PHE B 677 22.03 -58.98 1.05
N PRO B 678 21.81 -58.55 -0.20
CA PRO B 678 22.77 -58.90 -1.26
C PRO B 678 24.18 -58.42 -0.99
N ILE B 679 25.15 -59.30 -1.26
CA ILE B 679 26.58 -59.08 -1.05
C ILE B 679 27.10 -58.03 -2.02
N TRP B 680 26.67 -58.07 -3.28
CA TRP B 680 26.98 -57.23 -4.43
C TRP B 680 26.42 -55.82 -4.27
N MET B 681 25.55 -55.58 -3.29
CA MET B 681 24.93 -54.33 -2.85
C MET B 681 25.50 -53.82 -1.54
N MET B 682 26.37 -54.60 -0.87
CA MET B 682 27.07 -54.22 0.34
C MET B 682 28.03 -53.07 0.09
N PHE B 683 28.87 -53.21 -0.94
CA PHE B 683 29.95 -52.36 -1.43
C PHE B 683 29.50 -51.42 -2.54
N ALA B 684 28.26 -51.53 -3.01
CA ALA B 684 27.59 -50.76 -4.05
C ALA B 684 26.68 -49.68 -3.48
N SER B 685 26.67 -49.50 -2.16
CA SER B 685 25.82 -48.50 -1.50
C SER B 685 26.52 -47.16 -1.35
N ALA B 686 27.72 -47.00 -1.90
CA ALA B 686 28.48 -45.77 -1.71
C ALA B 686 27.80 -44.59 -2.40
N LEU B 687 27.30 -44.80 -3.62
CA LEU B 687 26.75 -43.77 -4.50
C LEU B 687 25.67 -42.93 -3.83
N PRO B 688 24.65 -43.51 -3.21
CA PRO B 688 23.65 -42.67 -2.52
C PRO B 688 24.21 -41.84 -1.37
N ALA B 689 25.21 -42.36 -0.65
CA ALA B 689 25.74 -41.68 0.52
C ALA B 689 26.31 -40.32 0.17
N LEU B 690 27.08 -40.24 -0.92
CA LEU B 690 27.68 -38.96 -1.30
C LEU B 690 26.63 -37.94 -1.67
N LEU B 691 25.53 -38.37 -2.27
CA LEU B 691 24.38 -37.53 -2.63
C LEU B 691 23.76 -36.91 -1.39
N VAL B 692 23.46 -37.73 -0.37
CA VAL B 692 22.90 -37.31 0.90
C VAL B 692 23.85 -36.34 1.60
N PHE B 693 25.15 -36.65 1.58
CA PHE B 693 26.23 -35.84 2.12
C PHE B 693 26.23 -34.46 1.47
N ILE B 694 26.16 -34.42 0.14
CA ILE B 694 26.15 -33.15 -0.57
C ILE B 694 24.92 -32.34 -0.17
N LEU B 695 23.76 -33.01 -0.07
CA LEU B 695 22.49 -32.39 0.28
C LEU B 695 22.56 -31.69 1.63
N ILE B 696 23.01 -32.40 2.67
CA ILE B 696 23.17 -31.91 4.03
C ILE B 696 24.23 -30.81 4.06
N PHE B 697 25.31 -30.98 3.30
CA PHE B 697 26.36 -29.96 3.25
C PHE B 697 25.80 -28.65 2.72
N LEU B 698 25.05 -28.70 1.61
CA LEU B 698 24.52 -27.47 1.04
C LEU B 698 23.44 -26.87 1.93
N GLU B 699 22.71 -27.71 2.66
CA GLU B 699 21.70 -27.31 3.63
C GLU B 699 22.32 -26.53 4.78
N SER B 700 23.49 -26.96 5.25
CA SER B 700 24.08 -26.34 6.45
C SER B 700 24.36 -24.86 6.24
N GLN B 701 25.06 -24.52 5.16
CA GLN B 701 25.53 -23.15 5.00
C GLN B 701 24.38 -22.16 4.95
N ILE B 702 23.20 -22.60 4.50
CA ILE B 702 22.05 -21.71 4.45
C ILE B 702 21.68 -21.25 5.85
N THR B 703 21.67 -22.18 6.80
CA THR B 703 21.41 -21.83 8.19
C THR B 703 22.58 -21.13 8.85
N THR B 704 23.77 -21.18 8.25
CA THR B 704 24.91 -20.45 8.79
C THR B 704 24.90 -18.97 8.46
N LEU B 705 23.93 -18.49 7.67
CA LEU B 705 23.93 -17.13 7.17
C LEU B 705 23.44 -16.10 8.19
N ILE B 706 22.81 -16.54 9.29
CA ILE B 706 22.20 -15.58 10.21
C ILE B 706 23.25 -14.64 10.78
N ILE B 707 24.48 -15.11 10.94
CA ILE B 707 25.54 -14.29 11.49
C ILE B 707 26.32 -13.62 10.36
N PHE B 720 35.58 -23.74 10.74
CA PHE B 720 34.23 -24.20 11.05
C PHE B 720 33.84 -25.57 10.52
N HIS B 721 34.85 -26.36 10.16
CA HIS B 721 34.59 -27.72 9.70
C HIS B 721 34.30 -28.65 10.86
N LEU B 722 34.61 -28.24 12.09
CA LEU B 722 34.34 -29.07 13.26
C LEU B 722 32.86 -29.38 13.39
N ASP B 723 32.00 -28.35 13.41
CA ASP B 723 30.57 -28.57 13.55
C ASP B 723 29.97 -29.31 12.35
N LEU B 724 30.41 -28.97 11.15
CA LEU B 724 29.90 -29.64 9.96
C LEU B 724 30.20 -31.13 10.02
N LEU B 725 31.45 -31.47 10.34
CA LEU B 725 31.83 -32.88 10.41
C LEU B 725 31.12 -33.58 11.55
N LEU B 726 30.91 -32.90 12.67
CA LEU B 726 30.12 -33.48 13.75
C LEU B 726 28.70 -33.81 13.28
N ILE B 727 28.08 -32.90 12.53
CA ILE B 727 26.74 -33.15 12.02
C ILE B 727 26.72 -34.33 11.06
N ILE B 728 27.71 -34.41 10.17
CA ILE B 728 27.77 -35.53 9.22
C ILE B 728 27.92 -36.84 9.97
N GLY B 729 28.81 -36.87 10.97
CA GLY B 729 29.00 -38.08 11.74
C GLY B 729 27.75 -38.49 12.49
N MET B 730 27.06 -37.51 13.10
CA MET B 730 25.81 -37.82 13.78
C MET B 730 24.75 -38.35 12.82
N GLY B 731 24.65 -37.77 11.63
CA GLY B 731 23.72 -38.28 10.64
C GLY B 731 24.04 -39.72 10.24
N GLY B 732 25.33 -40.00 10.06
CA GLY B 732 25.73 -41.38 9.76
C GLY B 732 25.39 -42.34 10.88
N VAL B 733 25.60 -41.91 12.12
CA VAL B 733 25.29 -42.76 13.27
C VAL B 733 23.79 -43.01 13.37
N GLY B 734 22.98 -42.00 13.04
CA GLY B 734 21.55 -42.12 13.24
C GLY B 734 20.91 -43.29 12.53
N ALA B 735 21.55 -43.79 11.47
CA ALA B 735 21.03 -44.90 10.71
C ALA B 735 21.35 -46.25 11.34
N ILE B 736 22.14 -46.27 12.42
CA ILE B 736 22.58 -47.54 12.99
C ILE B 736 21.38 -48.35 13.49
N PHE B 737 20.52 -47.72 14.28
CA PHE B 737 19.35 -48.40 14.84
C PHE B 737 18.08 -48.26 14.01
N GLY B 738 18.17 -47.60 12.86
CA GLY B 738 17.02 -47.45 11.99
C GLY B 738 16.22 -46.19 12.25
N MET B 739 16.91 -45.05 12.32
CA MET B 739 16.25 -43.75 12.38
C MET B 739 16.71 -42.83 11.25
N PRO B 740 15.84 -41.96 10.77
CA PRO B 740 16.26 -41.01 9.72
C PRO B 740 17.19 -39.95 10.26
N TRP B 741 17.97 -39.37 9.35
CA TRP B 741 18.88 -38.30 9.70
C TRP B 741 18.15 -36.97 9.78
N LEU B 742 18.75 -36.04 10.52
CA LEU B 742 18.18 -34.72 10.76
C LEU B 742 18.93 -33.68 9.93
N SER B 743 18.56 -32.41 10.13
CA SER B 743 19.17 -31.31 9.40
C SER B 743 19.10 -30.05 10.27
N ALA B 744 19.89 -29.07 9.88
CA ALA B 744 19.91 -27.80 10.61
C ALA B 744 18.58 -27.04 10.49
N THR B 745 18.31 -26.22 11.49
CA THR B 745 17.11 -25.40 11.51
C THR B 745 17.43 -24.09 12.22
N THR B 746 16.39 -23.29 12.45
CA THR B 746 16.55 -21.93 12.93
C THR B 746 16.98 -21.93 14.39
N VAL B 747 17.09 -20.73 14.96
CA VAL B 747 17.47 -20.55 16.35
C VAL B 747 16.49 -21.26 17.27
N LYS B 775 27.44 -20.89 28.78
CA LYS B 775 26.28 -20.01 28.73
C LYS B 775 25.01 -20.85 28.60
N GLU B 776 23.85 -20.20 28.77
CA GLU B 776 22.56 -20.88 28.68
C GLU B 776 22.22 -21.39 27.29
N GLN B 777 23.11 -21.22 26.31
CA GLN B 777 22.88 -21.81 25.00
C GLN B 777 22.82 -23.33 25.10
N ARG B 778 23.82 -23.91 25.77
CA ARG B 778 23.86 -25.35 25.97
C ARG B 778 22.63 -25.82 26.73
N ILE B 779 22.23 -25.07 27.75
CA ILE B 779 21.02 -25.42 28.50
C ILE B 779 19.77 -25.37 27.62
N SER B 780 19.70 -24.40 26.71
CA SER B 780 18.56 -24.34 25.81
C SER B 780 18.46 -25.59 24.96
N GLY B 781 19.57 -25.96 24.30
CA GLY B 781 19.56 -27.18 23.52
C GLY B 781 19.22 -28.40 24.35
N LEU B 782 19.83 -28.49 25.54
CA LEU B 782 19.49 -29.56 26.47
C LEU B 782 17.99 -29.66 26.72
N LEU B 783 17.35 -28.53 27.03
CA LEU B 783 15.94 -28.54 27.37
C LEU B 783 15.06 -28.94 26.20
N VAL B 784 15.32 -28.39 25.01
CA VAL B 784 14.46 -28.75 23.88
C VAL B 784 14.67 -30.22 23.53
N ALA B 785 15.91 -30.71 23.60
CA ALA B 785 16.16 -32.11 23.28
C ALA B 785 15.44 -33.03 24.26
N VAL B 786 15.53 -32.73 25.56
CA VAL B 786 14.86 -33.57 26.54
C VAL B 786 13.34 -33.50 26.41
N LEU B 787 12.79 -32.33 26.10
CA LEU B 787 11.36 -32.23 25.87
C LEU B 787 10.94 -33.05 24.65
N VAL B 788 11.76 -33.03 23.60
CA VAL B 788 11.47 -33.85 22.42
C VAL B 788 11.46 -35.32 22.81
N GLY B 789 12.44 -35.75 23.60
CA GLY B 789 12.45 -37.13 24.06
C GLY B 789 11.22 -37.47 24.86
N VAL B 790 10.79 -36.56 25.73
CA VAL B 790 9.60 -36.78 26.54
C VAL B 790 8.33 -36.86 25.68
N SER B 791 8.30 -36.14 24.56
CA SER B 791 7.09 -36.06 23.76
C SER B 791 6.67 -37.43 23.24
N ILE B 792 7.57 -38.41 23.21
CA ILE B 792 7.25 -39.74 22.71
C ILE B 792 6.11 -40.39 23.48
N LEU B 793 5.82 -39.92 24.70
CA LEU B 793 4.89 -40.59 25.60
C LEU B 793 3.42 -40.32 25.32
N MET B 794 3.10 -39.42 24.40
CA MET B 794 1.72 -39.01 24.14
C MET B 794 1.08 -39.83 23.02
N GLY B 795 1.50 -41.07 22.83
CA GLY B 795 1.02 -41.87 21.73
C GLY B 795 -0.49 -42.07 21.75
N PRO B 796 -1.04 -42.44 22.90
CA PRO B 796 -2.50 -42.69 22.94
C PRO B 796 -3.32 -41.51 22.47
N VAL B 797 -3.07 -40.31 23.02
CA VAL B 797 -3.81 -39.13 22.58
C VAL B 797 -3.47 -38.74 21.15
N LEU B 798 -2.21 -38.88 20.76
CA LEU B 798 -1.79 -38.49 19.41
C LEU B 798 -2.42 -39.37 18.35
N ARG B 799 -2.76 -40.62 18.68
CA ARG B 799 -3.37 -41.50 17.69
C ARG B 799 -4.76 -41.01 17.27
N HIS B 800 -5.34 -40.07 18.00
CA HIS B 800 -6.60 -39.46 17.60
C HIS B 800 -6.42 -38.43 16.49
N ILE B 801 -5.19 -38.07 16.16
CA ILE B 801 -4.90 -37.00 15.21
C ILE B 801 -5.03 -37.54 13.79
N PRO B 802 -5.86 -36.94 12.93
CA PRO B 802 -5.94 -37.41 11.54
C PRO B 802 -4.78 -36.91 10.70
N LEU B 803 -4.63 -37.54 9.54
CA LEU B 803 -3.52 -37.24 8.65
C LEU B 803 -3.78 -36.03 7.77
N ALA B 804 -5.04 -35.75 7.46
CA ALA B 804 -5.36 -34.59 6.63
C ALA B 804 -4.84 -33.30 7.24
N VAL B 805 -4.87 -33.21 8.56
CA VAL B 805 -4.34 -32.03 9.23
C VAL B 805 -2.85 -31.88 8.95
N LEU B 806 -2.12 -33.00 9.05
CA LEU B 806 -0.69 -32.95 8.77
C LEU B 806 -0.42 -32.53 7.33
N PHE B 807 -1.21 -33.07 6.40
CA PHE B 807 -1.00 -32.70 4.99
C PHE B 807 -1.30 -31.23 4.76
N GLY B 808 -2.36 -30.71 5.38
CA GLY B 808 -2.67 -29.30 5.24
C GLY B 808 -1.57 -28.42 5.82
N ILE B 809 -1.04 -28.79 6.98
CA ILE B 809 0.03 -28.01 7.59
C ILE B 809 1.28 -28.06 6.71
N PHE B 810 1.56 -29.23 6.15
CA PHE B 810 2.72 -29.36 5.26
C PHE B 810 2.56 -28.49 4.03
N LEU B 811 1.36 -28.46 3.45
CA LEU B 811 1.11 -27.61 2.30
C LEU B 811 1.27 -26.14 2.66
N TYR B 812 0.75 -25.74 3.83
CA TYR B 812 0.90 -24.36 4.27
C TYR B 812 2.36 -24.01 4.45
N MET B 813 3.14 -24.92 5.05
CA MET B 813 4.57 -24.67 5.23
C MET B 813 5.26 -24.50 3.89
N GLY B 814 4.93 -25.36 2.93
CA GLY B 814 5.53 -25.25 1.61
C GLY B 814 5.19 -23.92 0.94
N VAL B 815 3.93 -23.51 1.04
CA VAL B 815 3.52 -22.25 0.42
C VAL B 815 4.25 -21.08 1.07
N THR B 816 4.33 -21.09 2.41
CA THR B 816 5.01 -20.00 3.10
C THR B 816 6.48 -19.95 2.74
N SER B 817 7.12 -21.12 2.65
CA SER B 817 8.52 -21.15 2.23
C SER B 817 8.68 -20.60 0.82
N LEU B 818 7.71 -20.91 -0.05
CA LEU B 818 7.74 -20.36 -1.40
C LEU B 818 7.62 -18.85 -1.38
N SER B 819 6.77 -18.32 -0.48
CA SER B 819 6.55 -16.88 -0.43
C SER B 819 7.84 -16.10 -0.15
N GLY B 820 8.81 -16.73 0.52
CA GLY B 820 10.05 -16.04 0.84
C GLY B 820 11.05 -15.96 -0.28
N ILE B 821 10.74 -16.54 -1.44
CA ILE B 821 11.66 -16.53 -2.58
C ILE B 821 11.37 -15.34 -3.50
N GLN B 822 12.41 -14.54 -3.77
CA GLN B 822 12.47 -13.40 -4.67
C GLN B 822 12.45 -13.83 -6.13
N LEU B 823 13.06 -14.97 -6.45
CA LEU B 823 13.01 -15.61 -7.76
C LEU B 823 11.57 -15.80 -8.19
N PHE B 824 10.71 -16.28 -7.28
CA PHE B 824 9.30 -16.42 -7.61
C PHE B 824 8.66 -15.08 -7.88
N ASP B 825 9.05 -14.04 -7.14
CA ASP B 825 8.59 -12.67 -7.28
C ASP B 825 8.82 -12.16 -8.69
N ARG B 826 10.04 -12.29 -9.21
CA ARG B 826 10.44 -11.92 -10.56
C ARG B 826 9.79 -12.85 -11.59
N VAL B 827 9.59 -14.12 -11.25
CA VAL B 827 8.89 -15.11 -12.08
C VAL B 827 7.48 -14.64 -12.39
N LEU B 828 6.74 -14.24 -11.37
CA LEU B 828 5.36 -13.77 -11.44
C LEU B 828 5.29 -12.36 -12.03
N LEU B 829 6.31 -11.53 -11.81
CA LEU B 829 6.48 -10.22 -12.43
C LEU B 829 6.66 -10.35 -13.94
N LEU B 830 7.23 -11.45 -14.39
CA LEU B 830 7.35 -11.67 -15.83
C LEU B 830 5.99 -11.55 -16.51
N LEU B 831 4.97 -12.19 -15.94
CA LEU B 831 3.61 -12.05 -16.46
C LEU B 831 3.05 -10.66 -16.22
N LYS B 832 3.47 -10.01 -15.15
CA LYS B 832 2.96 -8.68 -14.84
C LYS B 832 3.34 -7.72 -15.96
N PRO B 833 2.45 -6.80 -16.35
CA PRO B 833 2.78 -5.86 -17.43
C PRO B 833 3.97 -4.99 -17.06
N ARG B 834 4.74 -4.62 -18.08
CA ARG B 834 5.93 -3.78 -17.89
C ARG B 834 5.61 -2.30 -17.69
N LYS B 835 4.67 -2.00 -16.80
CA LYS B 835 4.33 -0.63 -16.45
C LYS B 835 4.02 -0.39 -14.98
N TYR B 836 4.14 -1.41 -14.12
CA TYR B 836 3.81 -1.27 -12.71
C TYR B 836 4.82 -2.00 -11.83
N TYR B 837 5.97 -2.35 -12.36
CA TYR B 837 6.93 -3.12 -11.59
C TYR B 837 7.42 -2.33 -10.39
N PRO B 838 7.37 -2.89 -9.19
CA PRO B 838 7.89 -2.16 -8.02
C PRO B 838 9.38 -1.88 -8.17
N GLU B 839 9.81 -0.75 -7.62
CA GLU B 839 11.21 -0.34 -7.71
C GLU B 839 12.06 -1.26 -6.85
N VAL B 840 12.79 -2.15 -7.50
CA VAL B 840 13.78 -3.02 -6.84
C VAL B 840 15.14 -2.70 -7.45
N PRO B 841 16.20 -2.57 -6.65
CA PRO B 841 17.49 -2.15 -7.20
C PRO B 841 18.23 -3.28 -7.94
N TYR B 842 17.47 -4.10 -8.65
CA TYR B 842 18.05 -5.02 -9.63
C TYR B 842 17.31 -5.08 -10.96
N ALA B 843 16.15 -4.42 -11.08
CA ALA B 843 15.36 -4.42 -12.30
C ALA B 843 15.34 -3.08 -13.00
N ARG B 844 15.29 -1.98 -12.26
CA ARG B 844 15.28 -0.65 -12.88
C ARG B 844 16.52 -0.34 -13.69
N ARG B 845 17.63 -1.02 -13.40
CA ARG B 845 18.90 -0.82 -14.09
C ARG B 845 19.19 -1.91 -15.10
N VAL B 846 18.25 -2.83 -15.32
CA VAL B 846 18.42 -3.94 -16.25
C VAL B 846 17.25 -4.01 -17.22
N LYS B 847 17.54 -4.32 -18.48
CA LYS B 847 16.49 -4.51 -19.45
C LYS B 847 15.60 -5.69 -19.03
N THR B 848 14.29 -5.51 -19.17
CA THR B 848 13.35 -6.51 -18.67
C THR B 848 13.54 -7.84 -19.37
N TRP B 849 13.68 -7.82 -20.70
CA TRP B 849 13.79 -9.07 -21.45
C TRP B 849 15.03 -9.86 -21.04
N ARG B 850 16.12 -9.18 -20.68
CA ARG B 850 17.30 -9.90 -20.20
C ARG B 850 16.99 -10.68 -18.93
N MET B 851 16.31 -10.04 -17.98
CA MET B 851 15.91 -10.76 -16.77
C MET B 851 14.94 -11.89 -17.09
N HIS B 852 14.10 -11.69 -18.12
CA HIS B 852 13.23 -12.77 -18.56
C HIS B 852 14.05 -13.96 -19.06
N LEU B 853 15.15 -13.68 -19.75
CA LEU B 853 16.02 -14.76 -20.21
C LEU B 853 16.59 -15.54 -19.03
N PHE B 854 17.06 -14.82 -18.01
CA PHE B 854 17.55 -15.50 -16.81
C PHE B 854 16.46 -16.34 -16.15
N THR B 855 15.26 -15.79 -16.04
CA THR B 855 14.15 -16.53 -15.47
C THR B 855 13.83 -17.78 -16.28
N ILE B 856 13.88 -17.70 -17.61
CA ILE B 856 13.57 -18.84 -18.45
C ILE B 856 14.65 -19.91 -18.30
N THR B 857 15.90 -19.49 -18.16
CA THR B 857 16.96 -20.47 -17.91
C THR B 857 16.69 -21.23 -16.62
N GLN B 858 16.41 -20.49 -15.54
CA GLN B 858 16.04 -21.15 -14.29
C GLN B 858 14.84 -22.06 -14.47
N ILE B 859 13.86 -21.62 -15.24
CA ILE B 859 12.62 -22.38 -15.41
C ILE B 859 12.88 -23.69 -16.14
N VAL B 860 13.68 -23.64 -17.19
CA VAL B 860 13.97 -24.86 -17.94
C VAL B 860 14.77 -25.83 -17.09
N CYS B 861 15.72 -25.31 -16.30
CA CYS B 861 16.42 -26.18 -15.37
C CYS B 861 15.44 -26.86 -14.40
N LEU B 862 14.50 -26.07 -13.86
CA LEU B 862 13.52 -26.62 -12.93
C LEU B 862 12.64 -27.66 -13.61
N VAL B 863 12.25 -27.41 -14.86
CA VAL B 863 11.39 -28.34 -15.58
C VAL B 863 12.13 -29.66 -15.81
N VAL B 864 13.40 -29.58 -16.18
CA VAL B 864 14.18 -30.79 -16.37
C VAL B 864 14.28 -31.57 -15.06
N LEU B 865 14.51 -30.85 -13.95
CA LEU B 865 14.56 -31.53 -12.66
C LEU B 865 13.23 -32.19 -12.35
N TRP B 866 12.12 -31.52 -12.63
CA TRP B 866 10.80 -32.08 -12.38
C TRP B 866 10.59 -33.33 -13.22
N VAL B 867 11.01 -33.30 -14.48
CA VAL B 867 10.85 -34.46 -15.35
C VAL B 867 11.66 -35.63 -14.80
N VAL B 868 12.90 -35.37 -14.40
CA VAL B 868 13.72 -36.44 -13.81
C VAL B 868 13.02 -37.00 -12.59
N ARG B 869 12.42 -36.13 -11.78
CA ARG B 869 11.69 -36.57 -10.61
C ARG B 869 10.52 -37.46 -10.99
N SER B 870 9.83 -37.12 -12.08
CA SER B 870 8.67 -37.89 -12.51
C SER B 870 9.05 -39.32 -12.89
N ILE B 871 10.16 -39.47 -13.62
CA ILE B 871 10.54 -40.80 -14.11
C ILE B 871 11.09 -41.63 -12.96
N LYS B 872 10.48 -42.78 -12.73
CA LYS B 872 10.89 -43.66 -11.64
C LYS B 872 12.16 -44.42 -11.97
N GLN B 873 12.31 -44.87 -13.22
CA GLN B 873 13.50 -45.64 -13.59
C GLN B 873 14.76 -44.83 -13.36
N ILE B 874 14.76 -43.57 -13.80
CA ILE B 874 15.90 -42.68 -13.61
C ILE B 874 15.54 -41.79 -12.42
N SER B 875 16.10 -42.12 -11.25
CA SER B 875 15.85 -41.38 -10.03
C SER B 875 17.13 -41.37 -9.20
N LEU B 876 17.11 -40.64 -8.10
CA LEU B 876 18.23 -40.50 -7.19
C LEU B 876 19.39 -39.73 -7.82
N ALA B 877 19.23 -39.27 -9.06
CA ALA B 877 20.24 -38.48 -9.75
C ALA B 877 19.97 -36.99 -9.69
N LEU B 878 18.88 -36.58 -9.04
CA LEU B 878 18.55 -35.16 -8.94
C LEU B 878 19.67 -34.34 -8.32
N PRO B 879 20.31 -34.77 -7.23
CA PRO B 879 21.40 -33.95 -6.67
C PRO B 879 22.52 -33.68 -7.66
N PHE B 880 22.91 -34.68 -8.45
CA PHE B 880 24.00 -34.62 -9.42
C PHE B 880 23.68 -33.61 -10.52
N ILE B 881 22.51 -33.75 -11.14
CA ILE B 881 22.08 -32.82 -12.17
C ILE B 881 21.94 -31.41 -11.61
N LEU B 882 21.52 -31.29 -10.35
CA LEU B 882 21.38 -29.98 -9.75
C LEU B 882 22.74 -29.33 -9.52
N ILE B 883 23.71 -30.09 -9.01
CA ILE B 883 25.07 -29.66 -8.68
C ILE B 883 25.80 -29.21 -9.94
N LEU B 884 25.66 -29.97 -11.02
CA LEU B 884 26.34 -29.54 -12.25
C LEU B 884 25.82 -28.21 -12.77
N THR B 885 24.76 -27.67 -12.17
CA THR B 885 24.29 -26.34 -12.53
C THR B 885 25.23 -25.24 -12.03
N VAL B 886 25.86 -25.46 -10.87
CA VAL B 886 26.73 -24.42 -10.31
C VAL B 886 27.89 -24.10 -11.25
N PRO B 887 28.61 -25.07 -11.82
CA PRO B 887 29.60 -24.73 -12.84
C PRO B 887 29.01 -24.00 -14.03
N LEU B 888 27.77 -24.33 -14.41
CA LEU B 888 27.12 -23.60 -15.49
C LEU B 888 26.98 -22.12 -15.13
N ARG B 889 26.58 -21.84 -13.89
CA ARG B 889 26.56 -20.45 -13.43
C ARG B 889 27.96 -19.85 -13.43
N ARG B 890 28.97 -20.67 -13.13
CA ARG B 890 30.31 -20.13 -12.98
C ARG B 890 31.02 -20.00 -14.33
N PHE B 891 30.57 -20.72 -15.34
CA PHE B 891 31.22 -20.68 -16.66
C PHE B 891 30.29 -20.20 -17.76
N LEU B 892 29.09 -20.78 -17.87
CA LEU B 892 28.23 -20.44 -19.00
C LEU B 892 27.65 -19.03 -18.87
N LEU B 893 27.13 -18.68 -17.69
CA LEU B 893 26.48 -17.41 -17.41
C LEU B 893 27.39 -16.23 -17.65
N PRO B 894 28.63 -16.20 -17.14
CA PRO B 894 29.53 -15.09 -17.49
C PRO B 894 29.77 -14.98 -18.98
N PHE B 895 29.74 -16.10 -19.71
CA PHE B 895 29.96 -16.07 -21.15
C PHE B 895 28.84 -15.36 -21.89
N ILE B 896 27.64 -15.33 -21.31
CA ILE B 896 26.49 -14.74 -21.98
C ILE B 896 26.19 -13.33 -21.50
N PHE B 897 26.31 -13.06 -20.20
CA PHE B 897 25.92 -11.86 -19.48
C PHE B 897 27.13 -11.15 -18.92
N ARG B 898 27.04 -9.83 -18.79
CA ARG B 898 28.11 -9.04 -18.23
C ARG B 898 28.25 -9.23 -16.72
N ASP B 899 29.45 -8.93 -16.22
CA ASP B 899 29.68 -9.04 -14.79
C ASP B 899 28.78 -8.08 -14.01
N MET B 900 28.63 -6.85 -14.49
CA MET B 900 27.76 -5.90 -13.82
C MET B 900 26.29 -6.37 -13.85
N GLU B 901 25.85 -6.92 -14.98
CA GLU B 901 24.51 -7.48 -15.03
C GLU B 901 24.34 -8.60 -14.00
N LEU B 902 25.28 -9.53 -13.98
CA LEU B 902 25.16 -10.69 -13.10
C LEU B 902 25.30 -10.31 -11.63
N LYS B 903 25.92 -9.16 -11.35
CA LYS B 903 26.05 -8.66 -9.98
C LYS B 903 24.75 -8.17 -9.36
N LEU B 904 23.63 -8.26 -10.08
CA LEU B 904 22.34 -7.78 -9.60
C LEU B 904 21.31 -8.87 -9.38
N LEU B 905 21.43 -10.01 -10.06
CA LEU B 905 20.42 -11.06 -9.99
C LEU B 905 20.71 -12.06 -8.89
N ASP B 906 21.88 -12.71 -8.94
CA ASP B 906 22.28 -13.69 -7.93
C ASP B 906 23.20 -13.09 -6.87
N ALA B 907 23.02 -11.80 -6.58
CA ALA B 907 23.85 -11.11 -5.59
C ALA B 907 23.48 -11.52 -4.16
N ASP B 908 24.01 -12.66 -3.73
CA ASP B 908 23.71 -13.18 -2.41
C ASP B 908 24.23 -12.24 -1.32
N ASP B 909 23.42 -12.01 -0.30
CA ASP B 909 23.81 -11.17 0.82
C ASP B 909 24.27 -12.01 2.01
N VAL C 67 2.57 53.71 5.94
CA VAL C 67 2.00 52.62 6.71
C VAL C 67 3.00 52.11 7.74
N CYS C 68 2.50 51.78 8.93
CA CYS C 68 3.32 51.31 10.03
C CYS C 68 3.24 49.81 10.21
N VAL C 69 4.39 49.16 10.37
CA VAL C 69 4.62 47.74 10.61
C VAL C 69 5.51 47.60 11.84
N GLN C 70 5.11 46.75 12.77
CA GLN C 70 5.90 46.43 13.95
C GLN C 70 5.95 44.93 14.16
N LEU C 71 7.16 44.41 14.44
CA LEU C 71 7.54 43.02 14.60
C LEU C 71 7.88 42.74 16.06
N ARG C 72 7.32 41.65 16.58
CA ARG C 72 7.55 41.23 17.96
C ARG C 72 8.01 39.79 18.05
N GLU C 73 8.96 39.54 18.94
CA GLU C 73 9.52 38.22 19.16
C GLU C 73 9.05 37.65 20.49
N LEU C 74 8.75 36.35 20.49
CA LEU C 74 8.38 35.65 21.71
C LEU C 74 9.64 35.46 22.55
N VAL C 75 9.72 36.16 23.68
CA VAL C 75 10.90 36.16 24.53
C VAL C 75 10.45 36.03 25.98
N MET C 76 11.43 35.94 26.87
CA MET C 76 11.19 35.91 28.31
C MET C 76 12.08 36.96 28.96
N ASP C 77 11.47 37.86 29.72
CA ASP C 77 12.23 38.85 30.47
C ASP C 77 13.00 38.18 31.60
N GLU C 78 14.20 38.70 31.85
CA GLU C 78 15.04 38.19 32.93
C GLU C 78 14.66 38.71 34.32
N LYS C 79 13.75 39.68 34.40
CA LYS C 79 13.33 40.24 35.68
C LYS C 79 12.13 39.48 36.25
N ASN C 80 11.12 39.21 35.44
CA ASN C 80 9.94 38.47 35.88
C ASN C 80 9.94 37.01 35.43
N GLN C 81 10.82 36.65 34.49
CA GLN C 81 10.92 35.27 34.02
C GLN C 81 9.60 34.76 33.43
N GLU C 82 8.83 35.67 32.84
CA GLU C 82 7.59 35.32 32.16
C GLU C 82 7.73 35.40 30.65
N ILE C 83 7.07 34.49 29.94
CA ILE C 83 7.12 34.50 28.49
C ILE C 83 6.22 35.61 27.98
N GLN C 84 6.77 36.50 27.16
CA GLN C 84 6.05 37.65 26.65
C GLN C 84 6.46 37.89 25.20
N TRP C 85 5.85 38.90 24.59
CA TRP C 85 6.19 39.34 23.24
C TRP C 85 6.86 40.71 23.33
N MET C 86 8.06 40.81 22.77
CA MET C 86 8.83 42.04 22.80
C MET C 86 9.11 42.50 21.37
N GLU C 87 8.81 43.76 21.09
CA GLU C 87 9.07 44.31 19.77
C GLU C 87 10.56 44.38 19.49
N THR C 88 10.94 44.01 18.28
CA THR C 88 12.35 44.05 17.86
C THR C 88 12.66 45.11 16.81
N ALA C 89 11.72 45.43 15.94
CA ALA C 89 11.92 46.46 14.93
C ALA C 89 10.58 47.05 14.49
N ARG C 90 10.65 48.23 13.86
CA ARG C 90 9.46 48.90 13.37
C ARG C 90 9.74 49.45 11.97
N TRP C 91 8.67 49.58 11.19
CA TRP C 91 8.73 50.10 9.83
C TRP C 91 7.74 51.25 9.63
N VAL C 92 8.22 52.48 9.76
CA VAL C 92 7.48 53.72 9.52
C VAL C 92 8.32 54.52 8.54
N GLY C 93 8.07 54.35 7.25
CA GLY C 93 8.91 54.95 6.21
C GLY C 93 10.19 54.18 5.97
N LEU C 94 10.88 53.79 7.04
CA LEU C 94 12.12 53.02 6.95
C LEU C 94 12.27 52.21 8.23
N GLU C 95 13.13 51.18 8.17
CA GLU C 95 13.28 50.23 9.26
C GLU C 95 14.08 50.86 10.39
N GLU C 96 13.51 50.85 11.59
CA GLU C 96 14.23 51.20 12.82
C GLU C 96 14.29 49.96 13.70
N ASN C 97 15.48 49.41 13.88
CA ASN C 97 15.68 48.24 14.72
C ASN C 97 15.83 48.68 16.17
N LEU C 98 15.19 47.95 17.08
CA LEU C 98 15.25 48.29 18.49
C LEU C 98 16.53 47.73 19.10
N GLY C 99 17.27 48.59 19.80
CA GLY C 99 18.51 48.13 20.46
C GLY C 99 18.24 47.65 21.87
N LYS C 100 19.26 47.12 22.56
CA LYS C 100 19.08 46.69 23.97
C LYS C 100 18.84 47.92 24.84
N ASP C 101 19.86 48.36 25.59
CA ASP C 101 19.73 49.61 26.38
C ASP C 101 19.61 50.79 25.41
N GLY C 102 20.22 50.67 24.22
CA GLY C 102 20.16 51.74 23.21
C GLY C 102 18.72 51.89 22.69
N ILE C 103 18.34 53.12 22.31
CA ILE C 103 16.98 53.40 21.77
C ILE C 103 16.90 52.92 20.33
N TRP C 104 15.71 52.95 19.73
CA TRP C 104 15.53 52.50 18.32
C TRP C 104 16.74 52.89 17.47
N GLY C 105 17.31 51.94 16.74
CA GLY C 105 18.43 52.23 15.86
C GLY C 105 18.08 53.27 14.83
N ARG C 106 19.08 53.60 14.01
CA ARG C 106 18.87 54.58 12.95
C ARG C 106 17.97 53.99 11.87
N PRO C 107 17.11 54.80 11.25
CA PRO C 107 16.36 54.29 10.09
C PRO C 107 17.30 53.83 8.99
N HIS C 108 16.93 52.72 8.34
CA HIS C 108 17.78 52.14 7.32
C HIS C 108 16.94 51.27 6.41
N LEU C 109 17.51 50.94 5.25
CA LEU C 109 16.80 50.10 4.29
C LEU C 109 17.04 48.63 4.61
N PRO C 110 16.00 47.79 4.60
CA PRO C 110 16.16 46.41 5.04
C PRO C 110 17.02 45.52 4.15
N TYR C 111 17.66 44.53 4.77
CA TYR C 111 18.44 43.52 4.06
C TYR C 111 18.18 42.16 4.68
N LEU C 112 18.08 41.14 3.81
CA LEU C 112 17.63 39.82 4.20
C LEU C 112 18.60 38.75 3.70
N ASN C 113 18.67 37.66 4.44
CA ASN C 113 19.48 36.51 4.07
C ASN C 113 18.62 35.48 3.35
N PHE C 114 19.29 34.57 2.63
CA PHE C 114 18.71 33.61 1.71
C PHE C 114 17.72 32.69 2.39
N TRP C 115 18.17 31.94 3.40
CA TRP C 115 17.27 30.92 4.01
C TRP C 115 15.94 31.55 4.45
N SER C 116 16.02 32.64 5.22
CA SER C 116 14.80 33.30 5.71
C SER C 116 13.77 33.41 4.60
N LEU C 117 14.20 33.81 3.41
CA LEU C 117 13.38 33.94 2.20
C LEU C 117 12.94 32.57 1.69
N LEU C 118 13.87 31.64 1.58
CA LEU C 118 13.65 30.28 1.11
C LEU C 118 12.53 29.61 1.89
N GLU C 119 12.62 29.64 3.22
CA GLU C 119 11.69 29.06 4.18
C GLU C 119 10.34 29.75 4.14
N LEU C 120 10.33 31.08 3.97
CA LEU C 120 9.13 31.90 3.86
C LEU C 120 8.29 31.48 2.65
N GLN C 121 8.95 31.25 1.51
CA GLN C 121 8.24 30.78 0.29
C GLN C 121 7.73 29.36 0.53
N LYS C 122 8.53 28.50 1.17
CA LYS C 122 8.12 27.16 1.56
C LYS C 122 6.85 27.21 2.40
N ALA C 123 6.82 28.09 3.40
CA ALA C 123 5.71 28.30 4.32
C ALA C 123 4.48 28.82 3.59
N PHE C 124 4.67 29.83 2.73
CA PHE C 124 3.66 30.52 1.94
C PHE C 124 3.12 29.63 0.83
N ALA C 125 3.87 28.59 0.44
CA ALA C 125 3.31 27.60 -0.47
C ALA C 125 2.10 26.92 0.15
N LYS C 126 2.14 26.70 1.46
CA LYS C 126 1.03 26.12 2.22
C LYS C 126 0.64 27.01 3.39
N GLY C 127 0.81 28.33 3.22
CA GLY C 127 0.51 29.24 4.30
C GLY C 127 -0.97 29.42 4.52
N THR C 128 -1.31 29.90 5.71
CA THR C 128 -2.69 30.14 6.12
C THR C 128 -2.97 31.64 6.05
N VAL C 129 -4.09 31.99 5.42
CA VAL C 129 -4.52 33.38 5.27
C VAL C 129 -6.00 33.50 5.57
N LEU C 130 -6.36 34.44 6.44
CA LEU C 130 -7.75 34.70 6.82
C LEU C 130 -8.07 36.16 6.51
N LEU C 131 -8.63 36.40 5.32
CA LEU C 131 -9.07 37.76 4.91
C LEU C 131 -10.42 38.27 5.46
N ASP C 132 -10.59 39.59 5.60
CA ASP C 132 -11.84 40.15 6.20
C ASP C 132 -12.34 39.32 7.40
N LEU C 133 -11.47 39.04 8.37
CA LEU C 133 -11.85 38.21 9.54
C LEU C 133 -12.73 39.03 10.48
N PRO C 134 -13.92 38.54 10.92
CA PRO C 134 -14.75 39.29 11.89
C PRO C 134 -14.23 39.35 13.32
N GLY C 135 -12.99 39.82 13.45
CA GLY C 135 -12.28 39.89 14.71
C GLY C 135 -11.91 41.32 15.05
N LYS C 136 -11.95 41.62 16.35
CA LYS C 136 -11.55 42.92 16.87
C LYS C 136 -10.63 42.88 18.07
N SER C 137 -10.39 41.71 18.65
CA SER C 137 -9.50 41.58 19.79
C SER C 137 -8.48 40.46 19.57
N LEU C 138 -7.48 40.42 20.45
CA LEU C 138 -6.45 39.40 20.34
C LEU C 138 -7.04 37.99 20.50
N ALA C 139 -7.92 37.81 21.49
CA ALA C 139 -8.46 36.48 21.76
C ALA C 139 -9.29 35.97 20.59
N GLU C 140 -10.16 36.83 20.05
CA GLU C 140 -11.03 36.41 18.95
C GLU C 140 -10.20 35.93 17.76
N VAL C 141 -9.26 36.77 17.32
CA VAL C 141 -8.45 36.42 16.16
C VAL C 141 -7.58 35.22 16.48
N ALA C 142 -7.11 35.12 17.72
CA ALA C 142 -6.29 33.97 18.11
C ALA C 142 -7.06 32.67 17.96
N ASN C 143 -8.31 32.67 18.41
CA ASN C 143 -9.18 31.48 18.36
C ASN C 143 -9.49 31.12 16.91
N GLN C 144 -9.84 32.09 16.07
CA GLN C 144 -10.19 31.84 14.68
C GLN C 144 -8.99 31.29 13.90
N LEU C 145 -7.79 31.78 14.20
CA LEU C 145 -6.60 31.26 13.55
C LEU C 145 -6.33 29.81 13.96
N LEU C 146 -6.49 29.50 15.25
CA LEU C 146 -6.32 28.13 15.70
C LEU C 146 -7.33 27.21 15.03
N ASP C 147 -8.58 27.67 14.91
CA ASP C 147 -9.59 26.86 14.24
C ASP C 147 -9.21 26.59 12.79
N ARG C 148 -8.69 27.61 12.10
CA ARG C 148 -8.32 27.43 10.70
C ARG C 148 -7.05 26.59 10.57
N PHE C 149 -6.07 26.82 11.43
CA PHE C 149 -4.86 26.01 11.40
C PHE C 149 -5.16 24.53 11.54
N THR C 150 -6.02 24.16 12.50
CA THR C 150 -6.49 22.79 12.57
C THR C 150 -7.32 22.43 11.34
N PHE C 151 -8.20 23.34 10.91
CA PHE C 151 -9.05 23.06 9.76
C PHE C 151 -8.22 22.75 8.52
N GLU C 152 -7.06 23.38 8.39
CA GLU C 152 -6.20 23.16 7.24
C GLU C 152 -5.27 21.97 7.43
N GLY C 153 -5.46 21.19 8.50
CA GLY C 153 -4.55 20.11 8.79
C GLY C 153 -3.15 20.56 9.14
N GLN C 154 -2.96 21.86 9.37
CA GLN C 154 -1.63 22.38 9.67
C GLN C 154 -1.14 21.87 11.02
N ILE C 155 -2.04 21.81 12.02
CA ILE C 155 -1.68 21.43 13.37
C ILE C 155 -2.71 20.45 13.91
N GLN C 156 -2.33 19.76 14.99
CA GLN C 156 -3.26 18.94 15.73
C GLN C 156 -4.00 19.77 16.78
N PRO C 157 -5.19 19.35 17.18
CA PRO C 157 -5.91 20.11 18.21
C PRO C 157 -5.24 20.19 19.57
N ASP C 158 -4.34 19.24 19.87
CA ASP C 158 -3.80 19.14 21.22
C ASP C 158 -2.98 20.36 21.60
N ASP C 159 -2.19 20.89 20.67
CA ASP C 159 -1.28 21.99 20.96
C ASP C 159 -1.97 23.34 21.00
N GLN C 160 -3.24 23.42 20.61
CA GLN C 160 -3.92 24.70 20.53
C GLN C 160 -3.86 25.48 21.84
N ASP C 161 -4.08 24.80 22.97
CA ASP C 161 -4.20 25.49 24.24
C ASP C 161 -2.89 26.17 24.62
N ASN C 162 -1.79 25.42 24.55
CA ASN C 162 -0.50 25.99 24.88
C ASN C 162 -0.14 27.12 23.93
N LEU C 163 -0.43 26.92 22.64
CA LEU C 163 -0.26 28.00 21.67
C LEU C 163 -1.18 29.16 21.99
N LEU C 164 -2.43 28.86 22.34
CA LEU C 164 -3.33 29.91 22.81
C LEU C 164 -2.79 30.62 24.04
N ARG C 165 -2.15 29.88 24.94
CA ARG C 165 -1.46 30.51 26.06
C ARG C 165 -0.40 31.46 25.55
N VAL C 166 0.39 31.03 24.56
CA VAL C 166 1.37 31.92 23.95
C VAL C 166 0.66 33.05 23.22
N LEU C 167 -0.47 32.76 22.59
CA LEU C 167 -1.21 33.77 21.84
C LEU C 167 -1.70 34.93 22.69
N LEU C 168 -1.83 34.75 24.00
CA LEU C 168 -2.38 35.77 24.88
C LEU C 168 -1.36 36.29 25.90
N LEU C 169 -0.07 36.09 25.64
CA LEU C 169 0.95 36.57 26.55
C LEU C 169 1.05 38.09 26.50
N LYS C 170 1.67 38.65 27.53
CA LYS C 170 1.85 40.10 27.60
C LYS C 170 2.78 40.58 26.50
N HIS C 171 2.59 41.83 26.09
CA HIS C 171 3.37 42.45 25.03
C HIS C 171 4.15 43.62 25.62
N SER C 172 5.47 43.48 25.65
CA SER C 172 6.33 44.53 26.16
C SER C 172 6.75 45.47 25.03
N HIS C 173 7.09 46.70 25.42
CA HIS C 173 7.45 47.75 24.47
C HIS C 173 8.79 48.36 24.88
N ALA C 174 9.29 49.27 24.03
CA ALA C 174 10.60 49.85 24.26
C ALA C 174 10.67 50.56 25.61
N SER C 175 9.58 51.22 26.01
CA SER C 175 9.56 51.87 27.31
C SER C 175 9.78 50.89 28.46
N ASP C 176 9.40 49.63 28.26
CA ASP C 176 9.56 48.60 29.28
C ASP C 176 10.89 47.84 29.15
N MET C 177 11.67 48.10 28.11
CA MET C 177 12.91 47.35 27.93
C MET C 177 13.84 47.54 29.13
N GLU C 178 13.99 48.77 29.60
CA GLU C 178 14.77 49.00 30.82
C GLU C 178 14.04 48.54 32.07
N ALA C 179 12.76 48.23 31.97
CA ALA C 179 12.00 47.65 33.07
C ALA C 179 12.15 46.13 33.14
N LEU C 180 12.89 45.53 32.21
CA LEU C 180 13.14 44.10 32.17
C LEU C 180 14.63 43.84 32.34
N GLY C 181 14.96 42.72 32.99
CA GLY C 181 16.35 42.43 33.26
C GLY C 181 17.12 42.05 32.01
N GLY C 182 16.42 41.58 30.99
CA GLY C 182 17.07 41.18 29.75
C GLY C 182 16.12 40.39 28.87
N VAL C 183 16.37 40.46 27.57
CA VAL C 183 15.56 39.79 26.56
C VAL C 183 16.45 38.78 25.85
N LYS C 184 16.00 37.53 25.81
CA LYS C 184 16.70 36.46 25.12
C LYS C 184 15.71 35.62 24.33
N PRO C 185 16.13 35.01 23.23
CA PRO C 185 15.22 34.15 22.47
C PRO C 185 14.69 33.01 23.33
N VAL C 186 13.40 32.69 23.13
CA VAL C 186 12.73 31.64 23.87
C VAL C 186 12.05 30.71 22.88
N VAL C 187 12.24 29.41 23.05
CA VAL C 187 11.60 28.39 22.24
C VAL C 187 10.58 27.67 23.11
N VAL C 188 9.34 27.58 22.62
CA VAL C 188 8.26 27.00 23.40
C VAL C 188 8.48 25.50 23.53
N THR C 189 8.34 24.99 24.75
CA THR C 189 8.51 23.58 25.06
C THR C 189 7.24 23.05 25.70
N HIS C 190 7.21 21.74 25.92
CA HIS C 190 6.07 21.10 26.55
C HIS C 190 4.80 21.31 25.73
N PRO C 194 9.23 26.61 28.64
CA PRO C 194 10.14 27.47 27.87
C PRO C 194 11.57 26.96 27.84
N SER C 195 12.34 27.41 26.86
CA SER C 195 13.72 27.01 26.70
C SER C 195 14.41 28.02 25.79
N GLU C 196 15.60 27.68 25.32
CA GLU C 196 16.34 28.53 24.39
C GLU C 196 16.74 27.71 23.17
N PRO C 197 16.91 28.35 22.01
CA PRO C 197 17.29 27.60 20.81
C PRO C 197 18.61 26.86 21.02
N LEU C 198 18.65 25.61 20.54
CA LEU C 198 19.88 24.83 20.62
C LEU C 198 20.73 24.98 19.36
N LEU C 199 20.15 25.44 18.26
CA LEU C 199 20.89 25.58 17.02
C LEU C 199 21.80 26.80 17.07
N PRO C 200 22.90 26.80 16.30
CA PRO C 200 23.84 27.94 16.32
C PRO C 200 23.31 29.16 15.57
N GLN C 201 22.32 29.83 16.16
CA GLN C 201 21.67 30.96 15.43
C GLN C 201 22.03 32.30 16.07
N HIS C 202 21.02 33.13 16.36
CA HIS C 202 21.26 34.48 16.92
C HIS C 202 22.14 35.30 15.96
N PRO C 203 21.87 35.30 14.64
CA PRO C 203 22.69 36.02 13.66
C PRO C 203 22.02 37.32 13.20
N SER C 204 21.04 37.82 13.96
CA SER C 204 20.30 39.05 13.58
C SER C 204 21.11 39.88 12.59
N LEU C 205 22.27 40.38 12.99
CA LEU C 205 23.13 41.24 12.19
C LEU C 205 22.73 42.71 12.25
N GLU C 206 21.43 42.99 12.11
CA GLU C 206 20.96 44.41 12.07
C GLU C 206 21.49 45.18 13.27
N THR C 207 21.27 44.67 14.48
CA THR C 207 21.71 45.38 15.72
C THR C 207 23.22 45.64 15.61
N GLU C 208 23.98 44.65 15.13
CA GLU C 208 25.44 44.80 14.97
C GLU C 208 25.72 45.94 13.98
N LEU C 209 24.77 46.22 13.09
CA LEU C 209 24.97 47.24 12.07
C LEU C 209 24.44 48.62 12.48
N PHE C 210 23.18 48.68 12.92
CA PHE C 210 22.50 49.95 13.07
C PHE C 210 22.23 50.35 14.52
N CYS C 211 22.01 49.39 15.42
CA CYS C 211 21.86 49.70 16.83
C CYS C 211 23.20 49.96 17.52
N GLU C 212 24.31 49.60 16.88
CA GLU C 212 25.64 49.87 17.41
C GLU C 212 25.77 49.39 18.86
N LYS C 228 2.76 58.45 15.42
CA LYS C 228 2.47 59.87 15.10
C LYS C 228 1.98 59.98 13.65
N SER C 229 1.86 58.84 12.96
CA SER C 229 1.40 58.84 11.55
C SER C 229 0.23 57.88 11.39
N PRO C 230 -1.01 58.27 11.72
CA PRO C 230 -2.19 57.42 11.52
C PRO C 230 -2.98 57.80 10.27
N GLN C 231 -2.50 58.78 9.50
CA GLN C 231 -3.25 59.28 8.32
C GLN C 231 -3.46 58.13 7.32
N ASP C 232 -2.39 57.43 6.95
CA ASP C 232 -2.48 56.31 5.98
C ASP C 232 -1.42 55.27 6.33
N TRP C 233 -1.31 54.90 7.60
CA TRP C 233 -0.26 53.94 8.04
C TRP C 233 -0.92 52.74 8.72
N GLU C 234 -2.13 52.37 8.29
CA GLU C 234 -2.85 51.22 8.89
C GLU C 234 -1.84 50.25 9.51
N ALA C 235 -1.80 50.16 10.84
CA ALA C 235 -0.84 49.30 11.52
C ALA C 235 -0.90 47.86 11.04
N THR C 236 0.24 47.19 11.11
CA THR C 236 0.50 45.78 10.81
C THR C 236 1.40 45.22 11.91
N LEU C 237 0.95 44.15 12.55
CA LEU C 237 1.71 43.47 13.58
C LEU C 237 2.05 42.04 13.18
N VAL C 238 3.32 41.68 13.30
CA VAL C 238 3.93 40.40 12.98
C VAL C 238 4.52 39.82 14.25
N LEU C 239 4.24 38.55 14.50
CA LEU C 239 4.69 37.85 15.70
C LEU C 239 5.49 36.62 15.27
N VAL C 240 6.68 36.47 15.84
CA VAL C 240 7.58 35.37 15.50
C VAL C 240 7.97 34.64 16.79
N GLY C 241 7.82 33.32 16.79
CA GLY C 241 8.25 32.51 17.91
C GLY C 241 8.67 31.14 17.42
N CYS C 242 9.28 30.38 18.33
CA CYS C 242 9.74 29.03 18.03
C CYS C 242 9.08 28.05 19.00
N ALA C 243 8.61 26.93 18.47
CA ALA C 243 7.99 25.88 19.26
C ALA C 243 8.51 24.54 18.78
N ARG C 244 9.34 23.90 19.61
CA ARG C 244 10.00 22.67 19.19
C ARG C 244 8.99 21.57 18.90
N PHE C 245 7.96 21.43 19.74
CA PHE C 245 7.01 20.34 19.58
C PHE C 245 6.25 20.39 18.26
N LEU C 246 6.23 21.54 17.59
CA LEU C 246 5.60 21.61 16.28
C LEU C 246 6.39 20.80 15.26
N LYS C 247 5.66 20.16 14.34
CA LYS C 247 6.31 19.34 13.33
C LYS C 247 7.01 20.20 12.29
N ARG C 248 6.35 21.25 11.81
CA ARG C 248 6.89 22.11 10.77
C ARG C 248 6.57 23.55 11.10
N PRO C 249 7.35 24.49 10.56
CA PRO C 249 6.99 25.90 10.72
C PRO C 249 5.65 26.20 10.08
N VAL C 250 4.91 27.11 10.72
CA VAL C 250 3.55 27.45 10.31
C VAL C 250 3.47 28.96 10.12
N LEU C 251 2.78 29.36 9.05
CA LEU C 251 2.58 30.77 8.73
C LEU C 251 1.10 31.10 8.86
N GLY C 252 0.80 32.14 9.63
CA GLY C 252 -0.58 32.55 9.82
C GLY C 252 -0.78 34.04 9.61
N PHE C 253 -1.58 34.39 8.61
CA PHE C 253 -1.94 35.77 8.30
C PHE C 253 -3.44 36.00 8.38
N VAL C 254 -3.83 37.12 8.99
CA VAL C 254 -5.27 37.38 9.22
C VAL C 254 -5.63 38.83 8.86
N ARG C 255 -6.32 39.05 7.74
CA ARG C 255 -6.84 40.41 7.37
C ARG C 255 -8.18 40.74 8.06
N LEU C 256 -8.20 41.73 8.96
CA LEU C 256 -9.43 42.02 9.74
C LEU C 256 -10.42 42.82 8.89
N LYS C 257 -11.73 42.63 9.09
CA LYS C 257 -12.75 43.40 8.39
C LYS C 257 -12.55 44.90 8.60
N GLU C 258 -12.13 45.27 9.81
CA GLU C 258 -11.82 46.66 10.13
C GLU C 258 -10.51 46.73 10.90
N PRO C 259 -9.67 47.72 10.63
CA PRO C 259 -8.45 47.87 11.44
C PRO C 259 -8.80 48.23 12.87
N MET C 260 -8.11 47.60 13.81
CA MET C 260 -8.44 47.71 15.23
C MET C 260 -7.19 47.99 16.05
N GLU C 261 -7.36 48.75 17.12
CA GLU C 261 -6.29 48.97 18.10
C GLU C 261 -6.46 48.06 19.31
N PRO C 262 -5.60 47.06 19.50
CA PRO C 262 -5.74 46.18 20.67
C PRO C 262 -4.78 46.54 21.78
N GLU C 263 -3.82 45.68 22.10
CA GLU C 263 -2.89 45.92 23.19
C GLU C 263 -1.49 45.45 22.81
N GLU C 270 -1.56 47.94 19.74
CA GLU C 270 -0.26 48.59 19.61
C GLU C 270 -0.18 49.83 20.50
N GLU C 271 1.01 50.06 21.06
CA GLU C 271 1.22 51.28 21.85
C GLU C 271 0.93 52.54 21.04
N PRO C 272 1.42 52.70 19.81
CA PRO C 272 1.00 53.83 19.00
C PRO C 272 -0.47 53.80 18.59
N ALA C 273 -1.05 54.99 18.42
CA ALA C 273 -2.45 55.13 18.04
C ALA C 273 -2.62 54.88 16.54
N VAL C 274 -2.32 53.66 16.13
CA VAL C 274 -2.46 53.21 14.75
C VAL C 274 -3.28 51.92 14.76
N PRO C 275 -4.40 51.85 14.04
CA PRO C 275 -5.24 50.65 14.12
C PRO C 275 -4.67 49.51 13.29
N VAL C 276 -4.72 48.31 13.86
CA VAL C 276 -4.18 47.12 13.21
C VAL C 276 -5.23 46.44 12.34
N ARG C 277 -4.83 46.09 11.11
CA ARG C 277 -5.74 45.34 10.19
C ARG C 277 -5.02 44.07 9.71
N PHE C 278 -3.73 44.16 9.38
CA PHE C 278 -2.95 43.02 8.92
C PHE C 278 -2.15 42.44 10.07
N LEU C 279 -2.29 41.14 10.29
CA LEU C 279 -1.56 40.44 11.33
C LEU C 279 -0.91 39.17 10.78
N ILE C 280 0.29 38.88 11.25
CA ILE C 280 1.04 37.70 10.82
C ILE C 280 1.63 37.03 12.04
N VAL C 281 1.56 35.71 12.08
CA VAL C 281 2.19 34.91 13.13
C VAL C 281 2.97 33.79 12.46
N LEU C 282 4.27 33.69 12.79
CA LEU C 282 5.14 32.68 12.23
C LEU C 282 5.75 31.88 13.38
N LEU C 283 5.51 30.57 13.38
CA LEU C 283 5.98 29.68 14.43
C LEU C 283 6.65 28.47 13.80
N GLY C 284 7.13 27.57 14.64
CA GLY C 284 7.71 26.34 14.18
C GLY C 284 8.78 25.79 15.09
N PRO C 285 9.23 24.58 14.81
CA PRO C 285 10.33 23.98 15.57
C PRO C 285 11.67 24.54 15.11
N GLU C 286 12.69 24.31 15.93
CA GLU C 286 14.04 24.70 15.56
C GLU C 286 14.53 23.82 14.41
N GLY C 287 15.08 24.45 13.38
CA GLY C 287 15.59 23.73 12.24
C GLY C 287 16.77 24.43 11.61
N PRO C 288 17.61 23.67 10.89
CA PRO C 288 18.76 24.28 10.23
C PRO C 288 18.32 25.33 9.22
N ASN C 289 19.10 26.41 9.12
CA ASN C 289 18.82 27.49 8.19
C ASN C 289 17.49 28.17 8.49
N ILE C 290 17.12 28.22 9.77
CA ILE C 290 15.88 28.86 10.20
C ILE C 290 16.25 29.89 11.24
N ASN C 291 16.35 31.15 10.83
CA ASN C 291 16.52 32.28 11.74
C ASN C 291 15.20 33.01 11.81
N TYR C 292 14.48 32.83 12.92
CA TYR C 292 13.16 33.42 13.05
C TYR C 292 13.22 34.94 12.95
N THR C 293 14.27 35.54 13.52
CA THR C 293 14.54 36.97 13.46
C THR C 293 14.66 37.44 12.02
N GLN C 294 15.51 36.79 11.24
CA GLN C 294 15.64 37.13 9.83
C GLN C 294 14.34 36.85 9.08
N LEU C 295 13.68 35.74 9.41
CA LEU C 295 12.42 35.42 8.76
C LEU C 295 11.38 36.49 9.03
N GLY C 296 11.25 36.91 10.28
CA GLY C 296 10.31 37.98 10.61
C GLY C 296 10.68 39.29 9.91
N ARG C 297 11.98 39.58 9.83
CA ARG C 297 12.42 40.76 9.10
C ARG C 297 12.04 40.66 7.63
N ALA C 298 12.19 39.46 7.04
CA ALA C 298 11.84 39.28 5.64
C ALA C 298 10.35 39.51 5.42
N ALA C 299 9.51 38.96 6.30
CA ALA C 299 8.07 39.14 6.16
C ALA C 299 7.69 40.62 6.28
N ALA C 300 8.29 41.31 7.24
CA ALA C 300 8.04 42.75 7.37
C ALA C 300 8.53 43.50 6.15
N THR C 301 9.69 43.11 5.61
CA THR C 301 10.20 43.75 4.41
C THR C 301 9.26 43.52 3.24
N LEU C 302 8.77 42.29 3.07
CA LEU C 302 7.84 42.02 1.99
C LEU C 302 6.57 42.84 2.13
N MET C 303 6.03 42.93 3.35
CA MET C 303 4.80 43.70 3.55
C MET C 303 5.07 45.19 3.45
N SER C 304 6.33 45.59 3.63
CA SER C 304 6.74 47.02 3.54
C SER C 304 6.63 47.49 2.09
N GLU C 305 6.51 46.56 1.15
CA GLU C 305 6.31 46.87 -0.31
C GLU C 305 4.98 47.56 -0.61
N ARG C 306 5.04 48.75 -1.20
CA ARG C 306 3.84 49.57 -1.43
C ARG C 306 2.83 48.84 -2.30
N VAL C 307 3.29 48.12 -3.32
CA VAL C 307 2.47 47.30 -4.21
C VAL C 307 1.88 46.13 -3.44
N PHE C 308 2.70 45.47 -2.60
CA PHE C 308 2.31 44.36 -1.75
C PHE C 308 1.27 44.80 -0.73
N TRP C 309 1.36 46.04 -0.24
CA TRP C 309 0.35 46.70 0.58
C TRP C 309 -0.98 46.72 -0.16
N ASN C 310 -0.97 47.20 -1.41
CA ASN C 310 -2.12 47.30 -2.29
C ASN C 310 -2.71 45.92 -2.58
N ASP C 311 -1.85 44.93 -2.83
CA ASP C 311 -2.20 43.54 -3.05
C ASP C 311 -2.88 42.94 -1.83
N ALA C 312 -2.36 43.23 -0.64
CA ALA C 312 -2.89 42.81 0.65
C ALA C 312 -4.27 43.40 0.88
N TYR C 313 -4.45 44.68 0.57
CA TYR C 313 -5.73 45.40 0.60
C TYR C 313 -6.71 44.79 -0.40
N LEU C 314 -6.23 44.42 -1.57
CA LEU C 314 -7.03 43.76 -2.59
C LEU C 314 -6.72 42.29 -2.71
N ALA C 315 -6.39 41.62 -1.60
CA ALA C 315 -6.25 40.17 -1.62
C ALA C 315 -7.58 39.45 -1.47
N GLN C 316 -7.86 38.55 -2.40
CA GLN C 316 -9.11 37.80 -2.41
C GLN C 316 -8.94 36.32 -2.09
N SER C 317 -7.74 35.77 -2.23
CA SER C 317 -7.32 34.38 -2.06
C SER C 317 -5.84 34.34 -1.78
N LYS C 318 -5.38 33.17 -1.30
CA LYS C 318 -3.95 32.96 -1.08
C LYS C 318 -3.15 33.04 -2.36
N GLU C 319 -3.78 32.72 -3.49
CA GLU C 319 -3.07 32.71 -4.76
C GLU C 319 -2.55 34.10 -5.11
N THR C 320 -3.38 35.12 -4.92
CA THR C 320 -2.96 36.48 -5.25
C THR C 320 -1.74 36.89 -4.44
N LEU C 321 -1.74 36.59 -3.13
CA LEU C 321 -0.57 36.87 -2.32
C LEU C 321 0.64 36.06 -2.77
N VAL C 322 0.42 34.80 -3.15
CA VAL C 322 1.51 34.01 -3.73
C VAL C 322 2.06 34.66 -4.99
N GLN C 323 1.16 35.11 -5.87
CA GLN C 323 1.60 35.77 -7.09
C GLN C 323 2.34 37.07 -6.78
N SER C 324 1.83 37.84 -5.82
CA SER C 324 2.52 39.06 -5.42
C SER C 324 3.92 38.74 -4.90
N LEU C 325 4.03 37.67 -4.12
CA LEU C 325 5.35 37.23 -3.69
C LEU C 325 6.27 36.90 -4.86
N GLU C 326 5.76 36.12 -5.83
CA GLU C 326 6.60 35.71 -6.94
C GLU C 326 7.09 36.91 -7.74
N GLY C 327 6.22 37.89 -7.95
CA GLY C 327 6.64 39.16 -8.59
C GLY C 327 7.70 39.82 -7.73
N PHE C 328 7.46 39.96 -6.43
CA PHE C 328 8.44 40.54 -5.46
C PHE C 328 9.74 39.74 -5.58
N LEU C 329 9.64 38.40 -5.61
CA LEU C 329 10.83 37.53 -5.83
C LEU C 329 11.53 37.70 -7.17
N ASP C 330 10.77 37.98 -8.23
CA ASP C 330 11.36 38.23 -9.54
C ASP C 330 12.13 39.54 -9.58
N CYS C 331 11.82 40.47 -8.67
CA CYS C 331 12.51 41.74 -8.57
C CYS C 331 13.64 41.70 -7.54
N SER C 332 13.95 40.53 -7.00
CA SER C 332 15.07 40.34 -6.08
C SER C 332 16.36 40.09 -6.83
N LEU C 333 17.50 40.56 -6.30
CA LEU C 333 18.82 40.46 -6.98
C LEU C 333 19.89 40.04 -5.97
N VAL C 334 20.12 38.74 -5.79
CA VAL C 334 21.09 38.23 -4.75
C VAL C 334 22.50 38.71 -5.04
N LEU C 335 23.25 39.12 -4.02
CA LEU C 335 24.65 39.51 -4.14
C LEU C 335 25.51 38.37 -3.63
N PRO C 336 26.18 37.61 -4.50
CA PRO C 336 27.09 36.58 -4.00
C PRO C 336 28.31 37.21 -3.37
N PRO C 337 28.99 36.50 -2.46
CA PRO C 337 30.26 37.01 -1.96
C PRO C 337 31.28 37.12 -3.08
N LEU C 338 32.13 38.15 -3.00
CA LEU C 338 33.06 38.47 -4.06
C LEU C 338 34.42 38.78 -3.47
N ASP C 339 35.45 38.10 -3.98
CA ASP C 339 36.79 38.23 -3.43
C ASP C 339 37.41 39.61 -3.62
N ALA C 340 36.91 40.40 -4.57
CA ALA C 340 37.47 41.72 -4.88
C ALA C 340 36.40 42.80 -4.86
N PRO C 341 36.03 43.30 -3.68
CA PRO C 341 34.97 44.30 -3.59
C PRO C 341 35.32 45.57 -4.34
N SER C 342 34.34 46.14 -5.03
CA SER C 342 34.49 47.41 -5.72
C SER C 342 33.19 48.19 -5.70
N GLU C 343 33.23 49.39 -5.15
CA GLU C 343 32.12 50.34 -5.03
C GLU C 343 31.74 50.91 -6.38
N LYS C 344 32.56 50.66 -7.41
CA LYS C 344 32.29 50.96 -8.81
C LYS C 344 31.47 49.87 -9.47
N ALA C 345 31.77 48.61 -9.16
CA ALA C 345 30.91 47.52 -9.60
C ALA C 345 29.55 47.62 -8.92
N LEU C 346 29.55 48.02 -7.64
CA LEU C 346 28.35 48.67 -7.10
C LEU C 346 28.18 50.03 -7.73
N LEU C 347 26.94 50.55 -7.76
CA LEU C 347 26.49 51.69 -8.55
C LEU C 347 26.28 51.35 -10.02
N SER C 348 26.41 50.06 -10.39
CA SER C 348 26.11 49.59 -11.77
C SER C 348 24.83 48.75 -11.72
N LEU C 349 24.55 48.12 -10.59
CA LEU C 349 23.33 47.39 -10.28
C LEU C 349 22.19 48.31 -9.87
N VAL C 350 22.47 49.60 -9.65
CA VAL C 350 21.43 50.59 -9.43
C VAL C 350 20.49 50.68 -10.63
N PRO C 351 20.98 50.78 -11.88
CA PRO C 351 20.05 50.68 -13.01
C PRO C 351 19.31 49.37 -13.06
N VAL C 352 19.96 48.26 -12.68
CA VAL C 352 19.28 46.98 -12.63
C VAL C 352 18.20 47.02 -11.58
N GLN C 353 18.51 47.55 -10.40
CA GLN C 353 17.58 47.79 -9.30
C GLN C 353 16.37 48.57 -9.78
N LYS C 354 16.60 49.66 -10.50
CA LYS C 354 15.59 50.47 -11.18
C LYS C 354 14.76 49.60 -12.13
N GLU C 355 15.42 48.75 -12.89
CA GLU C 355 14.72 47.88 -13.82
C GLU C 355 13.77 46.94 -13.08
N LEU C 356 14.24 46.33 -12.00
CA LEU C 356 13.49 45.41 -11.14
C LEU C 356 12.30 46.09 -10.47
N LEU C 357 12.51 47.32 -9.99
CA LEU C 357 11.42 48.07 -9.32
C LEU C 357 10.35 48.42 -10.36
N ARG C 358 10.78 48.88 -11.53
CA ARG C 358 9.87 49.17 -12.64
C ARG C 358 8.99 47.97 -12.95
N ARG C 359 9.59 46.77 -12.99
CA ARG C 359 8.92 45.49 -13.16
C ARG C 359 7.99 45.20 -11.99
N ARG C 360 8.42 45.55 -10.77
CA ARG C 360 7.55 45.39 -9.62
C ARG C 360 6.29 46.25 -9.74
N TYR C 361 6.47 47.47 -10.27
CA TYR C 361 5.32 48.40 -10.43
C TYR C 361 4.42 47.91 -11.57
N LEU C 362 4.88 47.01 -12.43
CA LEU C 362 4.03 46.43 -13.46
C LEU C 362 3.41 45.13 -12.95
N VAL D 67 41.98 29.76 -12.12
CA VAL D 67 41.40 28.54 -12.75
C VAL D 67 40.40 28.96 -13.83
N CYS D 68 40.35 28.23 -14.95
CA CYS D 68 39.43 28.53 -16.04
C CYS D 68 38.21 27.61 -16.03
N VAL D 69 37.05 28.25 -16.16
CA VAL D 69 35.77 27.53 -16.28
C VAL D 69 35.14 28.05 -17.55
N GLN D 70 34.49 27.20 -18.33
CA GLN D 70 33.70 27.55 -19.50
C GLN D 70 32.40 26.75 -19.53
N LEU D 71 31.31 27.43 -19.84
CA LEU D 71 29.92 26.98 -19.85
C LEU D 71 29.40 26.93 -21.28
N ARG D 72 28.78 25.81 -21.63
CA ARG D 72 28.22 25.61 -22.96
C ARG D 72 26.76 25.19 -22.91
N GLU D 73 25.96 25.74 -23.83
CA GLU D 73 24.54 25.46 -23.91
C GLU D 73 24.25 24.61 -25.15
N LEU D 74 23.34 23.65 -24.98
CA LEU D 74 22.89 22.82 -26.09
C LEU D 74 21.98 23.66 -26.97
N VAL D 75 22.43 23.98 -28.17
CA VAL D 75 21.72 24.86 -29.08
C VAL D 75 21.77 24.24 -30.48
N MET D 76 21.09 24.90 -31.42
CA MET D 76 21.11 24.53 -32.82
C MET D 76 21.44 25.76 -33.65
N ASP D 77 22.49 25.67 -34.46
CA ASP D 77 22.83 26.75 -35.35
C ASP D 77 21.77 26.90 -36.46
N GLU D 78 21.53 28.15 -36.84
CA GLU D 78 20.57 28.44 -37.91
C GLU D 78 21.12 28.25 -39.31
N LYS D 79 22.43 28.02 -39.45
CA LYS D 79 23.04 27.82 -40.76
C LYS D 79 23.03 26.34 -41.17
N ASN D 80 23.43 25.45 -40.27
CA ASN D 80 23.45 24.02 -40.55
C ASN D 80 22.27 23.28 -39.93
N GLN D 81 21.53 23.91 -39.02
CA GLN D 81 20.36 23.29 -38.39
C GLN D 81 20.72 22.00 -37.66
N GLU D 82 21.93 21.92 -37.15
CA GLU D 82 22.37 20.78 -36.35
C GLU D 82 22.46 21.12 -34.87
N ILE D 83 22.12 20.15 -34.02
CA ILE D 83 22.20 20.37 -32.59
C ILE D 83 23.66 20.29 -32.15
N GLN D 84 24.14 21.33 -31.49
CA GLN D 84 25.52 21.41 -31.07
C GLN D 84 25.58 22.05 -29.68
N TRP D 85 26.80 22.17 -29.17
CA TRP D 85 27.06 22.84 -27.90
C TRP D 85 27.82 24.13 -28.19
N MET D 86 27.27 25.25 -27.72
CA MET D 86 27.87 26.56 -27.94
C MET D 86 28.17 27.20 -26.60
N GLU D 87 29.41 27.68 -26.44
CA GLU D 87 29.81 28.35 -25.21
C GLU D 87 29.05 29.66 -25.04
N THR D 88 28.61 29.92 -23.81
CA THR D 88 27.90 31.14 -23.49
C THR D 88 28.66 32.10 -22.59
N ALA D 89 29.52 31.60 -21.71
CA ALA D 89 30.32 32.45 -20.83
C ALA D 89 31.57 31.71 -20.39
N ARG D 90 32.54 32.48 -19.91
CA ARG D 90 33.80 31.91 -19.42
C ARG D 90 34.20 32.61 -18.13
N TRP D 91 34.95 31.87 -17.30
CA TRP D 91 35.44 32.38 -16.02
C TRP D 91 36.95 32.20 -15.89
N VAL D 92 37.69 33.27 -16.20
CA VAL D 92 39.15 33.36 -16.07
C VAL D 92 39.41 34.61 -15.24
N GLY D 93 39.49 34.45 -13.92
CA GLY D 93 39.59 35.59 -13.02
C GLY D 93 38.26 36.26 -12.76
N LEU D 94 37.48 36.50 -13.81
CA LEU D 94 36.16 37.11 -13.71
C LEU D 94 35.32 36.65 -14.90
N GLU D 95 34.00 36.80 -14.77
CA GLU D 95 33.06 36.28 -15.74
C GLU D 95 33.06 37.16 -16.99
N GLU D 96 33.29 36.55 -18.15
CA GLU D 96 33.10 37.19 -19.44
C GLU D 96 31.98 36.46 -20.17
N ASN D 97 30.85 37.14 -20.36
CA ASN D 97 29.71 36.57 -21.07
C ASN D 97 29.90 36.76 -22.56
N LEU D 98 29.60 35.73 -23.34
CA LEU D 98 29.75 35.80 -24.78
C LEU D 98 28.54 36.48 -25.40
N GLY D 99 28.79 37.47 -26.25
CA GLY D 99 27.72 38.22 -26.87
C GLY D 99 26.98 37.39 -27.91
N LYS D 100 25.89 37.97 -28.41
CA LYS D 100 25.07 37.27 -29.39
C LYS D 100 25.87 36.97 -30.64
N ASP D 101 26.59 37.95 -31.17
CA ASP D 101 27.43 37.75 -32.35
C ASP D 101 28.48 38.87 -32.37
N GLY D 102 29.73 38.54 -32.05
CA GLY D 102 30.15 37.28 -31.46
C GLY D 102 31.31 37.42 -30.50
N ILE D 103 31.50 38.60 -29.94
CA ILE D 103 32.56 39.05 -29.05
C ILE D 103 32.14 38.83 -27.61
N TRP D 104 33.13 38.60 -26.75
CA TRP D 104 32.88 38.44 -25.32
C TRP D 104 32.48 39.78 -24.71
N GLY D 105 31.75 39.71 -23.59
CA GLY D 105 31.42 40.89 -22.84
C GLY D 105 32.54 41.30 -21.91
N ARG D 106 32.31 42.39 -21.20
CA ARG D 106 33.31 42.88 -20.25
C ARG D 106 33.39 41.94 -19.05
N PRO D 107 34.57 41.73 -18.48
CA PRO D 107 34.66 40.97 -17.23
C PRO D 107 33.81 41.62 -16.14
N HIS D 108 33.14 40.79 -15.35
CA HIS D 108 32.26 41.30 -14.31
C HIS D 108 32.06 40.21 -13.25
N LEU D 109 31.55 40.63 -12.10
CA LEU D 109 31.31 39.71 -11.02
C LEU D 109 29.93 39.07 -11.17
N PRO D 110 29.83 37.75 -11.00
CA PRO D 110 28.55 37.07 -11.29
C PRO D 110 27.40 37.40 -10.35
N TYR D 111 26.18 37.32 -10.89
CA TYR D 111 24.96 37.50 -10.11
C TYR D 111 23.93 36.45 -10.55
N LEU D 112 23.20 35.93 -9.57
CA LEU D 112 22.33 34.78 -9.77
C LEU D 112 20.94 35.06 -9.21
N ASN D 113 19.95 34.43 -9.81
CA ASN D 113 18.57 34.52 -9.36
C ASN D 113 18.23 33.33 -8.46
N PHE D 114 17.15 33.46 -7.70
CA PHE D 114 16.74 32.57 -6.63
C PHE D 114 16.49 31.16 -7.14
N TRP D 115 15.64 31.02 -8.16
CA TRP D 115 15.11 29.75 -8.65
C TRP D 115 16.23 28.84 -9.13
N SER D 116 17.22 29.39 -9.83
CA SER D 116 18.40 28.70 -10.32
C SER D 116 19.14 28.02 -9.17
N LEU D 117 19.31 28.74 -8.06
CA LEU D 117 19.95 28.26 -6.83
C LEU D 117 19.10 27.21 -6.15
N LEU D 118 17.81 27.49 -5.99
CA LEU D 118 16.83 26.61 -5.34
C LEU D 118 16.85 25.23 -5.97
N GLU D 119 16.73 25.17 -7.29
CA GLU D 119 16.71 23.97 -8.12
C GLU D 119 18.04 23.24 -8.08
N LEU D 120 19.16 23.97 -8.07
CA LEU D 120 20.51 23.44 -7.98
C LEU D 120 20.69 22.66 -6.69
N GLN D 121 20.23 23.21 -5.58
CA GLN D 121 20.23 22.59 -4.25
C GLN D 121 19.37 21.33 -4.25
N LYS D 122 18.20 21.39 -4.89
CA LYS D 122 17.29 20.28 -5.09
C LYS D 122 17.98 19.15 -5.84
N ALA D 123 18.66 19.49 -6.95
CA ALA D 123 19.39 18.58 -7.81
C ALA D 123 20.56 17.93 -7.09
N PHE D 124 21.35 18.74 -6.36
CA PHE D 124 22.53 18.37 -5.59
C PHE D 124 22.16 17.57 -4.36
N ALA D 125 20.92 17.66 -3.89
CA ALA D 125 20.46 16.77 -2.84
C ALA D 125 20.52 15.32 -3.30
N LYS D 126 20.24 15.07 -4.58
CA LYS D 126 20.32 13.75 -5.20
C LYS D 126 21.22 13.78 -6.43
N GLY D 127 22.21 14.65 -6.43
CA GLY D 127 23.06 14.79 -7.59
C GLY D 127 24.04 13.63 -7.75
N THR D 128 24.53 13.48 -8.96
CA THR D 128 25.48 12.42 -9.31
C THR D 128 26.88 13.00 -9.40
N VAL D 129 27.83 12.35 -8.75
CA VAL D 129 29.23 12.76 -8.74
C VAL D 129 30.14 11.57 -8.97
N LEU D 130 31.04 11.66 -9.95
CA LEU D 130 31.96 10.56 -10.34
C LEU D 130 33.41 11.00 -10.17
N LEU D 131 33.94 10.98 -8.94
CA LEU D 131 35.34 11.39 -8.68
C LEU D 131 36.28 10.24 -9.06
N ASP D 132 37.52 10.55 -9.44
CA ASP D 132 38.53 9.52 -9.83
C ASP D 132 38.01 8.75 -11.04
N LEU D 133 37.32 9.41 -11.97
CA LEU D 133 36.81 8.78 -13.21
C LEU D 133 38.01 8.36 -14.06
N PRO D 134 38.18 7.08 -14.44
CA PRO D 134 39.28 6.68 -15.35
C PRO D 134 38.91 7.04 -16.79
N GLY D 135 38.75 8.33 -17.10
CA GLY D 135 38.33 8.81 -18.40
C GLY D 135 39.29 9.86 -18.93
N LYS D 136 39.47 9.83 -20.24
CA LYS D 136 40.30 10.82 -20.93
C LYS D 136 39.68 11.43 -22.18
N SER D 137 38.54 10.93 -22.64
CA SER D 137 37.85 11.45 -23.80
C SER D 137 36.39 11.71 -23.51
N LEU D 138 35.71 12.44 -24.41
CA LEU D 138 34.27 12.79 -24.23
C LEU D 138 33.41 11.54 -24.37
N ALA D 139 33.83 10.59 -25.21
CA ALA D 139 33.06 9.33 -25.44
C ALA D 139 33.14 8.45 -24.19
N GLU D 140 34.30 8.37 -23.55
CA GLU D 140 34.51 7.50 -22.35
C GLU D 140 33.71 8.04 -21.16
N VAL D 141 33.91 9.30 -20.79
CA VAL D 141 33.24 9.92 -19.66
C VAL D 141 31.74 9.95 -19.89
N ALA D 142 31.31 10.14 -21.14
CA ALA D 142 29.88 10.16 -21.44
C ALA D 142 29.24 8.82 -21.09
N ASN D 143 29.91 7.73 -21.46
CA ASN D 143 29.40 6.36 -21.22
C ASN D 143 29.37 6.09 -19.71
N GLN D 144 30.43 6.41 -18.97
CA GLN D 144 30.50 6.14 -17.54
C GLN D 144 29.43 6.92 -16.78
N LEU D 145 29.14 8.16 -17.21
CA LEU D 145 28.10 8.93 -16.57
C LEU D 145 26.72 8.32 -16.83
N LEU D 146 26.47 7.86 -18.06
CA LEU D 146 25.21 7.21 -18.35
C LEU D 146 25.05 5.94 -17.52
N ASP D 147 26.13 5.17 -17.38
CA ASP D 147 26.07 3.97 -16.56
C ASP D 147 25.73 4.31 -15.11
N ARG D 148 26.32 5.37 -14.58
CA ARG D 148 26.06 5.74 -13.19
C ARG D 148 24.67 6.34 -13.05
N PHE D 149 24.27 7.18 -14.00
CA PHE D 149 22.92 7.75 -13.94
C PHE D 149 21.85 6.67 -13.88
N THR D 150 21.96 5.65 -14.74
CA THR D 150 21.09 4.50 -14.61
C THR D 150 21.33 3.76 -13.30
N PHE D 151 22.60 3.58 -12.93
CA PHE D 151 22.91 2.85 -11.71
C PHE D 151 22.27 3.51 -10.50
N GLU D 152 22.17 4.83 -10.51
CA GLU D 152 21.57 5.55 -9.40
C GLU D 152 20.05 5.66 -9.50
N GLY D 153 19.44 4.96 -10.46
CA GLY D 153 18.02 5.08 -10.67
C GLY D 153 17.60 6.44 -11.16
N GLN D 154 18.55 7.29 -11.54
CA GLN D 154 18.23 8.63 -11.99
C GLN D 154 17.45 8.61 -13.30
N ILE D 155 17.83 7.72 -14.21
CA ILE D 155 17.23 7.65 -15.54
C ILE D 155 16.95 6.21 -15.90
N GLN D 156 16.10 6.02 -16.91
CA GLN D 156 15.88 4.71 -17.49
C GLN D 156 16.91 4.44 -18.58
N PRO D 157 17.21 3.17 -18.86
CA PRO D 157 18.18 2.86 -19.93
C PRO D 157 17.77 3.31 -21.33
N ASP D 158 16.47 3.51 -21.56
CA ASP D 158 16.00 3.75 -22.92
C ASP D 158 16.54 5.05 -23.49
N ASP D 159 16.59 6.10 -22.68
CA ASP D 159 16.98 7.42 -23.15
C ASP D 159 18.48 7.59 -23.30
N GLN D 160 19.28 6.61 -22.85
CA GLN D 160 20.73 6.77 -22.88
C GLN D 160 21.25 7.09 -24.28
N ASP D 161 20.74 6.40 -25.29
CA ASP D 161 21.30 6.54 -26.64
C ASP D 161 21.09 7.94 -27.18
N ASN D 162 19.87 8.46 -27.08
CA ASN D 162 19.61 9.81 -27.56
C ASN D 162 20.41 10.83 -26.76
N LEU D 163 20.49 10.63 -25.44
CA LEU D 163 21.35 11.48 -24.62
C LEU D 163 22.81 11.31 -25.03
N LEU D 164 23.23 10.07 -25.26
CA LEU D 164 24.58 9.84 -25.78
C LEU D 164 24.78 10.53 -27.12
N ARG D 165 23.74 10.55 -27.97
CA ARG D 165 23.81 11.34 -29.20
C ARG D 165 24.04 12.81 -28.87
N VAL D 166 23.31 13.33 -27.88
CA VAL D 166 23.54 14.70 -27.45
C VAL D 166 24.92 14.82 -26.81
N LEU D 167 25.36 13.79 -26.08
CA LEU D 167 26.65 13.82 -25.41
C LEU D 167 27.83 13.95 -26.36
N LEU D 168 27.66 13.60 -27.64
CA LEU D 168 28.76 13.59 -28.59
C LEU D 168 28.56 14.60 -29.72
N LEU D 169 27.70 15.59 -29.51
CA LEU D 169 27.47 16.60 -30.55
C LEU D 169 28.68 17.52 -30.67
N LYS D 170 28.72 18.23 -31.80
CA LYS D 170 29.82 19.16 -32.05
C LYS D 170 29.77 20.32 -31.06
N HIS D 171 30.94 20.89 -30.80
CA HIS D 171 31.09 21.99 -29.87
C HIS D 171 31.59 23.22 -30.64
N SER D 172 30.74 24.24 -30.74
CA SER D 172 31.10 25.47 -31.42
C SER D 172 31.72 26.46 -30.44
N HIS D 173 32.52 27.37 -30.97
CA HIS D 173 33.24 28.35 -30.18
C HIS D 173 32.99 29.74 -30.74
N ALA D 174 33.52 30.75 -30.04
CA ALA D 174 33.26 32.13 -30.41
C ALA D 174 33.72 32.42 -31.83
N SER D 175 34.84 31.84 -32.24
CA SER D 175 35.31 32.02 -33.60
C SER D 175 34.31 31.53 -34.63
N ASP D 176 33.48 30.55 -34.28
CA ASP D 176 32.47 30.01 -35.17
C ASP D 176 31.12 30.70 -35.04
N MET D 177 30.96 31.62 -34.09
CA MET D 177 29.66 32.26 -33.89
C MET D 177 29.22 33.00 -35.15
N GLU D 178 30.12 33.74 -35.79
CA GLU D 178 29.82 34.37 -37.05
C GLU D 178 29.75 33.37 -38.20
N ALA D 179 30.22 32.15 -37.99
CA ALA D 179 30.08 31.08 -38.97
C ALA D 179 28.74 30.37 -38.86
N LEU D 180 27.89 30.76 -37.91
CA LEU D 180 26.57 30.18 -37.73
C LEU D 180 25.52 31.26 -37.96
N GLY D 181 24.37 30.85 -38.48
CA GLY D 181 23.33 31.81 -38.81
C GLY D 181 22.66 32.38 -37.57
N GLY D 182 22.73 31.66 -36.45
CA GLY D 182 22.12 32.12 -35.22
C GLY D 182 22.05 31.01 -34.21
N VAL D 183 22.05 31.40 -32.93
CA VAL D 183 22.01 30.48 -31.81
C VAL D 183 20.74 30.74 -31.03
N LYS D 184 19.95 29.69 -30.82
CA LYS D 184 18.72 29.76 -30.04
C LYS D 184 18.63 28.57 -29.11
N PRO D 185 17.95 28.72 -27.98
CA PRO D 185 17.80 27.58 -27.07
C PRO D 185 17.10 26.41 -27.75
N VAL D 186 17.55 25.21 -27.44
CA VAL D 186 17.00 23.98 -28.01
C VAL D 186 16.68 23.03 -26.87
N VAL D 187 15.48 22.45 -26.91
CA VAL D 187 15.05 21.45 -25.94
C VAL D 187 14.96 20.11 -26.66
N VAL D 188 15.60 19.10 -26.09
CA VAL D 188 15.67 17.79 -26.73
C VAL D 188 14.30 17.15 -26.70
N THR D 189 13.88 16.61 -27.84
CA THR D 189 12.60 15.94 -27.98
C THR D 189 12.83 14.53 -28.49
N HIS D 190 11.73 13.75 -28.55
CA HIS D 190 11.80 12.38 -29.04
C HIS D 190 12.73 11.54 -28.17
N PRO D 194 14.48 17.79 -31.94
CA PRO D 194 14.74 19.09 -31.32
C PRO D 194 13.51 20.00 -31.32
N SER D 195 13.52 20.99 -30.45
CA SER D 195 12.43 21.95 -30.34
C SER D 195 12.95 23.17 -29.59
N GLU D 196 12.04 24.04 -29.15
CA GLU D 196 12.38 25.22 -28.38
C GLU D 196 11.57 25.23 -27.10
N PRO D 197 12.08 25.85 -26.03
CA PRO D 197 11.32 25.91 -24.77
C PRO D 197 9.96 26.57 -24.97
N LEU D 198 8.93 25.98 -24.35
CA LEU D 198 7.60 26.56 -24.42
C LEU D 198 7.33 27.49 -23.24
N LEU D 199 8.10 27.39 -22.17
CA LEU D 199 7.88 28.22 -21.00
C LEU D 199 8.39 29.64 -21.25
N PRO D 200 7.83 30.63 -20.55
CA PRO D 200 8.25 32.04 -20.76
C PRO D 200 9.60 32.36 -20.13
N GLN D 201 10.66 31.88 -20.79
CA GLN D 201 12.04 32.18 -20.35
C GLN D 201 12.58 33.25 -21.31
N HIS D 202 13.84 33.62 -21.18
CA HIS D 202 14.50 34.64 -22.00
C HIS D 202 13.86 36.00 -21.74
N PRO D 203 14.58 37.11 -21.97
CA PRO D 203 15.95 37.16 -22.46
C PRO D 203 16.99 37.00 -21.35
N SER D 204 18.21 36.60 -21.70
CA SER D 204 19.30 36.42 -20.72
C SER D 204 19.72 37.78 -20.16
N LEU D 205 19.71 37.94 -18.83
CA LEU D 205 20.04 39.22 -18.16
C LEU D 205 21.50 39.58 -18.44
N GLU D 206 22.44 38.68 -18.18
CA GLU D 206 23.90 38.96 -18.33
C GLU D 206 24.19 39.55 -19.72
N THR D 207 23.55 39.08 -20.78
CA THR D 207 23.81 39.57 -22.13
C THR D 207 23.34 41.01 -22.28
N GLU D 208 22.17 41.33 -21.72
CA GLU D 208 21.71 42.71 -21.72
C GLU D 208 22.63 43.64 -20.93
N LEU D 209 23.09 43.17 -19.75
CA LEU D 209 23.90 44.03 -18.88
C LEU D 209 25.30 44.29 -19.41
N PHE D 210 26.02 43.23 -19.79
CA PHE D 210 27.45 43.34 -20.05
C PHE D 210 27.84 43.17 -21.51
N CYS D 211 27.10 42.36 -22.27
CA CYS D 211 27.35 42.24 -23.70
C CYS D 211 26.78 43.40 -24.49
N GLU D 212 25.90 44.21 -23.88
CA GLU D 212 25.36 45.39 -24.53
C GLU D 212 24.80 45.07 -25.91
N LYS D 228 47.09 33.18 -19.23
CA LYS D 228 46.81 33.54 -17.81
C LYS D 228 46.68 32.27 -16.98
N SER D 229 46.85 31.10 -17.61
CA SER D 229 46.70 29.80 -16.89
C SER D 229 47.96 28.94 -17.09
N PRO D 230 49.09 29.26 -16.42
CA PRO D 230 50.30 28.43 -16.53
C PRO D 230 50.03 27.03 -15.98
N GLN D 231 49.36 26.94 -14.83
CA GLN D 231 49.04 25.62 -14.21
C GLN D 231 47.84 25.81 -13.27
N ASP D 232 47.67 25.03 -12.19
CA ASP D 232 46.61 24.99 -11.14
C ASP D 232 45.30 25.47 -11.76
N TRP D 233 45.37 26.44 -12.68
CA TRP D 233 44.15 26.95 -13.37
C TRP D 233 43.57 25.86 -14.26
N GLU D 234 43.34 24.66 -13.70
CA GLU D 234 42.86 23.53 -14.53
C GLU D 234 41.49 23.87 -15.12
N ALA D 235 41.28 23.56 -16.40
CA ALA D 235 39.99 23.81 -17.03
C ALA D 235 38.85 23.03 -16.38
N THR D 236 37.66 23.60 -16.43
CA THR D 236 36.36 23.08 -16.00
C THR D 236 35.33 23.40 -17.07
N LEU D 237 34.65 22.36 -17.55
CA LEU D 237 33.60 22.49 -18.55
C LEU D 237 32.25 22.05 -18.00
N VAL D 238 31.24 22.89 -18.15
CA VAL D 238 29.86 22.73 -17.71
C VAL D 238 28.96 22.76 -18.95
N LEU D 239 28.05 21.79 -19.02
CA LEU D 239 27.14 21.65 -20.15
C LEU D 239 25.71 21.69 -19.63
N VAL D 240 24.89 22.53 -20.25
CA VAL D 240 23.50 22.71 -19.85
C VAL D 240 22.60 22.48 -21.06
N GLY D 241 21.59 21.65 -20.89
CA GLY D 241 20.61 21.43 -21.94
C GLY D 241 19.26 21.09 -21.31
N CYS D 242 18.23 21.08 -22.16
CA CYS D 242 16.88 20.74 -21.74
C CYS D 242 16.37 19.55 -22.54
N ALA D 243 15.73 18.62 -21.85
CA ALA D 243 15.17 17.43 -22.48
C ALA D 243 13.79 17.19 -21.88
N ARG D 244 12.74 17.49 -22.64
CA ARG D 244 11.34 17.37 -22.16
C ARG D 244 11.04 15.95 -21.69
N PHE D 245 11.46 14.92 -22.42
CA PHE D 245 11.10 13.56 -22.09
C PHE D 245 11.64 13.10 -20.75
N LEU D 246 12.64 13.79 -20.20
CA LEU D 246 13.15 13.45 -18.88
C LEU D 246 12.11 13.79 -17.82
N LYS D 247 12.03 12.94 -16.80
CA LYS D 247 11.06 13.14 -15.74
C LYS D 247 11.44 14.32 -14.84
N ARG D 248 12.71 14.39 -14.46
CA ARG D 248 13.19 15.42 -13.56
C ARG D 248 14.55 15.91 -14.02
N PRO D 249 14.93 17.14 -13.66
CA PRO D 249 16.28 17.60 -13.95
C PRO D 249 17.32 16.71 -13.27
N VAL D 250 18.45 16.54 -13.97
CA VAL D 250 19.51 15.64 -13.53
C VAL D 250 20.82 16.41 -13.51
N LEU D 251 21.61 16.19 -12.46
CA LEU D 251 22.90 16.84 -12.28
C LEU D 251 23.99 15.77 -12.37
N GLY D 252 24.97 16.00 -13.23
CA GLY D 252 26.07 15.07 -13.40
C GLY D 252 27.42 15.73 -13.34
N PHE D 253 28.23 15.37 -12.34
CA PHE D 253 29.58 15.87 -12.19
C PHE D 253 30.60 14.75 -12.20
N VAL D 254 31.73 14.97 -12.88
CA VAL D 254 32.85 14.06 -13.08
C VAL D 254 34.14 14.79 -12.74
N ARG D 255 34.99 14.18 -11.90
CA ARG D 255 36.33 14.71 -11.58
C ARG D 255 37.33 13.67 -12.10
N LEU D 256 37.94 13.88 -13.27
CA LEU D 256 38.83 12.88 -13.92
C LEU D 256 40.10 12.62 -13.10
N LYS D 257 40.66 11.41 -13.19
CA LYS D 257 41.91 11.06 -12.52
C LYS D 257 43.03 12.03 -12.92
N GLU D 258 43.03 12.44 -14.19
CA GLU D 258 43.99 13.41 -14.68
C GLU D 258 43.27 14.45 -15.53
N PRO D 259 43.63 15.72 -15.43
CA PRO D 259 43.03 16.73 -16.32
C PRO D 259 43.43 16.47 -17.77
N MET D 260 42.46 16.59 -18.66
CA MET D 260 42.64 16.22 -20.06
C MET D 260 42.12 17.31 -20.98
N GLU D 261 42.79 17.47 -22.13
CA GLU D 261 42.31 18.35 -23.18
C GLU D 261 41.57 17.58 -24.26
N PRO D 262 40.26 17.72 -24.39
CA PRO D 262 39.53 16.98 -25.43
C PRO D 262 39.22 17.86 -26.64
N GLU D 263 37.95 18.13 -26.91
CA GLU D 263 37.56 18.91 -28.07
C GLU D 263 36.42 19.86 -27.73
N GLU D 270 38.72 21.52 -24.97
CA GLU D 270 38.55 22.97 -25.00
C GLU D 270 39.47 23.61 -26.03
N GLU D 271 38.98 24.66 -26.68
CA GLU D 271 39.81 25.41 -27.61
C GLU D 271 41.07 25.95 -26.95
N PRO D 272 41.00 26.59 -25.78
CA PRO D 272 42.24 26.96 -25.08
C PRO D 272 43.05 25.77 -24.59
N ALA D 273 44.36 25.96 -24.52
CA ALA D 273 45.28 24.91 -24.08
C ALA D 273 45.27 24.81 -22.55
N VAL D 274 44.11 24.44 -22.02
CA VAL D 274 43.92 24.24 -20.59
C VAL D 274 43.30 22.85 -20.41
N PRO D 275 43.90 21.97 -19.61
CA PRO D 275 43.38 20.60 -19.50
C PRO D 275 42.18 20.54 -18.57
N VAL D 276 41.17 19.78 -18.99
CA VAL D 276 39.92 19.65 -18.25
C VAL D 276 39.99 18.51 -17.25
N ARG D 277 39.61 18.79 -15.99
CA ARG D 277 39.51 17.75 -14.93
C ARG D 277 38.08 17.71 -14.42
N PHE D 278 37.46 18.84 -14.13
CA PHE D 278 36.11 18.93 -13.59
C PHE D 278 35.11 19.15 -14.70
N LEU D 279 34.10 18.29 -14.76
CA LEU D 279 33.04 18.39 -15.75
C LEU D 279 31.67 18.30 -15.10
N ILE D 280 30.73 19.08 -15.61
CA ILE D 280 29.37 19.10 -15.09
C ILE D 280 28.39 19.09 -16.26
N VAL D 281 27.34 18.30 -16.13
CA VAL D 281 26.26 18.26 -17.11
C VAL D 281 24.95 18.37 -16.37
N LEU D 282 24.13 19.35 -16.76
CA LEU D 282 22.83 19.59 -16.14
C LEU D 282 21.76 19.53 -17.22
N LEU D 283 20.81 18.62 -17.05
CA LEU D 283 19.74 18.40 -18.02
C LEU D 283 18.41 18.37 -17.29
N GLY D 284 17.34 18.17 -18.05
CA GLY D 284 16.03 18.03 -17.47
C GLY D 284 14.92 18.53 -18.39
N PRO D 285 13.68 18.25 -17.99
CA PRO D 285 12.53 18.76 -18.74
C PRO D 285 12.27 20.23 -18.42
N GLU D 286 11.47 20.85 -19.27
CA GLU D 286 11.05 22.23 -19.03
C GLU D 286 10.13 22.29 -17.82
N GLY D 287 10.42 23.20 -16.91
CA GLY D 287 9.61 23.36 -15.72
C GLY D 287 9.57 24.80 -15.25
N PRO D 288 8.53 25.15 -14.50
CA PRO D 288 8.44 26.53 -13.99
C PRO D 288 9.62 26.85 -13.09
N ASN D 289 10.08 28.10 -13.16
CA ASN D 289 11.19 28.57 -12.35
C ASN D 289 12.47 27.80 -12.64
N ILE D 290 12.62 27.34 -13.90
CA ILE D 290 13.82 26.58 -14.34
C ILE D 290 14.48 27.31 -15.51
N ASN D 291 15.43 28.21 -15.25
CA ASN D 291 16.20 28.87 -16.29
C ASN D 291 17.55 28.17 -16.36
N TYR D 292 17.72 27.34 -17.40
CA TYR D 292 18.94 26.55 -17.52
C TYR D 292 20.16 27.45 -17.61
N THR D 293 20.05 28.58 -18.30
CA THR D 293 21.09 29.60 -18.42
C THR D 293 21.51 30.11 -17.06
N GLN D 294 20.54 30.55 -16.25
CA GLN D 294 20.85 31.01 -14.90
C GLN D 294 21.38 29.87 -14.06
N LEU D 295 20.81 28.67 -14.21
CA LEU D 295 21.28 27.52 -13.46
C LEU D 295 22.74 27.22 -13.78
N GLY D 296 23.07 27.21 -15.08
CA GLY D 296 24.46 26.98 -15.46
C GLY D 296 25.38 28.06 -14.94
N ARG D 297 24.91 29.31 -14.98
CA ARG D 297 25.70 30.41 -14.42
C ARG D 297 25.92 30.21 -12.93
N ALA D 298 24.87 29.75 -12.21
CA ALA D 298 25.02 29.51 -10.78
C ALA D 298 26.04 28.43 -10.51
N ALA D 299 25.99 27.33 -11.26
CA ALA D 299 26.96 26.25 -11.05
C ALA D 299 28.37 26.74 -11.32
N ALA D 300 28.56 27.51 -12.39
CA ALA D 300 29.88 28.06 -12.67
C ALA D 300 30.31 29.03 -11.58
N THR D 301 29.38 29.83 -11.08
CA THR D 301 29.71 30.75 -9.99
C THR D 301 30.11 29.98 -8.74
N LEU D 302 29.38 28.91 -8.41
CA LEU D 302 29.74 28.11 -7.24
C LEU D 302 31.12 27.50 -7.40
N MET D 303 31.41 26.96 -8.58
CA MET D 303 32.71 26.35 -8.80
C MET D 303 33.82 27.39 -8.90
N SER D 304 33.44 28.64 -9.20
CA SER D 304 34.41 29.76 -9.30
C SER D 304 34.96 30.09 -7.91
N GLU D 305 34.29 29.62 -6.84
CA GLU D 305 34.73 29.88 -5.44
C GLU D 305 36.05 29.16 -5.20
N ARG D 306 37.09 29.84 -4.72
CA ARG D 306 38.44 29.33 -4.51
C ARG D 306 38.45 28.19 -3.50
N VAL D 307 37.67 28.30 -2.43
CA VAL D 307 37.49 27.27 -1.40
C VAL D 307 36.80 26.05 -1.98
N PHE D 308 35.76 26.27 -2.80
CA PHE D 308 34.99 25.25 -3.49
C PHE D 308 35.87 24.50 -4.48
N TRP D 309 36.81 25.20 -5.11
CA TRP D 309 37.87 24.63 -5.94
C TRP D 309 38.68 23.62 -5.13
N ASN D 310 39.15 24.04 -3.95
CA ASN D 310 39.92 23.24 -3.01
C ASN D 310 39.13 22.03 -2.55
N ASP D 311 37.85 22.24 -2.23
CA ASP D 311 36.90 21.20 -1.82
C ASP D 311 36.70 20.17 -2.92
N ALA D 312 36.58 20.63 -4.17
CA ALA D 312 36.45 19.81 -5.37
C ALA D 312 37.69 18.95 -5.58
N TYR D 313 38.87 19.55 -5.41
CA TYR D 313 40.16 18.88 -5.45
C TYR D 313 40.27 17.84 -4.33
N LEU D 314 39.77 18.18 -3.15
CA LEU D 314 39.74 17.28 -2.02
C LEU D 314 38.35 16.73 -1.74
N ALA D 315 37.55 16.52 -2.78
CA ALA D 315 36.27 15.84 -2.61
C ALA D 315 36.41 14.33 -2.58
N GLN D 316 35.87 13.70 -1.54
CA GLN D 316 35.95 12.26 -1.37
C GLN D 316 34.61 11.56 -1.52
N SER D 317 33.49 12.27 -1.40
CA SER D 317 32.10 11.84 -1.42
C SER D 317 31.21 13.02 -1.79
N LYS D 318 29.96 12.69 -2.15
CA LYS D 318 28.98 13.74 -2.44
C LYS D 318 28.69 14.59 -1.21
N GLU D 319 28.84 14.03 -0.02
CA GLU D 319 28.52 14.76 1.20
C GLU D 319 29.40 15.99 1.35
N THR D 320 30.70 15.84 1.08
CA THR D 320 31.62 16.96 1.23
C THR D 320 31.23 18.11 0.30
N LEU D 321 30.90 17.80 -0.95
CA LEU D 321 30.43 18.83 -1.87
C LEU D 321 29.11 19.44 -1.40
N VAL D 322 28.21 18.62 -0.86
CA VAL D 322 26.98 19.15 -0.27
C VAL D 322 27.30 20.10 0.88
N GLN D 323 28.23 19.71 1.76
CA GLN D 323 28.61 20.58 2.86
C GLN D 323 29.26 21.86 2.36
N SER D 324 30.11 21.75 1.35
CA SER D 324 30.72 22.95 0.77
C SER D 324 29.65 23.87 0.20
N LEU D 325 28.65 23.29 -0.45
CA LEU D 325 27.51 24.09 -0.91
C LEU D 325 26.80 24.80 0.24
N GLU D 326 26.51 24.08 1.32
CA GLU D 326 25.78 24.67 2.43
C GLU D 326 26.55 25.83 3.04
N GLY D 327 27.84 25.64 3.29
CA GLY D 327 28.66 26.75 3.76
C GLY D 327 28.68 27.90 2.76
N PHE D 328 28.81 27.57 1.48
CA PHE D 328 28.68 28.58 0.43
C PHE D 328 27.34 29.29 0.53
N LEU D 329 26.26 28.52 0.76
CA LEU D 329 24.89 29.09 0.83
C LEU D 329 24.70 29.81 2.18
N ASP D 330 25.56 29.54 3.17
CA ASP D 330 25.52 30.22 4.49
C ASP D 330 26.14 31.60 4.32
N CYS D 331 26.93 31.80 3.26
CA CYS D 331 27.59 33.06 2.97
C CYS D 331 26.87 33.85 1.89
N SER D 332 25.69 33.40 1.47
CA SER D 332 24.85 34.12 0.52
C SER D 332 23.97 35.15 1.23
N LEU D 333 23.61 36.21 0.50
CA LEU D 333 22.91 37.34 1.09
C LEU D 333 21.96 37.96 0.07
N VAL D 334 20.72 37.48 0.08
CA VAL D 334 19.72 37.86 -0.92
C VAL D 334 19.38 39.33 -0.74
N LEU D 335 19.17 40.05 -1.85
CA LEU D 335 18.76 41.49 -1.78
C LEU D 335 17.32 41.64 -2.26
N PRO D 336 16.30 41.65 -1.39
CA PRO D 336 14.90 41.71 -1.84
C PRO D 336 14.66 43.01 -2.61
N PRO D 337 13.63 43.13 -3.48
CA PRO D 337 13.33 44.40 -4.13
C PRO D 337 13.03 45.44 -3.05
N LEU D 338 13.35 46.71 -3.30
CA LEU D 338 13.17 47.78 -2.34
C LEU D 338 12.63 49.02 -3.05
N ASP D 339 11.51 49.57 -2.56
CA ASP D 339 10.84 50.71 -3.24
C ASP D 339 11.70 51.98 -3.22
N ALA D 340 12.66 52.09 -2.29
CA ALA D 340 13.47 53.31 -2.18
C ALA D 340 14.96 53.02 -2.26
N PRO D 341 15.49 52.85 -3.48
CA PRO D 341 16.91 52.50 -3.60
C PRO D 341 17.81 53.58 -3.03
N SER D 342 18.88 53.16 -2.36
CA SER D 342 19.90 54.06 -1.84
C SER D 342 21.26 53.40 -1.87
N GLU D 343 22.20 54.02 -2.57
CA GLU D 343 23.59 53.61 -2.73
C GLU D 343 24.36 53.76 -1.43
N LYS D 344 23.77 54.43 -0.43
CA LYS D 344 24.26 54.53 0.94
C LYS D 344 23.85 53.33 1.77
N ALA D 345 22.61 52.85 1.60
CA ALA D 345 22.22 51.60 2.21
C ALA D 345 23.02 50.44 1.60
N LEU D 346 23.28 50.51 0.29
CA LEU D 346 24.43 49.80 -0.24
C LEU D 346 25.71 50.48 0.23
N LEU D 347 26.82 49.75 0.27
CA LEU D 347 28.07 50.09 0.95
C LEU D 347 27.99 49.89 2.46
N SER D 348 26.87 49.35 2.98
CA SER D 348 26.70 49.01 4.42
C SER D 348 26.70 47.49 4.55
N LEU D 349 26.32 46.76 3.50
CA LEU D 349 26.38 45.32 3.36
C LEU D 349 27.74 44.83 2.91
N VAL D 350 28.63 45.74 2.53
CA VAL D 350 30.03 45.39 2.25
C VAL D 350 30.70 44.80 3.48
N PRO D 351 30.60 45.40 4.68
CA PRO D 351 31.10 44.72 5.88
C PRO D 351 30.42 43.38 6.12
N VAL D 352 29.13 43.28 5.84
CA VAL D 352 28.43 42.00 5.98
C VAL D 352 29.00 41.00 4.99
N GLN D 353 29.19 41.43 3.74
CA GLN D 353 29.84 40.66 2.68
C GLN D 353 31.19 40.13 3.14
N LYS D 354 32.01 41.01 3.71
CA LYS D 354 33.28 40.68 4.35
C LYS D 354 33.09 39.63 5.43
N GLU D 355 32.05 39.80 6.25
CA GLU D 355 31.79 38.85 7.33
C GLU D 355 31.50 37.46 6.77
N LEU D 356 30.66 37.39 5.73
CA LEU D 356 30.27 36.17 5.04
C LEU D 356 31.44 35.48 4.35
N LEU D 357 32.32 36.26 3.73
CA LEU D 357 33.51 35.78 3.02
C LEU D 357 34.55 35.25 4.00
N ARG D 358 34.66 35.87 5.18
CA ARG D 358 35.47 35.40 6.30
C ARG D 358 34.98 34.05 6.80
N ARG D 359 33.66 33.90 6.94
CA ARG D 359 32.99 32.65 7.30
C ARG D 359 33.20 31.60 6.23
N ARG D 360 33.16 32.00 4.96
CA ARG D 360 33.45 31.06 3.88
C ARG D 360 34.87 30.49 3.98
N TYR D 361 35.84 31.34 4.32
CA TYR D 361 37.26 31.08 4.56
C TYR D 361 37.47 30.22 5.80
N LEU D 362 36.45 30.05 6.64
CA LEU D 362 36.51 29.15 7.77
C LEU D 362 35.74 27.87 7.47
#